data_1H6O
# 
_entry.id   1H6O 
# 
_audit_conform.dict_name       mmcif_pdbx.dic 
_audit_conform.dict_version    5.391 
_audit_conform.dict_location   http://mmcif.pdb.org/dictionaries/ascii/mmcif_pdbx.dic 
# 
loop_
_database_2.database_id 
_database_2.database_code 
_database_2.pdbx_database_accession 
_database_2.pdbx_DOI 
PDB   1H6O         pdb_00001h6o 10.2210/pdb1h6o/pdb 
PDBE  EBI-5924     ?            ?                   
WWPDB D_1290005924 ?            ?                   
# 
loop_
_pdbx_audit_revision_history.ordinal 
_pdbx_audit_revision_history.data_content_type 
_pdbx_audit_revision_history.major_revision 
_pdbx_audit_revision_history.minor_revision 
_pdbx_audit_revision_history.revision_date 
1 'Structure model' 1 0 2001-09-05 
2 'Structure model' 1 1 2011-05-08 
3 'Structure model' 1 2 2011-07-13 
4 'Structure model' 1 3 2018-06-13 
5 'Structure model' 1 4 2019-10-09 
6 'Structure model' 1 5 2024-04-24 
# 
_pdbx_audit_revision_details.ordinal             1 
_pdbx_audit_revision_details.revision_ordinal    1 
_pdbx_audit_revision_details.data_content_type   'Structure model' 
_pdbx_audit_revision_details.provider            repository 
_pdbx_audit_revision_details.type                'Initial release' 
_pdbx_audit_revision_details.description         ? 
_pdbx_audit_revision_details.details             ? 
# 
loop_
_pdbx_audit_revision_group.ordinal 
_pdbx_audit_revision_group.revision_ordinal 
_pdbx_audit_revision_group.data_content_type 
_pdbx_audit_revision_group.group 
1 2 'Structure model' 'Version format compliance' 
2 3 'Structure model' 'Version format compliance' 
3 4 'Structure model' 'Data collection'           
4 4 'Structure model' 'Database references'       
5 5 'Structure model' 'Data collection'           
6 5 'Structure model' 'Database references'       
7 5 'Structure model' Other                       
8 6 'Structure model' 'Data collection'           
9 6 'Structure model' 'Database references'       
# 
loop_
_pdbx_audit_revision_category.ordinal 
_pdbx_audit_revision_category.revision_ordinal 
_pdbx_audit_revision_category.data_content_type 
_pdbx_audit_revision_category.category 
1 4 'Structure model' citation             
2 4 'Structure model' citation_author      
3 4 'Structure model' diffrn_radiation     
4 5 'Structure model' citation             
5 5 'Structure model' pdbx_database_status 
6 6 'Structure model' chem_comp_atom       
7 6 'Structure model' chem_comp_bond       
8 6 'Structure model' database_2           
# 
loop_
_pdbx_audit_revision_item.ordinal 
_pdbx_audit_revision_item.revision_ordinal 
_pdbx_audit_revision_item.data_content_type 
_pdbx_audit_revision_item.item 
1  4 'Structure model' '_citation.journal_abbrev'               
2  4 'Structure model' '_citation.page_last'                    
3  4 'Structure model' '_citation.pdbx_database_id_DOI'         
4  4 'Structure model' '_citation.title'                        
5  4 'Structure model' '_citation_author.name'                  
6  4 'Structure model' '_diffrn_radiation.pdbx_diffrn_protocol' 
7  5 'Structure model' '_citation.journal_abbrev'               
8  5 'Structure model' '_citation.pdbx_database_id_DOI'         
9  5 'Structure model' '_pdbx_database_status.status_code_sf'   
10 6 'Structure model' '_database_2.pdbx_DOI'                   
11 6 'Structure model' '_database_2.pdbx_database_accession'    
# 
_pdbx_database_status.status_code                     REL 
_pdbx_database_status.entry_id                        1H6O 
_pdbx_database_status.deposit_site                    PDBE 
_pdbx_database_status.process_site                    PDBE 
_pdbx_database_status.SG_entry                        . 
_pdbx_database_status.recvd_initial_deposition_date   2001-06-20 
_pdbx_database_status.pdb_format_compatible           Y 
_pdbx_database_status.status_code_sf                  REL 
_pdbx_database_status.status_code_mr                  ? 
_pdbx_database_status.status_code_cs                  ? 
_pdbx_database_status.methods_development_category    ? 
_pdbx_database_status.status_code_nmr_data            ? 
# 
_pdbx_database_related.db_name        PDB 
_pdbx_database_related.db_id          1BA5 
_pdbx_database_related.content_type   unspecified 
_pdbx_database_related.details        'DNA-BINDING DOMAIN OF HUMAN TELOMERIC PROTEIN, HTRF1,NMR, 18 STRUCTURES' 
# 
loop_
_audit_author.name 
_audit_author.pdbx_ordinal 
_audit_author.identifier_ORCID 
'Fairall, L.' 1 ? 
'Chapman, L.' 2 ? 
'Rhodes, D.'  3 ? 
# 
loop_
_citation.id 
_citation.title 
_citation.journal_abbrev 
_citation.journal_volume 
_citation.page_first 
_citation.page_last 
_citation.year 
_citation.journal_id_ASTM 
_citation.country 
_citation.journal_id_ISSN 
_citation.journal_id_CSD 
_citation.book_publisher 
_citation.pdbx_database_id_PubMed 
_citation.pdbx_database_id_DOI 
primary 'Structure of the TRFH dimerization domain of the human telomeric proteins TRF1 and TRF2.' Mol.Cell 8   351  361 2001 
MOCEFL US 1097-2765 2168 ? 11545737 '10.1016/s1097-2765(01)00321-5' 
1       'A Human Telomeric Protein'                                                                Science  270 1663 ?   1995 
SCIEAS US 0036-8075 0038 ? 7502076  10.1126/SCIENCE.270.5242.1663   
# 
loop_
_citation_author.citation_id 
_citation_author.name 
_citation_author.ordinal 
_citation_author.identifier_ORCID 
primary 'Fairall, L.'           1  ? 
primary 'Chapman, L.'           2  ? 
primary 'Moss, H.'              3  ? 
primary 'de Lange, T.'          4  ? 
primary 'Rhodes, D.'            5  ? 
1       'Chong, L.'             6  ? 
1       'Van Steensel, B.'      7  ? 
1       'Broccoli, D.'          8  ? 
1       'Erdjument-Bromage, H.' 9  ? 
1       'Hannish, J.'           10 ? 
1       'Tempst, P.'            11 ? 
1       'de Lange, T.'          12 ? 
# 
_entity.id                         1 
_entity.type                       polymer 
_entity.src_method                 man 
_entity.pdbx_description           'TELOMERIC REPEAT BINDING FACTOR 1' 
_entity.formula_weight             23326.758 
_entity.pdbx_number_of_molecules   1 
_entity.pdbx_ec                    ? 
_entity.pdbx_mutation              ? 
_entity.pdbx_fragment              'DIMERISATION DOMAIN RESIDUES 63-265' 
_entity.details                    ? 
# 
_entity_name_com.entity_id   1 
_entity_name_com.name        TRF1 
# 
_entity_poly.entity_id                      1 
_entity_poly.type                           'polypeptide(L)' 
_entity_poly.nstd_linkage                   no 
_entity_poly.nstd_monomer                   no 
_entity_poly.pdbx_seq_one_letter_code       
;EDAGLVAEAEAVAAGWMLDFLCLSLCRAFRDGRSEDFRRTRNSAEAIIHGLSSLTACQLRTIYICQFLTRIAAGKTLDAQ
FENDERITPLESALMIWGSIEKEHDKLHEEIQNLIKIQAIAVCMENGNFKEAEEVFERIFGDPNSHMPFKSKLLMIISQK
DTFHSFFQHFSYNHMMEKIKSYVNYVLSEKSSTFLMKAAAKVVE
;
_entity_poly.pdbx_seq_one_letter_code_can   
;EDAGLVAEAEAVAAGWMLDFLCLSLCRAFRDGRSEDFRRTRNSAEAIIHGLSSLTACQLRTIYICQFLTRIAAGKTLDAQ
FENDERITPLESALMIWGSIEKEHDKLHEEIQNLIKIQAIAVCMENGNFKEAEEVFERIFGDPNSHMPFKSKLLMIISQK
DTFHSFFQHFSYNHMMEKIKSYVNYVLSEKSSTFLMKAAAKVVE
;
_entity_poly.pdbx_strand_id                 A 
_entity_poly.pdbx_target_identifier         ? 
# 
loop_
_entity_poly_seq.entity_id 
_entity_poly_seq.num 
_entity_poly_seq.mon_id 
_entity_poly_seq.hetero 
1 1   GLU n 
1 2   ASP n 
1 3   ALA n 
1 4   GLY n 
1 5   LEU n 
1 6   VAL n 
1 7   ALA n 
1 8   GLU n 
1 9   ALA n 
1 10  GLU n 
1 11  ALA n 
1 12  VAL n 
1 13  ALA n 
1 14  ALA n 
1 15  GLY n 
1 16  TRP n 
1 17  MET n 
1 18  LEU n 
1 19  ASP n 
1 20  PHE n 
1 21  LEU n 
1 22  CYS n 
1 23  LEU n 
1 24  SER n 
1 25  LEU n 
1 26  CYS n 
1 27  ARG n 
1 28  ALA n 
1 29  PHE n 
1 30  ARG n 
1 31  ASP n 
1 32  GLY n 
1 33  ARG n 
1 34  SER n 
1 35  GLU n 
1 36  ASP n 
1 37  PHE n 
1 38  ARG n 
1 39  ARG n 
1 40  THR n 
1 41  ARG n 
1 42  ASN n 
1 43  SER n 
1 44  ALA n 
1 45  GLU n 
1 46  ALA n 
1 47  ILE n 
1 48  ILE n 
1 49  HIS n 
1 50  GLY n 
1 51  LEU n 
1 52  SER n 
1 53  SER n 
1 54  LEU n 
1 55  THR n 
1 56  ALA n 
1 57  CYS n 
1 58  GLN n 
1 59  LEU n 
1 60  ARG n 
1 61  THR n 
1 62  ILE n 
1 63  TYR n 
1 64  ILE n 
1 65  CYS n 
1 66  GLN n 
1 67  PHE n 
1 68  LEU n 
1 69  THR n 
1 70  ARG n 
1 71  ILE n 
1 72  ALA n 
1 73  ALA n 
1 74  GLY n 
1 75  LYS n 
1 76  THR n 
1 77  LEU n 
1 78  ASP n 
1 79  ALA n 
1 80  GLN n 
1 81  PHE n 
1 82  GLU n 
1 83  ASN n 
1 84  ASP n 
1 85  GLU n 
1 86  ARG n 
1 87  ILE n 
1 88  THR n 
1 89  PRO n 
1 90  LEU n 
1 91  GLU n 
1 92  SER n 
1 93  ALA n 
1 94  LEU n 
1 95  MET n 
1 96  ILE n 
1 97  TRP n 
1 98  GLY n 
1 99  SER n 
1 100 ILE n 
1 101 GLU n 
1 102 LYS n 
1 103 GLU n 
1 104 HIS n 
1 105 ASP n 
1 106 LYS n 
1 107 LEU n 
1 108 HIS n 
1 109 GLU n 
1 110 GLU n 
1 111 ILE n 
1 112 GLN n 
1 113 ASN n 
1 114 LEU n 
1 115 ILE n 
1 116 LYS n 
1 117 ILE n 
1 118 GLN n 
1 119 ALA n 
1 120 ILE n 
1 121 ALA n 
1 122 VAL n 
1 123 CYS n 
1 124 MET n 
1 125 GLU n 
1 126 ASN n 
1 127 GLY n 
1 128 ASN n 
1 129 PHE n 
1 130 LYS n 
1 131 GLU n 
1 132 ALA n 
1 133 GLU n 
1 134 GLU n 
1 135 VAL n 
1 136 PHE n 
1 137 GLU n 
1 138 ARG n 
1 139 ILE n 
1 140 PHE n 
1 141 GLY n 
1 142 ASP n 
1 143 PRO n 
1 144 ASN n 
1 145 SER n 
1 146 HIS n 
1 147 MET n 
1 148 PRO n 
1 149 PHE n 
1 150 LYS n 
1 151 SER n 
1 152 LYS n 
1 153 LEU n 
1 154 LEU n 
1 155 MET n 
1 156 ILE n 
1 157 ILE n 
1 158 SER n 
1 159 GLN n 
1 160 LYS n 
1 161 ASP n 
1 162 THR n 
1 163 PHE n 
1 164 HIS n 
1 165 SER n 
1 166 PHE n 
1 167 PHE n 
1 168 GLN n 
1 169 HIS n 
1 170 PHE n 
1 171 SER n 
1 172 TYR n 
1 173 ASN n 
1 174 HIS n 
1 175 MET n 
1 176 MET n 
1 177 GLU n 
1 178 LYS n 
1 179 ILE n 
1 180 LYS n 
1 181 SER n 
1 182 TYR n 
1 183 VAL n 
1 184 ASN n 
1 185 TYR n 
1 186 VAL n 
1 187 LEU n 
1 188 SER n 
1 189 GLU n 
1 190 LYS n 
1 191 SER n 
1 192 SER n 
1 193 THR n 
1 194 PHE n 
1 195 LEU n 
1 196 MET n 
1 197 LYS n 
1 198 ALA n 
1 199 ALA n 
1 200 ALA n 
1 201 LYS n 
1 202 VAL n 
1 203 VAL n 
1 204 GLU n 
# 
_entity_src_gen.entity_id                          1 
_entity_src_gen.pdbx_src_id                        1 
_entity_src_gen.pdbx_alt_source_flag               sample 
_entity_src_gen.pdbx_seq_type                      ? 
_entity_src_gen.pdbx_beg_seq_num                   ? 
_entity_src_gen.pdbx_end_seq_num                   ? 
_entity_src_gen.gene_src_common_name               HUMAN 
_entity_src_gen.gene_src_genus                     ? 
_entity_src_gen.pdbx_gene_src_gene                 ? 
_entity_src_gen.gene_src_species                   ? 
_entity_src_gen.gene_src_strain                    ? 
_entity_src_gen.gene_src_tissue                    ? 
_entity_src_gen.gene_src_tissue_fraction           ? 
_entity_src_gen.gene_src_details                   ? 
_entity_src_gen.pdbx_gene_src_fragment             ? 
_entity_src_gen.pdbx_gene_src_scientific_name      'HOMO SAPIENS' 
_entity_src_gen.pdbx_gene_src_ncbi_taxonomy_id     9606 
_entity_src_gen.pdbx_gene_src_variant              ? 
_entity_src_gen.pdbx_gene_src_cell_line            ? 
_entity_src_gen.pdbx_gene_src_atcc                 ? 
_entity_src_gen.pdbx_gene_src_organ                ? 
_entity_src_gen.pdbx_gene_src_organelle            ? 
_entity_src_gen.pdbx_gene_src_cell                 ? 
_entity_src_gen.pdbx_gene_src_cellular_location    NUCLEUS 
_entity_src_gen.host_org_common_name               ? 
_entity_src_gen.pdbx_host_org_scientific_name      'ESCHERICHIA COLI' 
_entity_src_gen.pdbx_host_org_ncbi_taxonomy_id     469008 
_entity_src_gen.host_org_genus                     ? 
_entity_src_gen.pdbx_host_org_gene                 ? 
_entity_src_gen.pdbx_host_org_organ                ? 
_entity_src_gen.host_org_species                   ? 
_entity_src_gen.pdbx_host_org_tissue               ? 
_entity_src_gen.pdbx_host_org_tissue_fraction      ? 
_entity_src_gen.pdbx_host_org_strain               'BL21(DE3)' 
_entity_src_gen.pdbx_host_org_variant              ? 
_entity_src_gen.pdbx_host_org_cell_line            ? 
_entity_src_gen.pdbx_host_org_atcc                 ? 
_entity_src_gen.pdbx_host_org_culture_collection   ? 
_entity_src_gen.pdbx_host_org_cell                 ? 
_entity_src_gen.pdbx_host_org_organelle            ? 
_entity_src_gen.pdbx_host_org_cellular_location    ? 
_entity_src_gen.pdbx_host_org_vector_type          PLASMID 
_entity_src_gen.pdbx_host_org_vector               ? 
_entity_src_gen.host_org_details                   ? 
_entity_src_gen.expression_system_id               ? 
_entity_src_gen.plasmid_name                       PET30A 
_entity_src_gen.plasmid_details                    ? 
_entity_src_gen.pdbx_description                   ? 
# 
loop_
_chem_comp.id 
_chem_comp.type 
_chem_comp.mon_nstd_flag 
_chem_comp.name 
_chem_comp.pdbx_synonyms 
_chem_comp.formula 
_chem_comp.formula_weight 
ALA 'L-peptide linking' y ALANINE         ? 'C3 H7 N O2'     89.093  
ARG 'L-peptide linking' y ARGININE        ? 'C6 H15 N4 O2 1' 175.209 
ASN 'L-peptide linking' y ASPARAGINE      ? 'C4 H8 N2 O3'    132.118 
ASP 'L-peptide linking' y 'ASPARTIC ACID' ? 'C4 H7 N O4'     133.103 
CYS 'L-peptide linking' y CYSTEINE        ? 'C3 H7 N O2 S'   121.158 
GLN 'L-peptide linking' y GLUTAMINE       ? 'C5 H10 N2 O3'   146.144 
GLU 'L-peptide linking' y 'GLUTAMIC ACID' ? 'C5 H9 N O4'     147.129 
GLY 'peptide linking'   y GLYCINE         ? 'C2 H5 N O2'     75.067  
HIS 'L-peptide linking' y HISTIDINE       ? 'C6 H10 N3 O2 1' 156.162 
ILE 'L-peptide linking' y ISOLEUCINE      ? 'C6 H13 N O2'    131.173 
LEU 'L-peptide linking' y LEUCINE         ? 'C6 H13 N O2'    131.173 
LYS 'L-peptide linking' y LYSINE          ? 'C6 H15 N2 O2 1' 147.195 
MET 'L-peptide linking' y METHIONINE      ? 'C5 H11 N O2 S'  149.211 
PHE 'L-peptide linking' y PHENYLALANINE   ? 'C9 H11 N O2'    165.189 
PRO 'L-peptide linking' y PROLINE         ? 'C5 H9 N O2'     115.130 
SER 'L-peptide linking' y SERINE          ? 'C3 H7 N O3'     105.093 
THR 'L-peptide linking' y THREONINE       ? 'C4 H9 N O3'     119.119 
TRP 'L-peptide linking' y TRYPTOPHAN      ? 'C11 H12 N2 O2'  204.225 
TYR 'L-peptide linking' y TYROSINE        ? 'C9 H11 N O3'    181.189 
VAL 'L-peptide linking' y VALINE          ? 'C5 H11 N O2'    117.146 
# 
loop_
_pdbx_poly_seq_scheme.asym_id 
_pdbx_poly_seq_scheme.entity_id 
_pdbx_poly_seq_scheme.seq_id 
_pdbx_poly_seq_scheme.mon_id 
_pdbx_poly_seq_scheme.ndb_seq_num 
_pdbx_poly_seq_scheme.pdb_seq_num 
_pdbx_poly_seq_scheme.auth_seq_num 
_pdbx_poly_seq_scheme.pdb_mon_id 
_pdbx_poly_seq_scheme.auth_mon_id 
_pdbx_poly_seq_scheme.pdb_strand_id 
_pdbx_poly_seq_scheme.pdb_ins_code 
_pdbx_poly_seq_scheme.hetero 
A 1 1   GLU 1   62  62  GLU GLU A . n 
A 1 2   ASP 2   63  63  ASP ASP A . n 
A 1 3   ALA 3   64  64  ALA ALA A . n 
A 1 4   GLY 4   65  65  GLY GLY A . n 
A 1 5   LEU 5   66  66  LEU LEU A . n 
A 1 6   VAL 6   67  67  VAL VAL A . n 
A 1 7   ALA 7   68  68  ALA ALA A . n 
A 1 8   GLU 8   69  69  GLU GLU A . n 
A 1 9   ALA 9   70  70  ALA ALA A . n 
A 1 10  GLU 10  71  71  GLU GLU A . n 
A 1 11  ALA 11  72  72  ALA ALA A . n 
A 1 12  VAL 12  73  73  VAL VAL A . n 
A 1 13  ALA 13  74  74  ALA ALA A . n 
A 1 14  ALA 14  75  75  ALA ALA A . n 
A 1 15  GLY 15  76  76  GLY GLY A . n 
A 1 16  TRP 16  77  77  TRP TRP A . n 
A 1 17  MET 17  78  78  MET MET A . n 
A 1 18  LEU 18  79  79  LEU LEU A . n 
A 1 19  ASP 19  80  80  ASP ASP A . n 
A 1 20  PHE 20  81  81  PHE PHE A . n 
A 1 21  LEU 21  82  82  LEU LEU A . n 
A 1 22  CYS 22  83  83  CYS CYS A . n 
A 1 23  LEU 23  84  84  LEU LEU A . n 
A 1 24  SER 24  85  85  SER SER A . n 
A 1 25  LEU 25  86  86  LEU LEU A . n 
A 1 26  CYS 26  87  87  CYS CYS A . n 
A 1 27  ARG 27  88  88  ARG ARG A . n 
A 1 28  ALA 28  89  89  ALA ALA A . n 
A 1 29  PHE 29  90  90  PHE PHE A . n 
A 1 30  ARG 30  91  91  ARG ARG A . n 
A 1 31  ASP 31  92  92  ASP ASP A . n 
A 1 32  GLY 32  93  93  GLY GLY A . n 
A 1 33  ARG 33  94  94  ARG ARG A . n 
A 1 34  SER 34  95  95  SER SER A . n 
A 1 35  GLU 35  96  96  GLU GLU A . n 
A 1 36  ASP 36  97  97  ASP ASP A . n 
A 1 37  PHE 37  98  98  PHE PHE A . n 
A 1 38  ARG 38  99  99  ARG ARG A . n 
A 1 39  ARG 39  100 100 ARG ARG A . n 
A 1 40  THR 40  101 101 THR THR A . n 
A 1 41  ARG 41  102 102 ARG ARG A . n 
A 1 42  ASN 42  103 103 ASN ASN A . n 
A 1 43  SER 43  104 104 SER SER A . n 
A 1 44  ALA 44  105 105 ALA ALA A . n 
A 1 45  GLU 45  106 106 GLU GLU A . n 
A 1 46  ALA 46  107 107 ALA ALA A . n 
A 1 47  ILE 47  108 108 ILE ILE A . n 
A 1 48  ILE 48  109 109 ILE ILE A . n 
A 1 49  HIS 49  110 110 HIS HIS A . n 
A 1 50  GLY 50  111 111 GLY GLY A . n 
A 1 51  LEU 51  112 112 LEU LEU A . n 
A 1 52  SER 52  113 113 SER SER A . n 
A 1 53  SER 53  114 114 SER SER A . n 
A 1 54  LEU 54  115 115 LEU LEU A . n 
A 1 55  THR 55  116 116 THR THR A . n 
A 1 56  ALA 56  117 117 ALA ALA A . n 
A 1 57  CYS 57  118 118 CYS CYS A . n 
A 1 58  GLN 58  119 119 GLN GLN A . n 
A 1 59  LEU 59  120 120 LEU LEU A . n 
A 1 60  ARG 60  121 121 ARG ARG A . n 
A 1 61  THR 61  122 122 THR THR A . n 
A 1 62  ILE 62  123 123 ILE ILE A . n 
A 1 63  TYR 63  124 124 TYR TYR A . n 
A 1 64  ILE 64  125 125 ILE ILE A . n 
A 1 65  CYS 65  126 126 CYS CYS A . n 
A 1 66  GLN 66  127 127 GLN GLN A . n 
A 1 67  PHE 67  128 128 PHE PHE A . n 
A 1 68  LEU 68  129 129 LEU LEU A . n 
A 1 69  THR 69  130 130 THR THR A . n 
A 1 70  ARG 70  131 131 ARG ARG A . n 
A 1 71  ILE 71  132 132 ILE ILE A . n 
A 1 72  ALA 72  133 133 ALA ALA A . n 
A 1 73  ALA 73  134 134 ALA ALA A . n 
A 1 74  GLY 74  135 135 GLY GLY A . n 
A 1 75  LYS 75  136 136 LYS LYS A . n 
A 1 76  THR 76  137 137 THR THR A . n 
A 1 77  LEU 77  138 138 LEU LEU A . n 
A 1 78  ASP 78  139 ?   ?   ?   A . n 
A 1 79  ALA 79  140 ?   ?   ?   A . n 
A 1 80  GLN 80  141 141 GLN GLN A . n 
A 1 81  PHE 81  142 142 PHE PHE A . n 
A 1 82  GLU 82  143 143 GLU GLU A . n 
A 1 83  ASN 83  144 144 ASN ASN A . n 
A 1 84  ASP 84  145 145 ASP ASP A . n 
A 1 85  GLU 85  146 146 GLU GLU A . n 
A 1 86  ARG 86  147 147 ARG ARG A . n 
A 1 87  ILE 87  148 148 ILE ILE A . n 
A 1 88  THR 88  149 149 THR THR A . n 
A 1 89  PRO 89  150 150 PRO PRO A . n 
A 1 90  LEU 90  151 151 LEU LEU A . n 
A 1 91  GLU 91  152 152 GLU GLU A . n 
A 1 92  SER 92  153 153 SER SER A . n 
A 1 93  ALA 93  154 154 ALA ALA A . n 
A 1 94  LEU 94  155 155 LEU LEU A . n 
A 1 95  MET 95  156 156 MET MET A . n 
A 1 96  ILE 96  157 157 ILE ILE A . n 
A 1 97  TRP 97  158 158 TRP TRP A . n 
A 1 98  GLY 98  159 159 GLY GLY A . n 
A 1 99  SER 99  160 160 SER SER A . n 
A 1 100 ILE 100 161 161 ILE ILE A . n 
A 1 101 GLU 101 162 162 GLU GLU A . n 
A 1 102 LYS 102 163 163 LYS LYS A . n 
A 1 103 GLU 103 164 164 GLU GLU A . n 
A 1 104 HIS 104 165 165 HIS HIS A . n 
A 1 105 ASP 105 166 166 ASP ASP A . n 
A 1 106 LYS 106 167 167 LYS LYS A . n 
A 1 107 LEU 107 168 168 LEU LEU A . n 
A 1 108 HIS 108 169 169 HIS HIS A . n 
A 1 109 GLU 109 170 170 GLU GLU A . n 
A 1 110 GLU 110 171 171 GLU GLU A . n 
A 1 111 ILE 111 172 172 ILE ILE A . n 
A 1 112 GLN 112 173 173 GLN GLN A . n 
A 1 113 ASN 113 174 174 ASN ASN A . n 
A 1 114 LEU 114 175 175 LEU LEU A . n 
A 1 115 ILE 115 176 176 ILE ILE A . n 
A 1 116 LYS 116 177 177 LYS LYS A . n 
A 1 117 ILE 117 178 178 ILE ILE A . n 
A 1 118 GLN 118 179 179 GLN GLN A . n 
A 1 119 ALA 119 180 180 ALA ALA A . n 
A 1 120 ILE 120 181 181 ILE ILE A . n 
A 1 121 ALA 121 182 182 ALA ALA A . n 
A 1 122 VAL 122 183 183 VAL VAL A . n 
A 1 123 CYS 123 184 184 CYS CYS A . n 
A 1 124 MET 124 185 185 MET MET A . n 
A 1 125 GLU 125 186 186 GLU GLU A . n 
A 1 126 ASN 126 187 187 ASN ASN A . n 
A 1 127 GLY 127 188 188 GLY GLY A . n 
A 1 128 ASN 128 189 189 ASN ASN A . n 
A 1 129 PHE 129 190 190 PHE PHE A . n 
A 1 130 LYS 130 191 191 LYS LYS A . n 
A 1 131 GLU 131 192 192 GLU GLU A . n 
A 1 132 ALA 132 193 193 ALA ALA A . n 
A 1 133 GLU 133 194 194 GLU GLU A . n 
A 1 134 GLU 134 195 195 GLU GLU A . n 
A 1 135 VAL 135 196 196 VAL VAL A . n 
A 1 136 PHE 136 197 197 PHE PHE A . n 
A 1 137 GLU 137 198 198 GLU GLU A . n 
A 1 138 ARG 138 199 199 ARG ARG A . n 
A 1 139 ILE 139 200 200 ILE ILE A . n 
A 1 140 PHE 140 201 201 PHE PHE A . n 
A 1 141 GLY 141 202 202 GLY GLY A . n 
A 1 142 ASP 142 203 203 ASP ASP A . n 
A 1 143 PRO 143 204 204 PRO PRO A . n 
A 1 144 ASN 144 205 ?   ?   ?   A . n 
A 1 145 SER 145 206 ?   ?   ?   A . n 
A 1 146 HIS 146 207 ?   ?   ?   A . n 
A 1 147 MET 147 208 ?   ?   ?   A . n 
A 1 148 PRO 148 209 ?   ?   ?   A . n 
A 1 149 PHE 149 210 ?   ?   ?   A . n 
A 1 150 LYS 150 211 ?   ?   ?   A . n 
A 1 151 SER 151 212 212 SER SER A . n 
A 1 152 LYS 152 213 213 LYS LYS A . n 
A 1 153 LEU 153 214 214 LEU LEU A . n 
A 1 154 LEU 154 215 215 LEU LEU A . n 
A 1 155 MET 155 216 216 MET MET A . n 
A 1 156 ILE 156 217 217 ILE ILE A . n 
A 1 157 ILE 157 218 218 ILE ILE A . n 
A 1 158 SER 158 219 219 SER SER A . n 
A 1 159 GLN 159 220 220 GLN GLN A . n 
A 1 160 LYS 160 221 221 LYS LYS A . n 
A 1 161 ASP 161 222 222 ASP ASP A . n 
A 1 162 THR 162 223 223 THR THR A . n 
A 1 163 PHE 163 224 224 PHE PHE A . n 
A 1 164 HIS 164 225 225 HIS HIS A . n 
A 1 165 SER 165 226 226 SER SER A . n 
A 1 166 PHE 166 227 227 PHE PHE A . n 
A 1 167 PHE 167 228 228 PHE PHE A . n 
A 1 168 GLN 168 229 229 GLN GLN A . n 
A 1 169 HIS 169 230 230 HIS HIS A . n 
A 1 170 PHE 170 231 231 PHE PHE A . n 
A 1 171 SER 171 232 232 SER SER A . n 
A 1 172 TYR 172 233 233 TYR TYR A . n 
A 1 173 ASN 173 234 234 ASN ASN A . n 
A 1 174 HIS 174 235 235 HIS HIS A . n 
A 1 175 MET 175 236 236 MET MET A . n 
A 1 176 MET 176 237 237 MET MET A . n 
A 1 177 GLU 177 238 238 GLU GLU A . n 
A 1 178 LYS 178 239 239 LYS LYS A . n 
A 1 179 ILE 179 240 240 ILE ILE A . n 
A 1 180 LYS 180 241 241 LYS LYS A . n 
A 1 181 SER 181 242 242 SER SER A . n 
A 1 182 TYR 182 243 243 TYR TYR A . n 
A 1 183 VAL 183 244 244 VAL VAL A . n 
A 1 184 ASN 184 245 245 ASN ASN A . n 
A 1 185 TYR 185 246 246 TYR TYR A . n 
A 1 186 VAL 186 247 247 VAL VAL A . n 
A 1 187 LEU 187 248 248 LEU LEU A . n 
A 1 188 SER 188 249 249 SER SER A . n 
A 1 189 GLU 189 250 250 GLU GLU A . n 
A 1 190 LYS 190 251 251 LYS LYS A . n 
A 1 191 SER 191 252 252 SER SER A . n 
A 1 192 SER 192 253 253 SER SER A . n 
A 1 193 THR 193 254 254 THR THR A . n 
A 1 194 PHE 194 255 255 PHE PHE A . n 
A 1 195 LEU 195 256 256 LEU LEU A . n 
A 1 196 MET 196 257 257 MET MET A . n 
A 1 197 LYS 197 258 258 LYS LYS A . n 
A 1 198 ALA 198 259 259 ALA ALA A . n 
A 1 199 ALA 199 260 260 ALA ALA A . n 
A 1 200 ALA 200 261 261 ALA ALA A . n 
A 1 201 LYS 201 262 262 LYS LYS A . n 
A 1 202 VAL 202 263 263 VAL VAL A . n 
A 1 203 VAL 203 264 264 VAL VAL A . n 
A 1 204 GLU 204 265 265 GLU GLU A . n 
# 
loop_
_pdbx_unobs_or_zero_occ_atoms.id 
_pdbx_unobs_or_zero_occ_atoms.PDB_model_num 
_pdbx_unobs_or_zero_occ_atoms.polymer_flag 
_pdbx_unobs_or_zero_occ_atoms.occupancy_flag 
_pdbx_unobs_or_zero_occ_atoms.auth_asym_id 
_pdbx_unobs_or_zero_occ_atoms.auth_comp_id 
_pdbx_unobs_or_zero_occ_atoms.auth_seq_id 
_pdbx_unobs_or_zero_occ_atoms.PDB_ins_code 
_pdbx_unobs_or_zero_occ_atoms.auth_atom_id 
_pdbx_unobs_or_zero_occ_atoms.label_alt_id 
_pdbx_unobs_or_zero_occ_atoms.label_asym_id 
_pdbx_unobs_or_zero_occ_atoms.label_comp_id 
_pdbx_unobs_or_zero_occ_atoms.label_seq_id 
_pdbx_unobs_or_zero_occ_atoms.label_atom_id 
1  1 Y 1 A GLU 62  ? CG  ? A GLU 1   CG  
2  1 Y 1 A GLU 62  ? CD  ? A GLU 1   CD  
3  1 Y 1 A GLU 62  ? OE1 ? A GLU 1   OE1 
4  1 Y 1 A GLU 62  ? OE2 ? A GLU 1   OE2 
5  1 Y 1 A ASP 63  ? CG  ? A ASP 2   CG  
6  1 Y 1 A ASP 63  ? OD1 ? A ASP 2   OD1 
7  1 Y 1 A ASP 63  ? OD2 ? A ASP 2   OD2 
8  1 Y 1 A LEU 66  ? CG  ? A LEU 5   CG  
9  1 Y 1 A LEU 66  ? CD1 ? A LEU 5   CD1 
10 1 Y 1 A LEU 66  ? CD2 ? A LEU 5   CD2 
11 1 Y 1 A GLU 69  ? CG  ? A GLU 8   CG  
12 1 Y 1 A GLU 69  ? CD  ? A GLU 8   CD  
13 1 Y 1 A GLU 69  ? OE1 ? A GLU 8   OE1 
14 1 Y 1 A GLU 69  ? OE2 ? A GLU 8   OE2 
15 1 Y 1 A VAL 73  ? CG1 ? A VAL 12  CG1 
16 1 Y 1 A VAL 73  ? CG2 ? A VAL 12  CG2 
17 1 Y 1 A ARG 100 ? CG  ? A ARG 39  CG  
18 1 Y 1 A ARG 100 ? CD  ? A ARG 39  CD  
19 1 Y 1 A ARG 100 ? NE  ? A ARG 39  NE  
20 1 Y 1 A ARG 100 ? CZ  ? A ARG 39  CZ  
21 1 Y 1 A ARG 100 ? NH1 ? A ARG 39  NH1 
22 1 Y 1 A ARG 100 ? NH2 ? A ARG 39  NH2 
23 1 Y 1 A GLN 141 ? CG  ? A GLN 80  CG  
24 1 Y 1 A GLN 141 ? CD  ? A GLN 80  CD  
25 1 Y 1 A GLN 141 ? OE1 ? A GLN 80  OE1 
26 1 Y 1 A GLN 141 ? NE2 ? A GLN 80  NE2 
27 1 Y 1 A PHE 142 ? CG  ? A PHE 81  CG  
28 1 Y 1 A PHE 142 ? CD1 ? A PHE 81  CD1 
29 1 Y 1 A PHE 142 ? CD2 ? A PHE 81  CD2 
30 1 Y 1 A PHE 142 ? CE1 ? A PHE 81  CE1 
31 1 Y 1 A PHE 142 ? CE2 ? A PHE 81  CE2 
32 1 Y 1 A PHE 142 ? CZ  ? A PHE 81  CZ  
33 1 Y 1 A ARG 147 ? CG  ? A ARG 86  CG  
34 1 Y 1 A ARG 147 ? CD  ? A ARG 86  CD  
35 1 Y 1 A ARG 147 ? NE  ? A ARG 86  NE  
36 1 Y 1 A ARG 147 ? CZ  ? A ARG 86  CZ  
37 1 Y 1 A ARG 147 ? NH1 ? A ARG 86  NH1 
38 1 Y 1 A ARG 147 ? NH2 ? A ARG 86  NH2 
39 1 Y 1 A GLU 164 ? CG  ? A GLU 103 CG  
40 1 Y 1 A GLU 164 ? CD  ? A GLU 103 CD  
41 1 Y 1 A GLU 164 ? OE1 ? A GLU 103 OE1 
42 1 Y 1 A GLU 164 ? OE2 ? A GLU 103 OE2 
43 1 Y 1 A LYS 167 ? CG  ? A LYS 106 CG  
44 1 Y 1 A LYS 167 ? CD  ? A LYS 106 CD  
45 1 Y 1 A LYS 167 ? CE  ? A LYS 106 CE  
46 1 Y 1 A LYS 167 ? NZ  ? A LYS 106 NZ  
47 1 Y 1 A ASN 187 ? CG  ? A ASN 126 CG  
48 1 Y 1 A ASN 187 ? OD1 ? A ASN 126 OD1 
49 1 Y 1 A ASN 187 ? ND2 ? A ASN 126 ND2 
50 1 Y 1 A LYS 191 ? CG  ? A LYS 130 CG  
51 1 Y 1 A LYS 191 ? CD  ? A LYS 130 CD  
52 1 Y 1 A LYS 191 ? CE  ? A LYS 130 CE  
53 1 Y 1 A LYS 191 ? NZ  ? A LYS 130 NZ  
54 1 Y 1 A GLU 194 ? CG  ? A GLU 133 CG  
55 1 Y 1 A GLU 194 ? CD  ? A GLU 133 CD  
56 1 Y 1 A GLU 194 ? OE1 ? A GLU 133 OE1 
57 1 Y 1 A GLU 194 ? OE2 ? A GLU 133 OE2 
58 1 Y 1 A GLU 198 ? CG  ? A GLU 137 CG  
59 1 Y 1 A GLU 198 ? CD  ? A GLU 137 CD  
60 1 Y 1 A GLU 198 ? OE1 ? A GLU 137 OE1 
61 1 Y 1 A GLU 198 ? OE2 ? A GLU 137 OE2 
62 1 Y 1 A LYS 213 ? CG  ? A LYS 152 CG  
63 1 Y 1 A LYS 213 ? CD  ? A LYS 152 CD  
64 1 Y 1 A LYS 213 ? CE  ? A LYS 152 CE  
65 1 Y 1 A LYS 213 ? NZ  ? A LYS 152 NZ  
66 1 Y 1 A LEU 214 ? CG  ? A LEU 153 CG  
67 1 Y 1 A LEU 214 ? CD1 ? A LEU 153 CD1 
68 1 Y 1 A LEU 214 ? CD2 ? A LEU 153 CD2 
69 1 Y 1 A LEU 215 ? CG  ? A LEU 154 CG  
70 1 Y 1 A LEU 215 ? CD1 ? A LEU 154 CD1 
71 1 Y 1 A LEU 215 ? CD2 ? A LEU 154 CD2 
72 1 Y 1 A LYS 221 ? CG  ? A LYS 160 CG  
73 1 Y 1 A LYS 221 ? CD  ? A LYS 160 CD  
74 1 Y 1 A LYS 221 ? CE  ? A LYS 160 CE  
75 1 Y 1 A LYS 221 ? NZ  ? A LYS 160 NZ  
76 1 Y 1 A ASP 222 ? CG  ? A ASP 161 CG  
77 1 Y 1 A ASP 222 ? OD1 ? A ASP 161 OD1 
78 1 Y 1 A ASP 222 ? OD2 ? A ASP 161 OD2 
79 1 Y 1 A LYS 251 ? CG  ? A LYS 190 CG  
80 1 Y 1 A LYS 251 ? CD  ? A LYS 190 CD  
81 1 Y 1 A LYS 251 ? CE  ? A LYS 190 CE  
82 1 Y 1 A LYS 251 ? NZ  ? A LYS 190 NZ  
83 1 Y 1 A LYS 262 ? CG  ? A LYS 201 CG  
84 1 Y 1 A LYS 262 ? CD  ? A LYS 201 CD  
85 1 Y 1 A LYS 262 ? CE  ? A LYS 201 CE  
86 1 Y 1 A LYS 262 ? NZ  ? A LYS 201 NZ  
# 
loop_
_software.name 
_software.classification 
_software.version 
_software.citation_id 
_software.pdbx_ordinal 
_software.date 
_software.type 
_software.location 
_software.language 
CNS    refinement       1.0 ? 1 ? ? ? ? 
MOSFLM 'data reduction' .   ? 2 ? ? ? ? 
SCALA  'data scaling'   .   ? 3 ? ? ? ? 
CCP4   phasing          .   ? 4 ? ? ? ? 
SOLVE  phasing          .   ? 5 ? ? ? ? 
SHARP  phasing          .   ? 6 ? ? ? ? 
# 
_cell.entry_id           1H6O 
_cell.length_a           85.390 
_cell.length_b           85.390 
_cell.length_c           91.630 
_cell.angle_alpha        90.00 
_cell.angle_beta         90.00 
_cell.angle_gamma        120.00 
_cell.Z_PDB              6 
_cell.pdbx_unique_axis   ? 
# 
_symmetry.entry_id                         1H6O 
_symmetry.space_group_name_H-M             'P 31 2 1' 
_symmetry.pdbx_full_space_group_name_H-M   ? 
_symmetry.cell_setting                     ? 
_symmetry.Int_Tables_number                152 
# 
_exptl.entry_id          1H6O 
_exptl.method            'X-RAY DIFFRACTION' 
_exptl.crystals_number   1 
# 
_exptl_crystal.id                    1 
_exptl_crystal.density_meas          ? 
_exptl_crystal.density_Matthews      3.2 
_exptl_crystal.density_percent_sol   61 
_exptl_crystal.description           ? 
_exptl_crystal.preparation           ? 
# 
_exptl_crystal_grow.crystal_id      1 
_exptl_crystal_grow.method          ? 
_exptl_crystal_grow.temp            ? 
_exptl_crystal_grow.temp_details    ? 
_exptl_crystal_grow.pH              6.00 
_exptl_crystal_grow.pdbx_pH_range   ? 
_exptl_crystal_grow.pdbx_details    'PH6, 5-15% GLYCEROL, 1-5 MM MAGNESIUM ACETATE, 1 % PEG 8000, pH 6.00' 
# 
_diffrn.id                     1 
_diffrn.ambient_temp           100.0 
_diffrn.ambient_temp_details   ? 
_diffrn.crystal_id             1 
# 
_diffrn_detector.diffrn_id              1 
_diffrn_detector.detector               CCD 
_diffrn_detector.type                   'ADSC CCD' 
_diffrn_detector.pdbx_collection_date   2000-03-15 
_diffrn_detector.details                MIRRORS 
# 
_diffrn_radiation.diffrn_id                        1 
_diffrn_radiation.wavelength_id                    1 
_diffrn_radiation.pdbx_monochromatic_or_laue_m_l   M 
_diffrn_radiation.monochromator                    SILICON 
_diffrn_radiation.pdbx_diffrn_protocol             'SINGLE WAVELENGTH' 
_diffrn_radiation.pdbx_scattering_type             x-ray 
# 
_diffrn_radiation_wavelength.id           1 
_diffrn_radiation_wavelength.wavelength   0.87 
_diffrn_radiation_wavelength.wt           1.0 
# 
_diffrn_source.diffrn_id                   1 
_diffrn_source.source                      SYNCHROTRON 
_diffrn_source.type                        'SRS BEAMLINE PX9.6' 
_diffrn_source.pdbx_synchrotron_site       SRS 
_diffrn_source.pdbx_synchrotron_beamline   PX9.6 
_diffrn_source.pdbx_wavelength             0.87 
_diffrn_source.pdbx_wavelength_list        ? 
# 
_reflns.pdbx_diffrn_id               1 
_reflns.pdbx_ordinal                 1 
_reflns.entry_id                     1H6O 
_reflns.observed_criterion_sigma_I   2.000 
_reflns.observed_criterion_sigma_F   ? 
_reflns.d_resolution_low             23.690 
_reflns.d_resolution_high            2.900 
_reflns.number_obs                   8514 
_reflns.number_all                   ? 
_reflns.percent_possible_obs         97.1 
_reflns.pdbx_Rmerge_I_obs            0.05700 
_reflns.pdbx_Rsym_value              0.05700 
_reflns.pdbx_netI_over_sigmaI        8.4000 
_reflns.B_iso_Wilson_estimate        60.65 
_reflns.pdbx_redundancy              5.300 
_reflns.pdbx_CC_half                 ? 
_reflns.pdbx_Rpim_I_all              ? 
_reflns.pdbx_Rrim_I_all              ? 
# 
_reflns_shell.pdbx_diffrn_id         1 
_reflns_shell.pdbx_ordinal           1 
_reflns_shell.d_res_high             2.90 
_reflns_shell.d_res_low              3.06 
_reflns_shell.percent_possible_all   97.1 
_reflns_shell.Rmerge_I_obs           0.14000 
_reflns_shell.pdbx_Rsym_value        0.14000 
_reflns_shell.meanI_over_sigI_obs    5.000 
_reflns_shell.pdbx_redundancy        5.40 
_reflns_shell.number_measured_obs    ? 
_reflns_shell.number_unique_all      ? 
_reflns_shell.number_unique_obs      ? 
_reflns_shell.pdbx_CC_half           ? 
_reflns_shell.pdbx_Rpim_I_all        ? 
_reflns_shell.pdbx_Rrim_I_all        ? 
# 
_refine.pdbx_refine_id                           'X-RAY DIFFRACTION' 
_refine.entry_id                                 1H6O 
_refine.pdbx_diffrn_id                           1 
_refine.pdbx_TLS_residual_ADP_flag               ? 
_refine.ls_number_reflns_obs                     8186 
_refine.ls_number_reflns_all                     ? 
_refine.pdbx_ls_sigma_I                          ? 
_refine.pdbx_ls_sigma_F                          2.0 
_refine.pdbx_data_cutoff_high_absF               4200344.17 
_refine.pdbx_data_cutoff_low_absF                ? 
_refine.pdbx_data_cutoff_high_rms_absF           ? 
_refine.ls_d_res_low                             24.84 
_refine.ls_d_res_high                            2.90 
_refine.ls_percent_reflns_obs                    92.1 
_refine.ls_R_factor_obs                          0.250 
_refine.ls_R_factor_all                          ? 
_refine.ls_R_factor_R_work                       0.250 
_refine.ls_R_factor_R_free                       0.303 
_refine.ls_R_factor_R_free_error                 0.011 
_refine.ls_R_factor_R_free_error_details         ? 
_refine.ls_percent_reflns_R_free                 9.8 
_refine.ls_number_reflns_R_free                  801 
_refine.ls_number_parameters                     ? 
_refine.ls_number_restraints                     ? 
_refine.occupancy_min                            ? 
_refine.occupancy_max                            ? 
_refine.correlation_coeff_Fo_to_Fc               ? 
_refine.correlation_coeff_Fo_to_Fc_free          ? 
_refine.B_iso_mean                               64.6 
_refine.aniso_B[1][1]                            16.50 
_refine.aniso_B[2][2]                            16.50 
_refine.aniso_B[3][3]                            -33.01 
_refine.aniso_B[1][2]                            19.54 
_refine.aniso_B[1][3]                            0.00 
_refine.aniso_B[2][3]                            0.00 
_refine.solvent_model_details                    'FLAT MODEL' 
_refine.solvent_model_param_ksol                 0.290203 
_refine.solvent_model_param_bsol                 ? 
_refine.pdbx_solvent_vdw_probe_radii             ? 
_refine.pdbx_solvent_ion_probe_radii             ? 
_refine.pdbx_solvent_shrinkage_radii             ? 
_refine.pdbx_ls_cross_valid_method               THROUGHOUT 
_refine.details                                  ? 
_refine.pdbx_starting_model                      ? 
_refine.pdbx_method_to_determine_struct          MIRAS 
_refine.pdbx_isotropic_thermal_model             RESTRAINED 
_refine.pdbx_stereochemistry_target_values       ? 
_refine.pdbx_stereochem_target_val_spec_case     ? 
_refine.pdbx_R_Free_selection_details            RANDOM 
_refine.pdbx_overall_ESU_R                       ? 
_refine.pdbx_overall_ESU_R_Free                  ? 
_refine.overall_SU_ML                            ? 
_refine.pdbx_overall_phase_error                 ? 
_refine.overall_SU_B                             ? 
_refine.overall_SU_R_Cruickshank_DPI             ? 
_refine.pdbx_overall_SU_R_free_Cruickshank_DPI   ? 
_refine.pdbx_overall_SU_R_Blow_DPI               ? 
_refine.pdbx_overall_SU_R_free_Blow_DPI          ? 
# 
_refine_analyze.pdbx_refine_id                  'X-RAY DIFFRACTION' 
_refine_analyze.entry_id                        1H6O 
_refine_analyze.Luzzati_coordinate_error_obs    0.41 
_refine_analyze.Luzzati_sigma_a_obs             0.46 
_refine_analyze.Luzzati_d_res_low_obs           5.00 
_refine_analyze.Luzzati_coordinate_error_free   0.56 
_refine_analyze.Luzzati_sigma_a_free            0.64 
_refine_analyze.Luzzati_d_res_low_free          ? 
_refine_analyze.number_disordered_residues      ? 
_refine_analyze.occupancy_sum_hydrogen          ? 
_refine_analyze.occupancy_sum_non_hydrogen      ? 
# 
_refine_hist.pdbx_refine_id                   'X-RAY DIFFRACTION' 
_refine_hist.cycle_id                         LAST 
_refine_hist.pdbx_number_atoms_protein        1475 
_refine_hist.pdbx_number_atoms_nucleic_acid   0 
_refine_hist.pdbx_number_atoms_ligand         0 
_refine_hist.number_atoms_solvent             0 
_refine_hist.number_atoms_total               1475 
_refine_hist.d_res_high                       2.90 
_refine_hist.d_res_low                        24.84 
# 
loop_
_refine_ls_restr.type 
_refine_ls_restr.dev_ideal 
_refine_ls_restr.dev_ideal_target 
_refine_ls_restr.weight 
_refine_ls_restr.number 
_refine_ls_restr.pdbx_refine_id 
_refine_ls_restr.pdbx_restraint_function 
c_bond_d                0.008 ?    ? ? 'X-RAY DIFFRACTION' ? 
c_bond_d_na             ?     ?    ? ? 'X-RAY DIFFRACTION' ? 
c_bond_d_prot           ?     ?    ? ? 'X-RAY DIFFRACTION' ? 
c_angle_d               ?     ?    ? ? 'X-RAY DIFFRACTION' ? 
c_angle_d_na            ?     ?    ? ? 'X-RAY DIFFRACTION' ? 
c_angle_d_prot          ?     ?    ? ? 'X-RAY DIFFRACTION' ? 
c_angle_deg             1.4   ?    ? ? 'X-RAY DIFFRACTION' ? 
c_angle_deg_na          ?     ?    ? ? 'X-RAY DIFFRACTION' ? 
c_angle_deg_prot        ?     ?    ? ? 'X-RAY DIFFRACTION' ? 
c_dihedral_angle_d      18.6  ?    ? ? 'X-RAY DIFFRACTION' ? 
c_dihedral_angle_d_na   ?     ?    ? ? 'X-RAY DIFFRACTION' ? 
c_dihedral_angle_d_prot ?     ?    ? ? 'X-RAY DIFFRACTION' ? 
c_improper_angle_d      0.74  ?    ? ? 'X-RAY DIFFRACTION' ? 
c_improper_angle_d_na   ?     ?    ? ? 'X-RAY DIFFRACTION' ? 
c_improper_angle_d_prot ?     ?    ? ? 'X-RAY DIFFRACTION' ? 
c_mcbond_it             1.38  1.50 ? ? 'X-RAY DIFFRACTION' ? 
c_mcangle_it            2.47  2.00 ? ? 'X-RAY DIFFRACTION' ? 
c_scbond_it             1.76  2.00 ? ? 'X-RAY DIFFRACTION' ? 
c_scangle_it            2.76  2.50 ? ? 'X-RAY DIFFRACTION' ? 
# 
_refine_ls_shell.pdbx_refine_id                   'X-RAY DIFFRACTION' 
_refine_ls_shell.pdbx_total_number_of_bins_used   6 
_refine_ls_shell.d_res_high                       2.90 
_refine_ls_shell.d_res_low                        3.08 
_refine_ls_shell.number_reflns_R_work             1099 
_refine_ls_shell.R_factor_R_work                  0.325 
_refine_ls_shell.percent_reflns_obs               81.9 
_refine_ls_shell.R_factor_R_free                  0.400 
_refine_ls_shell.R_factor_R_free_error            0.044 
_refine_ls_shell.percent_reflns_R_free            7.1 
_refine_ls_shell.number_reflns_R_free             84 
_refine_ls_shell.number_reflns_all                ? 
_refine_ls_shell.R_factor_all                     ? 
_refine_ls_shell.R_factor_obs                     ? 
_refine_ls_shell.number_reflns_obs                ? 
# 
_pdbx_xplor_file.pdbx_refine_id   'X-RAY DIFFRACTION' 
_pdbx_xplor_file.serial_no        1 
_pdbx_xplor_file.param_file       PROTEIN_REP.PARAM 
_pdbx_xplor_file.topol_file       PROTEIN.TOP 
# 
_struct.entry_id                  1H6O 
_struct.title                     'Dimerisation domain from human TRF1' 
_struct.pdbx_model_details        ? 
_struct.pdbx_CASP_flag            ? 
_struct.pdbx_model_type_details   ? 
# 
_struct_keywords.entry_id        1H6O 
_struct_keywords.pdbx_keywords   'TELOMERE BINDING' 
_struct_keywords.text            'TELOMERE BINDING, TRF1, TELOMERE, DIMERISATION, TRFH, DNA-BINDING, NUCLEAR PROTEIN' 
# 
_struct_asym.id                            A 
_struct_asym.pdbx_blank_PDB_chainid_flag   N 
_struct_asym.pdbx_modified                 N 
_struct_asym.entity_id                     1 
_struct_asym.details                       ? 
# 
_struct_ref.id                         1 
_struct_ref.db_name                    UNP 
_struct_ref.db_code                    TRF1_HUMAN 
_struct_ref.entity_id                  1 
_struct_ref.pdbx_seq_one_letter_code   ? 
_struct_ref.pdbx_align_begin           ? 
_struct_ref.pdbx_db_accession          P54274 
_struct_ref.pdbx_db_isoform            ? 
# 
_struct_ref_seq.align_id                      1 
_struct_ref_seq.ref_id                        1 
_struct_ref_seq.pdbx_PDB_id_code              1H6O 
_struct_ref_seq.pdbx_strand_id                A 
_struct_ref_seq.seq_align_beg                 1 
_struct_ref_seq.pdbx_seq_align_beg_ins_code   ? 
_struct_ref_seq.seq_align_end                 204 
_struct_ref_seq.pdbx_seq_align_end_ins_code   ? 
_struct_ref_seq.pdbx_db_accession             P54274 
_struct_ref_seq.db_align_beg                  62 
_struct_ref_seq.pdbx_db_align_beg_ins_code    ? 
_struct_ref_seq.db_align_end                  265 
_struct_ref_seq.pdbx_db_align_end_ins_code    ? 
_struct_ref_seq.pdbx_auth_seq_align_beg       62 
_struct_ref_seq.pdbx_auth_seq_align_end       265 
# 
_pdbx_struct_assembly.id                   1 
_pdbx_struct_assembly.details              author_and_software_defined_assembly 
_pdbx_struct_assembly.method_details       PQS 
_pdbx_struct_assembly.oligomeric_details   dimeric 
_pdbx_struct_assembly.oligomeric_count     2 
# 
_pdbx_struct_assembly_gen.assembly_id       1 
_pdbx_struct_assembly_gen.oper_expression   1,2 
_pdbx_struct_assembly_gen.asym_id_list      A 
# 
loop_
_pdbx_struct_oper_list.id 
_pdbx_struct_oper_list.type 
_pdbx_struct_oper_list.name 
_pdbx_struct_oper_list.symmetry_operation 
_pdbx_struct_oper_list.matrix[1][1] 
_pdbx_struct_oper_list.matrix[1][2] 
_pdbx_struct_oper_list.matrix[1][3] 
_pdbx_struct_oper_list.vector[1] 
_pdbx_struct_oper_list.matrix[2][1] 
_pdbx_struct_oper_list.matrix[2][2] 
_pdbx_struct_oper_list.matrix[2][3] 
_pdbx_struct_oper_list.vector[2] 
_pdbx_struct_oper_list.matrix[3][1] 
_pdbx_struct_oper_list.matrix[3][2] 
_pdbx_struct_oper_list.matrix[3][3] 
_pdbx_struct_oper_list.vector[3] 
1 'identity operation'         1_555 x,y,z    1.0000000000  0.0000000000 0.0000000000 0.0000000000 0.0000000000 1.0000000000 0.0000000000 0.0000000000  0.0000000000 0.0000000000 1.0000000000  0.0000000000   
2 'crystal symmetry operation' 4_556 y,x,-z+1 -0.3142427412 0.9483238094 0.0439710370 2.9378380371 0.9483238094 0.3114233003 0.0608069120 -0.4283230676 0.0439710370 0.0608069120 -0.9971805591 -36.5798695480 
# 
loop_
_struct_conf.conf_type_id 
_struct_conf.id 
_struct_conf.pdbx_PDB_helix_id 
_struct_conf.beg_label_comp_id 
_struct_conf.beg_label_asym_id 
_struct_conf.beg_label_seq_id 
_struct_conf.pdbx_beg_PDB_ins_code 
_struct_conf.end_label_comp_id 
_struct_conf.end_label_asym_id 
_struct_conf.end_label_seq_id 
_struct_conf.pdbx_end_PDB_ins_code 
_struct_conf.beg_auth_comp_id 
_struct_conf.beg_auth_asym_id 
_struct_conf.beg_auth_seq_id 
_struct_conf.end_auth_comp_id 
_struct_conf.end_auth_asym_id 
_struct_conf.end_auth_seq_id 
_struct_conf.pdbx_PDB_helix_class 
_struct_conf.details 
_struct_conf.pdbx_PDB_helix_length 
HELX_P HELX_P1 1 GLY A 4   ? ASP A 31  ? GLY A 65  ASP A 92  1 ? 28 
HELX_P HELX_P2 2 ARG A 33  ? GLY A 50  ? ARG A 94  GLY A 111 1 ? 18 
HELX_P HELX_P3 3 THR A 55  ? ALA A 72  ? THR A 116 ALA A 133 1 ? 18 
HELX_P HELX_P4 4 THR A 88  ? GLY A 98  ? THR A 149 GLY A 159 1 ? 11 
HELX_P HELX_P5 5 ASP A 105 ? GLY A 127 ? ASP A 166 GLY A 188 1 ? 23 
HELX_P HELX_P6 6 ASN A 128 ? PHE A 140 ? ASN A 189 PHE A 201 1 ? 13 
HELX_P HELX_P7 7 MET A 155 ? PHE A 163 ? MET A 216 PHE A 224 1 ? 9  
HELX_P HELX_P8 8 SER A 171 ? LYS A 190 ? SER A 232 LYS A 251 1 ? 20 
HELX_P HELX_P9 9 THR A 193 ? VAL A 203 ? THR A 254 VAL A 264 1 ? 11 
# 
_struct_conf_type.id          HELX_P 
_struct_conf_type.criteria    ? 
_struct_conf_type.reference   ? 
# 
loop_
_pdbx_validate_torsion.id 
_pdbx_validate_torsion.PDB_model_num 
_pdbx_validate_torsion.auth_comp_id 
_pdbx_validate_torsion.auth_asym_id 
_pdbx_validate_torsion.auth_seq_id 
_pdbx_validate_torsion.PDB_ins_code 
_pdbx_validate_torsion.label_alt_id 
_pdbx_validate_torsion.phi 
_pdbx_validate_torsion.psi 
1  1 ASP A 63  ? ? -26.91  143.03  
2  1 ARG A 94  ? ? -100.34 70.79   
3  1 ASP A 97  ? ? 170.63  -52.62  
4  1 PHE A 142 ? ? -66.60  -163.02 
5  1 SER A 160 ? ? -140.49 -18.39  
6  1 GLU A 162 ? ? -69.62  89.08   
7  1 ASP A 166 ? ? -67.11  -166.48 
8  1 ASN A 187 ? ? -57.64  -7.93   
9  1 PHE A 201 ? ? -126.81 -166.55 
10 1 ASP A 203 ? ? 177.75  68.25   
11 1 LYS A 213 ? ? -40.97  105.48  
12 1 LEU A 214 ? ? -124.24 -62.13  
13 1 SER A 226 ? ? -63.66  11.00   
14 1 PHE A 228 ? ? -176.60 16.04   
15 1 PHE A 231 ? ? -94.01  56.12   
16 1 PHE A 255 ? ? -26.40  -90.59  
17 1 LEU A 256 ? ? -26.14  -55.52  
18 1 VAL A 264 ? ? -73.07  31.27   
# 
loop_
_pdbx_unobs_or_zero_occ_residues.id 
_pdbx_unobs_or_zero_occ_residues.PDB_model_num 
_pdbx_unobs_or_zero_occ_residues.polymer_flag 
_pdbx_unobs_or_zero_occ_residues.occupancy_flag 
_pdbx_unobs_or_zero_occ_residues.auth_asym_id 
_pdbx_unobs_or_zero_occ_residues.auth_comp_id 
_pdbx_unobs_or_zero_occ_residues.auth_seq_id 
_pdbx_unobs_or_zero_occ_residues.PDB_ins_code 
_pdbx_unobs_or_zero_occ_residues.label_asym_id 
_pdbx_unobs_or_zero_occ_residues.label_comp_id 
_pdbx_unobs_or_zero_occ_residues.label_seq_id 
1 1 Y 1 A ASP 139 ? A ASP 78  
2 1 Y 1 A ALA 140 ? A ALA 79  
3 1 Y 1 A ASN 205 ? A ASN 144 
4 1 Y 1 A SER 206 ? A SER 145 
5 1 Y 1 A HIS 207 ? A HIS 146 
6 1 Y 1 A MET 208 ? A MET 147 
7 1 Y 1 A PRO 209 ? A PRO 148 
8 1 Y 1 A PHE 210 ? A PHE 149 
9 1 Y 1 A LYS 211 ? A LYS 150 
# 
loop_
_chem_comp_atom.comp_id 
_chem_comp_atom.atom_id 
_chem_comp_atom.type_symbol 
_chem_comp_atom.pdbx_aromatic_flag 
_chem_comp_atom.pdbx_stereo_config 
_chem_comp_atom.pdbx_ordinal 
ALA N    N N N 1   
ALA CA   C N S 2   
ALA C    C N N 3   
ALA O    O N N 4   
ALA CB   C N N 5   
ALA OXT  O N N 6   
ALA H    H N N 7   
ALA H2   H N N 8   
ALA HA   H N N 9   
ALA HB1  H N N 10  
ALA HB2  H N N 11  
ALA HB3  H N N 12  
ALA HXT  H N N 13  
ARG N    N N N 14  
ARG CA   C N S 15  
ARG C    C N N 16  
ARG O    O N N 17  
ARG CB   C N N 18  
ARG CG   C N N 19  
ARG CD   C N N 20  
ARG NE   N N N 21  
ARG CZ   C N N 22  
ARG NH1  N N N 23  
ARG NH2  N N N 24  
ARG OXT  O N N 25  
ARG H    H N N 26  
ARG H2   H N N 27  
ARG HA   H N N 28  
ARG HB2  H N N 29  
ARG HB3  H N N 30  
ARG HG2  H N N 31  
ARG HG3  H N N 32  
ARG HD2  H N N 33  
ARG HD3  H N N 34  
ARG HE   H N N 35  
ARG HH11 H N N 36  
ARG HH12 H N N 37  
ARG HH21 H N N 38  
ARG HH22 H N N 39  
ARG HXT  H N N 40  
ASN N    N N N 41  
ASN CA   C N S 42  
ASN C    C N N 43  
ASN O    O N N 44  
ASN CB   C N N 45  
ASN CG   C N N 46  
ASN OD1  O N N 47  
ASN ND2  N N N 48  
ASN OXT  O N N 49  
ASN H    H N N 50  
ASN H2   H N N 51  
ASN HA   H N N 52  
ASN HB2  H N N 53  
ASN HB3  H N N 54  
ASN HD21 H N N 55  
ASN HD22 H N N 56  
ASN HXT  H N N 57  
ASP N    N N N 58  
ASP CA   C N S 59  
ASP C    C N N 60  
ASP O    O N N 61  
ASP CB   C N N 62  
ASP CG   C N N 63  
ASP OD1  O N N 64  
ASP OD2  O N N 65  
ASP OXT  O N N 66  
ASP H    H N N 67  
ASP H2   H N N 68  
ASP HA   H N N 69  
ASP HB2  H N N 70  
ASP HB3  H N N 71  
ASP HD2  H N N 72  
ASP HXT  H N N 73  
CYS N    N N N 74  
CYS CA   C N R 75  
CYS C    C N N 76  
CYS O    O N N 77  
CYS CB   C N N 78  
CYS SG   S N N 79  
CYS OXT  O N N 80  
CYS H    H N N 81  
CYS H2   H N N 82  
CYS HA   H N N 83  
CYS HB2  H N N 84  
CYS HB3  H N N 85  
CYS HG   H N N 86  
CYS HXT  H N N 87  
GLN N    N N N 88  
GLN CA   C N S 89  
GLN C    C N N 90  
GLN O    O N N 91  
GLN CB   C N N 92  
GLN CG   C N N 93  
GLN CD   C N N 94  
GLN OE1  O N N 95  
GLN NE2  N N N 96  
GLN OXT  O N N 97  
GLN H    H N N 98  
GLN H2   H N N 99  
GLN HA   H N N 100 
GLN HB2  H N N 101 
GLN HB3  H N N 102 
GLN HG2  H N N 103 
GLN HG3  H N N 104 
GLN HE21 H N N 105 
GLN HE22 H N N 106 
GLN HXT  H N N 107 
GLU N    N N N 108 
GLU CA   C N S 109 
GLU C    C N N 110 
GLU O    O N N 111 
GLU CB   C N N 112 
GLU CG   C N N 113 
GLU CD   C N N 114 
GLU OE1  O N N 115 
GLU OE2  O N N 116 
GLU OXT  O N N 117 
GLU H    H N N 118 
GLU H2   H N N 119 
GLU HA   H N N 120 
GLU HB2  H N N 121 
GLU HB3  H N N 122 
GLU HG2  H N N 123 
GLU HG3  H N N 124 
GLU HE2  H N N 125 
GLU HXT  H N N 126 
GLY N    N N N 127 
GLY CA   C N N 128 
GLY C    C N N 129 
GLY O    O N N 130 
GLY OXT  O N N 131 
GLY H    H N N 132 
GLY H2   H N N 133 
GLY HA2  H N N 134 
GLY HA3  H N N 135 
GLY HXT  H N N 136 
HIS N    N N N 137 
HIS CA   C N S 138 
HIS C    C N N 139 
HIS O    O N N 140 
HIS CB   C N N 141 
HIS CG   C Y N 142 
HIS ND1  N Y N 143 
HIS CD2  C Y N 144 
HIS CE1  C Y N 145 
HIS NE2  N Y N 146 
HIS OXT  O N N 147 
HIS H    H N N 148 
HIS H2   H N N 149 
HIS HA   H N N 150 
HIS HB2  H N N 151 
HIS HB3  H N N 152 
HIS HD1  H N N 153 
HIS HD2  H N N 154 
HIS HE1  H N N 155 
HIS HE2  H N N 156 
HIS HXT  H N N 157 
ILE N    N N N 158 
ILE CA   C N S 159 
ILE C    C N N 160 
ILE O    O N N 161 
ILE CB   C N S 162 
ILE CG1  C N N 163 
ILE CG2  C N N 164 
ILE CD1  C N N 165 
ILE OXT  O N N 166 
ILE H    H N N 167 
ILE H2   H N N 168 
ILE HA   H N N 169 
ILE HB   H N N 170 
ILE HG12 H N N 171 
ILE HG13 H N N 172 
ILE HG21 H N N 173 
ILE HG22 H N N 174 
ILE HG23 H N N 175 
ILE HD11 H N N 176 
ILE HD12 H N N 177 
ILE HD13 H N N 178 
ILE HXT  H N N 179 
LEU N    N N N 180 
LEU CA   C N S 181 
LEU C    C N N 182 
LEU O    O N N 183 
LEU CB   C N N 184 
LEU CG   C N N 185 
LEU CD1  C N N 186 
LEU CD2  C N N 187 
LEU OXT  O N N 188 
LEU H    H N N 189 
LEU H2   H N N 190 
LEU HA   H N N 191 
LEU HB2  H N N 192 
LEU HB3  H N N 193 
LEU HG   H N N 194 
LEU HD11 H N N 195 
LEU HD12 H N N 196 
LEU HD13 H N N 197 
LEU HD21 H N N 198 
LEU HD22 H N N 199 
LEU HD23 H N N 200 
LEU HXT  H N N 201 
LYS N    N N N 202 
LYS CA   C N S 203 
LYS C    C N N 204 
LYS O    O N N 205 
LYS CB   C N N 206 
LYS CG   C N N 207 
LYS CD   C N N 208 
LYS CE   C N N 209 
LYS NZ   N N N 210 
LYS OXT  O N N 211 
LYS H    H N N 212 
LYS H2   H N N 213 
LYS HA   H N N 214 
LYS HB2  H N N 215 
LYS HB3  H N N 216 
LYS HG2  H N N 217 
LYS HG3  H N N 218 
LYS HD2  H N N 219 
LYS HD3  H N N 220 
LYS HE2  H N N 221 
LYS HE3  H N N 222 
LYS HZ1  H N N 223 
LYS HZ2  H N N 224 
LYS HZ3  H N N 225 
LYS HXT  H N N 226 
MET N    N N N 227 
MET CA   C N S 228 
MET C    C N N 229 
MET O    O N N 230 
MET CB   C N N 231 
MET CG   C N N 232 
MET SD   S N N 233 
MET CE   C N N 234 
MET OXT  O N N 235 
MET H    H N N 236 
MET H2   H N N 237 
MET HA   H N N 238 
MET HB2  H N N 239 
MET HB3  H N N 240 
MET HG2  H N N 241 
MET HG3  H N N 242 
MET HE1  H N N 243 
MET HE2  H N N 244 
MET HE3  H N N 245 
MET HXT  H N N 246 
PHE N    N N N 247 
PHE CA   C N S 248 
PHE C    C N N 249 
PHE O    O N N 250 
PHE CB   C N N 251 
PHE CG   C Y N 252 
PHE CD1  C Y N 253 
PHE CD2  C Y N 254 
PHE CE1  C Y N 255 
PHE CE2  C Y N 256 
PHE CZ   C Y N 257 
PHE OXT  O N N 258 
PHE H    H N N 259 
PHE H2   H N N 260 
PHE HA   H N N 261 
PHE HB2  H N N 262 
PHE HB3  H N N 263 
PHE HD1  H N N 264 
PHE HD2  H N N 265 
PHE HE1  H N N 266 
PHE HE2  H N N 267 
PHE HZ   H N N 268 
PHE HXT  H N N 269 
PRO N    N N N 270 
PRO CA   C N S 271 
PRO C    C N N 272 
PRO O    O N N 273 
PRO CB   C N N 274 
PRO CG   C N N 275 
PRO CD   C N N 276 
PRO OXT  O N N 277 
PRO H    H N N 278 
PRO HA   H N N 279 
PRO HB2  H N N 280 
PRO HB3  H N N 281 
PRO HG2  H N N 282 
PRO HG3  H N N 283 
PRO HD2  H N N 284 
PRO HD3  H N N 285 
PRO HXT  H N N 286 
SER N    N N N 287 
SER CA   C N S 288 
SER C    C N N 289 
SER O    O N N 290 
SER CB   C N N 291 
SER OG   O N N 292 
SER OXT  O N N 293 
SER H    H N N 294 
SER H2   H N N 295 
SER HA   H N N 296 
SER HB2  H N N 297 
SER HB3  H N N 298 
SER HG   H N N 299 
SER HXT  H N N 300 
THR N    N N N 301 
THR CA   C N S 302 
THR C    C N N 303 
THR O    O N N 304 
THR CB   C N R 305 
THR OG1  O N N 306 
THR CG2  C N N 307 
THR OXT  O N N 308 
THR H    H N N 309 
THR H2   H N N 310 
THR HA   H N N 311 
THR HB   H N N 312 
THR HG1  H N N 313 
THR HG21 H N N 314 
THR HG22 H N N 315 
THR HG23 H N N 316 
THR HXT  H N N 317 
TRP N    N N N 318 
TRP CA   C N S 319 
TRP C    C N N 320 
TRP O    O N N 321 
TRP CB   C N N 322 
TRP CG   C Y N 323 
TRP CD1  C Y N 324 
TRP CD2  C Y N 325 
TRP NE1  N Y N 326 
TRP CE2  C Y N 327 
TRP CE3  C Y N 328 
TRP CZ2  C Y N 329 
TRP CZ3  C Y N 330 
TRP CH2  C Y N 331 
TRP OXT  O N N 332 
TRP H    H N N 333 
TRP H2   H N N 334 
TRP HA   H N N 335 
TRP HB2  H N N 336 
TRP HB3  H N N 337 
TRP HD1  H N N 338 
TRP HE1  H N N 339 
TRP HE3  H N N 340 
TRP HZ2  H N N 341 
TRP HZ3  H N N 342 
TRP HH2  H N N 343 
TRP HXT  H N N 344 
TYR N    N N N 345 
TYR CA   C N S 346 
TYR C    C N N 347 
TYR O    O N N 348 
TYR CB   C N N 349 
TYR CG   C Y N 350 
TYR CD1  C Y N 351 
TYR CD2  C Y N 352 
TYR CE1  C Y N 353 
TYR CE2  C Y N 354 
TYR CZ   C Y N 355 
TYR OH   O N N 356 
TYR OXT  O N N 357 
TYR H    H N N 358 
TYR H2   H N N 359 
TYR HA   H N N 360 
TYR HB2  H N N 361 
TYR HB3  H N N 362 
TYR HD1  H N N 363 
TYR HD2  H N N 364 
TYR HE1  H N N 365 
TYR HE2  H N N 366 
TYR HH   H N N 367 
TYR HXT  H N N 368 
VAL N    N N N 369 
VAL CA   C N S 370 
VAL C    C N N 371 
VAL O    O N N 372 
VAL CB   C N N 373 
VAL CG1  C N N 374 
VAL CG2  C N N 375 
VAL OXT  O N N 376 
VAL H    H N N 377 
VAL H2   H N N 378 
VAL HA   H N N 379 
VAL HB   H N N 380 
VAL HG11 H N N 381 
VAL HG12 H N N 382 
VAL HG13 H N N 383 
VAL HG21 H N N 384 
VAL HG22 H N N 385 
VAL HG23 H N N 386 
VAL HXT  H N N 387 
# 
loop_
_chem_comp_bond.comp_id 
_chem_comp_bond.atom_id_1 
_chem_comp_bond.atom_id_2 
_chem_comp_bond.value_order 
_chem_comp_bond.pdbx_aromatic_flag 
_chem_comp_bond.pdbx_stereo_config 
_chem_comp_bond.pdbx_ordinal 
ALA N   CA   sing N N 1   
ALA N   H    sing N N 2   
ALA N   H2   sing N N 3   
ALA CA  C    sing N N 4   
ALA CA  CB   sing N N 5   
ALA CA  HA   sing N N 6   
ALA C   O    doub N N 7   
ALA C   OXT  sing N N 8   
ALA CB  HB1  sing N N 9   
ALA CB  HB2  sing N N 10  
ALA CB  HB3  sing N N 11  
ALA OXT HXT  sing N N 12  
ARG N   CA   sing N N 13  
ARG N   H    sing N N 14  
ARG N   H2   sing N N 15  
ARG CA  C    sing N N 16  
ARG CA  CB   sing N N 17  
ARG CA  HA   sing N N 18  
ARG C   O    doub N N 19  
ARG C   OXT  sing N N 20  
ARG CB  CG   sing N N 21  
ARG CB  HB2  sing N N 22  
ARG CB  HB3  sing N N 23  
ARG CG  CD   sing N N 24  
ARG CG  HG2  sing N N 25  
ARG CG  HG3  sing N N 26  
ARG CD  NE   sing N N 27  
ARG CD  HD2  sing N N 28  
ARG CD  HD3  sing N N 29  
ARG NE  CZ   sing N N 30  
ARG NE  HE   sing N N 31  
ARG CZ  NH1  sing N N 32  
ARG CZ  NH2  doub N N 33  
ARG NH1 HH11 sing N N 34  
ARG NH1 HH12 sing N N 35  
ARG NH2 HH21 sing N N 36  
ARG NH2 HH22 sing N N 37  
ARG OXT HXT  sing N N 38  
ASN N   CA   sing N N 39  
ASN N   H    sing N N 40  
ASN N   H2   sing N N 41  
ASN CA  C    sing N N 42  
ASN CA  CB   sing N N 43  
ASN CA  HA   sing N N 44  
ASN C   O    doub N N 45  
ASN C   OXT  sing N N 46  
ASN CB  CG   sing N N 47  
ASN CB  HB2  sing N N 48  
ASN CB  HB3  sing N N 49  
ASN CG  OD1  doub N N 50  
ASN CG  ND2  sing N N 51  
ASN ND2 HD21 sing N N 52  
ASN ND2 HD22 sing N N 53  
ASN OXT HXT  sing N N 54  
ASP N   CA   sing N N 55  
ASP N   H    sing N N 56  
ASP N   H2   sing N N 57  
ASP CA  C    sing N N 58  
ASP CA  CB   sing N N 59  
ASP CA  HA   sing N N 60  
ASP C   O    doub N N 61  
ASP C   OXT  sing N N 62  
ASP CB  CG   sing N N 63  
ASP CB  HB2  sing N N 64  
ASP CB  HB3  sing N N 65  
ASP CG  OD1  doub N N 66  
ASP CG  OD2  sing N N 67  
ASP OD2 HD2  sing N N 68  
ASP OXT HXT  sing N N 69  
CYS N   CA   sing N N 70  
CYS N   H    sing N N 71  
CYS N   H2   sing N N 72  
CYS CA  C    sing N N 73  
CYS CA  CB   sing N N 74  
CYS CA  HA   sing N N 75  
CYS C   O    doub N N 76  
CYS C   OXT  sing N N 77  
CYS CB  SG   sing N N 78  
CYS CB  HB2  sing N N 79  
CYS CB  HB3  sing N N 80  
CYS SG  HG   sing N N 81  
CYS OXT HXT  sing N N 82  
GLN N   CA   sing N N 83  
GLN N   H    sing N N 84  
GLN N   H2   sing N N 85  
GLN CA  C    sing N N 86  
GLN CA  CB   sing N N 87  
GLN CA  HA   sing N N 88  
GLN C   O    doub N N 89  
GLN C   OXT  sing N N 90  
GLN CB  CG   sing N N 91  
GLN CB  HB2  sing N N 92  
GLN CB  HB3  sing N N 93  
GLN CG  CD   sing N N 94  
GLN CG  HG2  sing N N 95  
GLN CG  HG3  sing N N 96  
GLN CD  OE1  doub N N 97  
GLN CD  NE2  sing N N 98  
GLN NE2 HE21 sing N N 99  
GLN NE2 HE22 sing N N 100 
GLN OXT HXT  sing N N 101 
GLU N   CA   sing N N 102 
GLU N   H    sing N N 103 
GLU N   H2   sing N N 104 
GLU CA  C    sing N N 105 
GLU CA  CB   sing N N 106 
GLU CA  HA   sing N N 107 
GLU C   O    doub N N 108 
GLU C   OXT  sing N N 109 
GLU CB  CG   sing N N 110 
GLU CB  HB2  sing N N 111 
GLU CB  HB3  sing N N 112 
GLU CG  CD   sing N N 113 
GLU CG  HG2  sing N N 114 
GLU CG  HG3  sing N N 115 
GLU CD  OE1  doub N N 116 
GLU CD  OE2  sing N N 117 
GLU OE2 HE2  sing N N 118 
GLU OXT HXT  sing N N 119 
GLY N   CA   sing N N 120 
GLY N   H    sing N N 121 
GLY N   H2   sing N N 122 
GLY CA  C    sing N N 123 
GLY CA  HA2  sing N N 124 
GLY CA  HA3  sing N N 125 
GLY C   O    doub N N 126 
GLY C   OXT  sing N N 127 
GLY OXT HXT  sing N N 128 
HIS N   CA   sing N N 129 
HIS N   H    sing N N 130 
HIS N   H2   sing N N 131 
HIS CA  C    sing N N 132 
HIS CA  CB   sing N N 133 
HIS CA  HA   sing N N 134 
HIS C   O    doub N N 135 
HIS C   OXT  sing N N 136 
HIS CB  CG   sing N N 137 
HIS CB  HB2  sing N N 138 
HIS CB  HB3  sing N N 139 
HIS CG  ND1  sing Y N 140 
HIS CG  CD2  doub Y N 141 
HIS ND1 CE1  doub Y N 142 
HIS ND1 HD1  sing N N 143 
HIS CD2 NE2  sing Y N 144 
HIS CD2 HD2  sing N N 145 
HIS CE1 NE2  sing Y N 146 
HIS CE1 HE1  sing N N 147 
HIS NE2 HE2  sing N N 148 
HIS OXT HXT  sing N N 149 
ILE N   CA   sing N N 150 
ILE N   H    sing N N 151 
ILE N   H2   sing N N 152 
ILE CA  C    sing N N 153 
ILE CA  CB   sing N N 154 
ILE CA  HA   sing N N 155 
ILE C   O    doub N N 156 
ILE C   OXT  sing N N 157 
ILE CB  CG1  sing N N 158 
ILE CB  CG2  sing N N 159 
ILE CB  HB   sing N N 160 
ILE CG1 CD1  sing N N 161 
ILE CG1 HG12 sing N N 162 
ILE CG1 HG13 sing N N 163 
ILE CG2 HG21 sing N N 164 
ILE CG2 HG22 sing N N 165 
ILE CG2 HG23 sing N N 166 
ILE CD1 HD11 sing N N 167 
ILE CD1 HD12 sing N N 168 
ILE CD1 HD13 sing N N 169 
ILE OXT HXT  sing N N 170 
LEU N   CA   sing N N 171 
LEU N   H    sing N N 172 
LEU N   H2   sing N N 173 
LEU CA  C    sing N N 174 
LEU CA  CB   sing N N 175 
LEU CA  HA   sing N N 176 
LEU C   O    doub N N 177 
LEU C   OXT  sing N N 178 
LEU CB  CG   sing N N 179 
LEU CB  HB2  sing N N 180 
LEU CB  HB3  sing N N 181 
LEU CG  CD1  sing N N 182 
LEU CG  CD2  sing N N 183 
LEU CG  HG   sing N N 184 
LEU CD1 HD11 sing N N 185 
LEU CD1 HD12 sing N N 186 
LEU CD1 HD13 sing N N 187 
LEU CD2 HD21 sing N N 188 
LEU CD2 HD22 sing N N 189 
LEU CD2 HD23 sing N N 190 
LEU OXT HXT  sing N N 191 
LYS N   CA   sing N N 192 
LYS N   H    sing N N 193 
LYS N   H2   sing N N 194 
LYS CA  C    sing N N 195 
LYS CA  CB   sing N N 196 
LYS CA  HA   sing N N 197 
LYS C   O    doub N N 198 
LYS C   OXT  sing N N 199 
LYS CB  CG   sing N N 200 
LYS CB  HB2  sing N N 201 
LYS CB  HB3  sing N N 202 
LYS CG  CD   sing N N 203 
LYS CG  HG2  sing N N 204 
LYS CG  HG3  sing N N 205 
LYS CD  CE   sing N N 206 
LYS CD  HD2  sing N N 207 
LYS CD  HD3  sing N N 208 
LYS CE  NZ   sing N N 209 
LYS CE  HE2  sing N N 210 
LYS CE  HE3  sing N N 211 
LYS NZ  HZ1  sing N N 212 
LYS NZ  HZ2  sing N N 213 
LYS NZ  HZ3  sing N N 214 
LYS OXT HXT  sing N N 215 
MET N   CA   sing N N 216 
MET N   H    sing N N 217 
MET N   H2   sing N N 218 
MET CA  C    sing N N 219 
MET CA  CB   sing N N 220 
MET CA  HA   sing N N 221 
MET C   O    doub N N 222 
MET C   OXT  sing N N 223 
MET CB  CG   sing N N 224 
MET CB  HB2  sing N N 225 
MET CB  HB3  sing N N 226 
MET CG  SD   sing N N 227 
MET CG  HG2  sing N N 228 
MET CG  HG3  sing N N 229 
MET SD  CE   sing N N 230 
MET CE  HE1  sing N N 231 
MET CE  HE2  sing N N 232 
MET CE  HE3  sing N N 233 
MET OXT HXT  sing N N 234 
PHE N   CA   sing N N 235 
PHE N   H    sing N N 236 
PHE N   H2   sing N N 237 
PHE CA  C    sing N N 238 
PHE CA  CB   sing N N 239 
PHE CA  HA   sing N N 240 
PHE C   O    doub N N 241 
PHE C   OXT  sing N N 242 
PHE CB  CG   sing N N 243 
PHE CB  HB2  sing N N 244 
PHE CB  HB3  sing N N 245 
PHE CG  CD1  doub Y N 246 
PHE CG  CD2  sing Y N 247 
PHE CD1 CE1  sing Y N 248 
PHE CD1 HD1  sing N N 249 
PHE CD2 CE2  doub Y N 250 
PHE CD2 HD2  sing N N 251 
PHE CE1 CZ   doub Y N 252 
PHE CE1 HE1  sing N N 253 
PHE CE2 CZ   sing Y N 254 
PHE CE2 HE2  sing N N 255 
PHE CZ  HZ   sing N N 256 
PHE OXT HXT  sing N N 257 
PRO N   CA   sing N N 258 
PRO N   CD   sing N N 259 
PRO N   H    sing N N 260 
PRO CA  C    sing N N 261 
PRO CA  CB   sing N N 262 
PRO CA  HA   sing N N 263 
PRO C   O    doub N N 264 
PRO C   OXT  sing N N 265 
PRO CB  CG   sing N N 266 
PRO CB  HB2  sing N N 267 
PRO CB  HB3  sing N N 268 
PRO CG  CD   sing N N 269 
PRO CG  HG2  sing N N 270 
PRO CG  HG3  sing N N 271 
PRO CD  HD2  sing N N 272 
PRO CD  HD3  sing N N 273 
PRO OXT HXT  sing N N 274 
SER N   CA   sing N N 275 
SER N   H    sing N N 276 
SER N   H2   sing N N 277 
SER CA  C    sing N N 278 
SER CA  CB   sing N N 279 
SER CA  HA   sing N N 280 
SER C   O    doub N N 281 
SER C   OXT  sing N N 282 
SER CB  OG   sing N N 283 
SER CB  HB2  sing N N 284 
SER CB  HB3  sing N N 285 
SER OG  HG   sing N N 286 
SER OXT HXT  sing N N 287 
THR N   CA   sing N N 288 
THR N   H    sing N N 289 
THR N   H2   sing N N 290 
THR CA  C    sing N N 291 
THR CA  CB   sing N N 292 
THR CA  HA   sing N N 293 
THR C   O    doub N N 294 
THR C   OXT  sing N N 295 
THR CB  OG1  sing N N 296 
THR CB  CG2  sing N N 297 
THR CB  HB   sing N N 298 
THR OG1 HG1  sing N N 299 
THR CG2 HG21 sing N N 300 
THR CG2 HG22 sing N N 301 
THR CG2 HG23 sing N N 302 
THR OXT HXT  sing N N 303 
TRP N   CA   sing N N 304 
TRP N   H    sing N N 305 
TRP N   H2   sing N N 306 
TRP CA  C    sing N N 307 
TRP CA  CB   sing N N 308 
TRP CA  HA   sing N N 309 
TRP C   O    doub N N 310 
TRP C   OXT  sing N N 311 
TRP CB  CG   sing N N 312 
TRP CB  HB2  sing N N 313 
TRP CB  HB3  sing N N 314 
TRP CG  CD1  doub Y N 315 
TRP CG  CD2  sing Y N 316 
TRP CD1 NE1  sing Y N 317 
TRP CD1 HD1  sing N N 318 
TRP CD2 CE2  doub Y N 319 
TRP CD2 CE3  sing Y N 320 
TRP NE1 CE2  sing Y N 321 
TRP NE1 HE1  sing N N 322 
TRP CE2 CZ2  sing Y N 323 
TRP CE3 CZ3  doub Y N 324 
TRP CE3 HE3  sing N N 325 
TRP CZ2 CH2  doub Y N 326 
TRP CZ2 HZ2  sing N N 327 
TRP CZ3 CH2  sing Y N 328 
TRP CZ3 HZ3  sing N N 329 
TRP CH2 HH2  sing N N 330 
TRP OXT HXT  sing N N 331 
TYR N   CA   sing N N 332 
TYR N   H    sing N N 333 
TYR N   H2   sing N N 334 
TYR CA  C    sing N N 335 
TYR CA  CB   sing N N 336 
TYR CA  HA   sing N N 337 
TYR C   O    doub N N 338 
TYR C   OXT  sing N N 339 
TYR CB  CG   sing N N 340 
TYR CB  HB2  sing N N 341 
TYR CB  HB3  sing N N 342 
TYR CG  CD1  doub Y N 343 
TYR CG  CD2  sing Y N 344 
TYR CD1 CE1  sing Y N 345 
TYR CD1 HD1  sing N N 346 
TYR CD2 CE2  doub Y N 347 
TYR CD2 HD2  sing N N 348 
TYR CE1 CZ   doub Y N 349 
TYR CE1 HE1  sing N N 350 
TYR CE2 CZ   sing Y N 351 
TYR CE2 HE2  sing N N 352 
TYR CZ  OH   sing N N 353 
TYR OH  HH   sing N N 354 
TYR OXT HXT  sing N N 355 
VAL N   CA   sing N N 356 
VAL N   H    sing N N 357 
VAL N   H2   sing N N 358 
VAL CA  C    sing N N 359 
VAL CA  CB   sing N N 360 
VAL CA  HA   sing N N 361 
VAL C   O    doub N N 362 
VAL C   OXT  sing N N 363 
VAL CB  CG1  sing N N 364 
VAL CB  CG2  sing N N 365 
VAL CB  HB   sing N N 366 
VAL CG1 HG11 sing N N 367 
VAL CG1 HG12 sing N N 368 
VAL CG1 HG13 sing N N 369 
VAL CG2 HG21 sing N N 370 
VAL CG2 HG22 sing N N 371 
VAL CG2 HG23 sing N N 372 
VAL OXT HXT  sing N N 373 
# 
_atom_sites.entry_id                    1H6O 
_atom_sites.fract_transf_matrix[1][1]   -0.00442705 
_atom_sites.fract_transf_matrix[1][2]   -0.01151717 
_atom_sites.fract_transf_matrix[1][3]   0.00553305 
_atom_sites.fract_transf_matrix[2][1]   -0.00928787 
_atom_sites.fract_transf_matrix[2][2]   -0.00744901 
_atom_sites.fract_transf_matrix[2][3]   -0.00641244 
_atom_sites.fract_transf_matrix[3][1]   0.00792930 
_atom_sites.fract_transf_matrix[3][2]   -0.00549747 
_atom_sites.fract_transf_matrix[3][3]   -0.00509878 
_atom_sites.fract_transf_vector[1]      0.505691 
_atom_sites.fract_transf_vector[2]      0.295239 
_atom_sites.fract_transf_vector[3]      0.393898 
# 
loop_
_atom_type.symbol 
C 
N 
O 
S 
# 
loop_
_atom_site.group_PDB 
_atom_site.id 
_atom_site.type_symbol 
_atom_site.label_atom_id 
_atom_site.label_alt_id 
_atom_site.label_comp_id 
_atom_site.label_asym_id 
_atom_site.label_entity_id 
_atom_site.label_seq_id 
_atom_site.pdbx_PDB_ins_code 
_atom_site.Cartn_x 
_atom_site.Cartn_y 
_atom_site.Cartn_z 
_atom_site.occupancy 
_atom_site.B_iso_or_equiv 
_atom_site.pdbx_formal_charge 
_atom_site.auth_seq_id 
_atom_site.auth_comp_id 
_atom_site.auth_asym_id 
_atom_site.auth_atom_id 
_atom_site.pdbx_PDB_model_num 
ATOM 1    N N   . GLU A 1 1   ? 26.630  6.538   -34.790 1.00 106.60 ? 62  GLU A N   1 
ATOM 2    C CA  . GLU A 1 1   ? 25.783  5.335   -34.534 1.00 106.83 ? 62  GLU A CA  1 
ATOM 3    C C   . GLU A 1 1   ? 25.671  5.020   -33.038 1.00 106.22 ? 62  GLU A C   1 
ATOM 4    O O   . GLU A 1 1   ? 25.797  3.860   -32.636 1.00 106.66 ? 62  GLU A O   1 
ATOM 5    C CB  . GLU A 1 1   ? 26.360  4.120   -35.278 1.00 106.50 ? 62  GLU A CB  1 
ATOM 6    N N   . ASP A 1 2   ? 25.432  6.055   -32.228 1.00 105.01 ? 63  ASP A N   1 
ATOM 7    C CA  . ASP A 1 2   ? 25.295  5.920   -30.772 1.00 103.87 ? 63  ASP A CA  1 
ATOM 8    C C   . ASP A 1 2   ? 24.803  4.529   -30.375 1.00 102.84 ? 63  ASP A C   1 
ATOM 9    O O   . ASP A 1 2   ? 23.975  3.943   -31.073 1.00 103.74 ? 63  ASP A O   1 
ATOM 10   C CB  . ASP A 1 2   ? 24.318  6.977   -30.237 1.00 103.16 ? 63  ASP A CB  1 
ATOM 11   N N   . ALA A 1 3   ? 25.306  3.995   -29.263 1.00 100.82 ? 64  ALA A N   1 
ATOM 12   C CA  . ALA A 1 3   ? 24.877  2.669   -28.830 1.00 98.98  ? 64  ALA A CA  1 
ATOM 13   C C   . ALA A 1 3   ? 25.318  2.307   -27.415 1.00 97.51  ? 64  ALA A C   1 
ATOM 14   O O   . ALA A 1 3   ? 26.467  2.565   -27.028 1.00 97.45  ? 64  ALA A O   1 
ATOM 15   C CB  . ALA A 1 3   ? 25.384  1.617   -29.816 1.00 99.22  ? 64  ALA A CB  1 
ATOM 16   N N   . GLY A 1 4   ? 24.402  1.705   -26.653 1.00 94.68  ? 65  GLY A N   1 
ATOM 17   C CA  . GLY A 1 4   ? 24.707  1.286   -25.291 1.00 91.48  ? 65  GLY A CA  1 
ATOM 18   C C   . GLY A 1 4   ? 24.542  2.359   -24.231 1.00 88.81  ? 65  GLY A C   1 
ATOM 19   O O   . GLY A 1 4   ? 24.114  2.074   -23.106 1.00 87.47  ? 65  GLY A O   1 
ATOM 20   N N   . LEU A 1 5   ? 24.919  3.587   -24.583 1.00 86.40  ? 66  LEU A N   1 
ATOM 21   C CA  . LEU A 1 5   ? 24.787  4.728   -23.684 1.00 83.61  ? 66  LEU A CA  1 
ATOM 22   C C   . LEU A 1 5   ? 23.302  5.060   -23.721 1.00 81.37  ? 66  LEU A C   1 
ATOM 23   O O   . LEU A 1 5   ? 22.745  5.633   -22.785 1.00 80.04  ? 66  LEU A O   1 
ATOM 24   C CB  . LEU A 1 5   ? 25.610  5.915   -24.196 1.00 82.99  ? 66  LEU A CB  1 
ATOM 25   N N   . VAL A 1 6   ? 22.681  4.672   -24.833 1.00 79.63  ? 67  VAL A N   1 
ATOM 26   C CA  . VAL A 1 6   ? 21.257  4.863   -25.064 1.00 77.21  ? 67  VAL A CA  1 
ATOM 27   C C   . VAL A 1 6   ? 20.510  3.990   -24.057 1.00 75.35  ? 67  VAL A C   1 
ATOM 28   O O   . VAL A 1 6   ? 19.606  4.455   -23.359 1.00 74.00  ? 67  VAL A O   1 
ATOM 29   C CB  . VAL A 1 6   ? 20.882  4.457   -26.523 1.00 76.82  ? 67  VAL A CB  1 
ATOM 30   C CG1 . VAL A 1 6   ? 19.374  4.479   -26.727 1.00 76.28  ? 67  VAL A CG1 1 
ATOM 31   C CG2 . VAL A 1 6   ? 21.537  5.419   -27.501 1.00 77.14  ? 67  VAL A CG2 1 
ATOM 32   N N   . ALA A 1 7   ? 20.900  2.724   -23.976 1.00 73.58  ? 68  ALA A N   1 
ATOM 33   C CA  . ALA A 1 7   ? 20.272  1.816   -23.034 1.00 72.99  ? 68  ALA A CA  1 
ATOM 34   C C   . ALA A 1 7   ? 20.372  2.438   -21.642 1.00 73.08  ? 68  ALA A C   1 
ATOM 35   O O   . ALA A 1 7   ? 19.378  2.513   -20.912 1.00 73.33  ? 68  ALA A O   1 
ATOM 36   C CB  . ALA A 1 7   ? 20.970  0.467   -23.063 1.00 71.91  ? 68  ALA A CB  1 
ATOM 37   N N   . GLU A 1 8   ? 21.575  2.895   -21.292 1.00 72.63  ? 69  GLU A N   1 
ATOM 38   C CA  . GLU A 1 8   ? 21.827  3.517   -19.995 1.00 71.63  ? 69  GLU A CA  1 
ATOM 39   C C   . GLU A 1 8   ? 20.998  4.794   -19.799 1.00 70.62  ? 69  GLU A C   1 
ATOM 40   O O   . GLU A 1 8   ? 20.614  5.126   -18.672 1.00 70.60  ? 69  GLU A O   1 
ATOM 41   C CB  . GLU A 1 8   ? 23.321  3.826   -19.843 1.00 72.43  ? 69  GLU A CB  1 
ATOM 42   N N   . ALA A 1 9   ? 20.729  5.506   -20.892 1.00 68.79  ? 70  ALA A N   1 
ATOM 43   C CA  . ALA A 1 9   ? 19.925  6.724   -20.831 1.00 67.36  ? 70  ALA A CA  1 
ATOM 44   C C   . ALA A 1 9   ? 18.510  6.354   -20.399 1.00 67.40  ? 70  ALA A C   1 
ATOM 45   O O   . ALA A 1 9   ? 17.912  7.007   -19.540 1.00 67.47  ? 70  ALA A O   1 
ATOM 46   C CB  . ALA A 1 9   ? 19.887  7.399   -22.188 1.00 65.16  ? 70  ALA A CB  1 
ATOM 47   N N   . GLU A 1 10  ? 17.989  5.290   -21.001 1.00 67.01  ? 71  GLU A N   1 
ATOM 48   C CA  . GLU A 1 10  ? 16.650  4.807   -20.709 1.00 65.41  ? 71  GLU A CA  1 
ATOM 49   C C   . GLU A 1 10  ? 16.484  4.461   -19.241 1.00 64.16  ? 71  GLU A C   1 
ATOM 50   O O   . GLU A 1 10  ? 15.476  4.802   -18.629 1.00 63.21  ? 71  GLU A O   1 
ATOM 51   C CB  . GLU A 1 10  ? 16.342  3.590   -21.579 1.00 67.23  ? 71  GLU A CB  1 
ATOM 52   C CG  . GLU A 1 10  ? 16.420  3.884   -23.070 1.00 70.47  ? 71  GLU A CG  1 
ATOM 53   C CD  . GLU A 1 10  ? 15.965  2.720   -23.936 1.00 72.90  ? 71  GLU A CD  1 
ATOM 54   O OE1 . GLU A 1 10  ? 16.415  1.578   -23.691 1.00 74.51  ? 71  GLU A OE1 1 
ATOM 55   O OE2 . GLU A 1 10  ? 15.167  2.951   -24.872 1.00 73.67  ? 71  GLU A OE2 1 
ATOM 56   N N   . ALA A 1 11  ? 17.478  3.791   -18.672 1.00 63.94  ? 72  ALA A N   1 
ATOM 57   C CA  . ALA A 1 11  ? 17.429  3.419   -17.258 1.00 63.82  ? 72  ALA A CA  1 
ATOM 58   C C   . ALA A 1 11  ? 17.266  4.658   -16.379 1.00 64.00  ? 72  ALA A C   1 
ATOM 59   O O   . ALA A 1 11  ? 16.532  4.632   -15.386 1.00 64.04  ? 72  ALA A O   1 
ATOM 60   C CB  . ALA A 1 11  ? 18.694  2.670   -16.867 1.00 63.09  ? 72  ALA A CB  1 
ATOM 61   N N   . VAL A 1 12  ? 17.963  5.736   -16.741 1.00 63.41  ? 73  VAL A N   1 
ATOM 62   C CA  . VAL A 1 12  ? 17.876  6.983   -15.989 1.00 62.37  ? 73  VAL A CA  1 
ATOM 63   C C   . VAL A 1 12  ? 16.473  7.537   -16.176 1.00 60.74  ? 73  VAL A C   1 
ATOM 64   O O   . VAL A 1 12  ? 15.842  7.967   -15.214 1.00 59.89  ? 73  VAL A O   1 
ATOM 65   C CB  . VAL A 1 12  ? 18.909  8.028   -16.481 1.00 62.81  ? 73  VAL A CB  1 
ATOM 66   N N   . ALA A 1 13  ? 15.989  7.518   -17.419 1.00 59.16  ? 74  ALA A N   1 
ATOM 67   C CA  . ALA A 1 13  ? 14.646  8.006   -17.718 1.00 57.82  ? 74  ALA A CA  1 
ATOM 68   C C   . ALA A 1 13  ? 13.612  7.055   -17.097 1.00 56.48  ? 74  ALA A C   1 
ATOM 69   O O   . ALA A 1 13  ? 12.485  7.454   -16.803 1.00 56.88  ? 74  ALA A O   1 
ATOM 70   C CB  . ALA A 1 13  ? 14.437  8.131   -19.237 1.00 55.62  ? 74  ALA A CB  1 
ATOM 71   N N   . ALA A 1 14  ? 13.994  5.801   -16.887 1.00 54.89  ? 75  ALA A N   1 
ATOM 72   C CA  . ALA A 1 14  ? 13.079  4.853   -16.262 1.00 54.55  ? 75  ALA A CA  1 
ATOM 73   C C   . ALA A 1 14  ? 12.932  5.272   -14.805 1.00 55.05  ? 75  ALA A C   1 
ATOM 74   O O   . ALA A 1 14  ? 11.839  5.633   -14.359 1.00 55.66  ? 75  ALA A O   1 
ATOM 75   C CB  . ALA A 1 14  ? 13.624  3.428   -16.347 1.00 52.74  ? 75  ALA A CB  1 
ATOM 76   N N   . GLY A 1 15  ? 14.045  5.230   -14.071 1.00 54.59  ? 76  GLY A N   1 
ATOM 77   C CA  . GLY A 1 15  ? 14.029  5.613   -12.673 1.00 53.63  ? 76  GLY A CA  1 
ATOM 78   C C   . GLY A 1 15  ? 13.328  6.942   -12.437 1.00 53.09  ? 76  GLY A C   1 
ATOM 79   O O   . GLY A 1 15  ? 12.771  7.185   -11.367 1.00 51.73  ? 76  GLY A O   1 
ATOM 80   N N   . TRP A 1 16  ? 13.359  7.817   -13.431 1.00 53.61  ? 77  TRP A N   1 
ATOM 81   C CA  . TRP A 1 16  ? 12.691  9.098   -13.283 1.00 55.10  ? 77  TRP A CA  1 
ATOM 82   C C   . TRP A 1 16  ? 11.190  8.848   -13.234 1.00 54.03  ? 77  TRP A C   1 
ATOM 83   O O   . TRP A 1 16  ? 10.507  9.269   -12.284 1.00 53.36  ? 77  TRP A O   1 
ATOM 84   C CB  . TRP A 1 16  ? 13.041  10.047  -14.446 1.00 57.55  ? 77  TRP A CB  1 
ATOM 85   C CG  . TRP A 1 16  ? 14.378  10.742  -14.279 1.00 60.54  ? 77  TRP A CG  1 
ATOM 86   C CD1 . TRP A 1 16  ? 15.010  11.023  -13.104 1.00 60.08  ? 77  TRP A CD1 1 
ATOM 87   C CD2 . TRP A 1 16  ? 15.219  11.275  -15.321 1.00 63.25  ? 77  TRP A CD2 1 
ATOM 88   N NE1 . TRP A 1 16  ? 16.185  11.693  -13.345 1.00 61.71  ? 77  TRP A NE1 1 
ATOM 89   C CE2 . TRP A 1 16  ? 16.341  11.860  -14.693 1.00 62.29  ? 77  TRP A CE2 1 
ATOM 90   C CE3 . TRP A 1 16  ? 15.130  11.319  -16.726 1.00 64.64  ? 77  TRP A CE3 1 
ATOM 91   C CZ2 . TRP A 1 16  ? 17.368  12.479  -15.414 1.00 62.94  ? 77  TRP A CZ2 1 
ATOM 92   C CZ3 . TRP A 1 16  ? 16.153  11.939  -17.445 1.00 63.54  ? 77  TRP A CZ3 1 
ATOM 93   C CH2 . TRP A 1 16  ? 17.256  12.510  -16.785 1.00 64.24  ? 77  TRP A CH2 1 
ATOM 94   N N   . MET A 1 17  ? 10.695  8.145   -14.254 1.00 52.48  ? 78  MET A N   1 
ATOM 95   C CA  . MET A 1 17  ? 9.281   7.809   -14.363 1.00 51.00  ? 78  MET A CA  1 
ATOM 96   C C   . MET A 1 17  ? 8.757   7.087   -13.119 1.00 49.89  ? 78  MET A C   1 
ATOM 97   O O   . MET A 1 17  ? 7.688   7.418   -12.590 1.00 48.14  ? 78  MET A O   1 
ATOM 98   C CB  . MET A 1 17  ? 9.058   6.958   -15.610 1.00 50.13  ? 78  MET A CB  1 
ATOM 99   C CG  . MET A 1 17  ? 9.471   7.678   -16.871 1.00 50.82  ? 78  MET A CG  1 
ATOM 100  S SD  . MET A 1 17  ? 8.886   6.948   -18.400 1.00 51.25  ? 78  MET A SD  1 
ATOM 101  C CE  . MET A 1 17  ? 10.324  6.064   -18.935 1.00 47.36  ? 78  MET A CE  1 
ATOM 102  N N   . LEU A 1 18  ? 9.524   6.107   -12.660 1.00 49.07  ? 79  LEU A N   1 
ATOM 103  C CA  . LEU A 1 18  ? 9.183   5.335   -11.483 1.00 50.30  ? 79  LEU A CA  1 
ATOM 104  C C   . LEU A 1 18  ? 8.891   6.239   -10.274 1.00 51.75  ? 79  LEU A C   1 
ATOM 105  O O   . LEU A 1 18  ? 7.886   6.059   -9.573  1.00 53.28  ? 79  LEU A O   1 
ATOM 106  C CB  . LEU A 1 18  ? 10.333  4.365   -11.188 1.00 50.81  ? 79  LEU A CB  1 
ATOM 107  C CG  . LEU A 1 18  ? 10.298  3.403   -9.996  1.00 52.19  ? 79  LEU A CG  1 
ATOM 108  C CD1 . LEU A 1 18  ? 10.886  4.056   -8.769  1.00 52.99  ? 79  LEU A CD1 1 
ATOM 109  C CD2 . LEU A 1 18  ? 8.865   2.965   -9.747  1.00 53.49  ? 79  LEU A CD2 1 
ATOM 110  N N   . ASP A 1 19  ? 9.756   7.222   -10.030 1.00 52.90  ? 80  ASP A N   1 
ATOM 111  C CA  . ASP A 1 19  ? 9.562   8.134   -8.899  1.00 51.76  ? 80  ASP A CA  1 
ATOM 112  C C   . ASP A 1 19  ? 8.461   9.141   -9.166  1.00 50.02  ? 80  ASP A C   1 
ATOM 113  O O   . ASP A 1 19  ? 7.753   9.533   -8.242  1.00 48.55  ? 80  ASP A O   1 
ATOM 114  C CB  . ASP A 1 19  ? 10.872  8.845   -8.551  1.00 53.61  ? 80  ASP A CB  1 
ATOM 115  C CG  . ASP A 1 19  ? 11.859  7.917   -7.882  1.00 57.66  ? 80  ASP A CG  1 
ATOM 116  O OD1 . ASP A 1 19  ? 11.776  7.748   -6.645  1.00 60.21  ? 80  ASP A OD1 1 
ATOM 117  O OD2 . ASP A 1 19  ? 12.703  7.327   -8.597  1.00 59.97  ? 80  ASP A OD2 1 
ATOM 118  N N   . PHE A 1 20  ? 8.319   9.554   -10.425 1.00 49.06  ? 81  PHE A N   1 
ATOM 119  C CA  . PHE A 1 20  ? 7.270   10.493  -10.795 1.00 48.69  ? 81  PHE A CA  1 
ATOM 120  C C   . PHE A 1 20  ? 5.904   9.827   -10.597 1.00 48.90  ? 81  PHE A C   1 
ATOM 121  O O   . PHE A 1 20  ? 4.962   10.440  -10.087 1.00 49.87  ? 81  PHE A O   1 
ATOM 122  C CB  . PHE A 1 20  ? 7.405   10.927  -12.254 1.00 48.89  ? 81  PHE A CB  1 
ATOM 123  C CG  . PHE A 1 20  ? 6.259   11.783  -12.730 1.00 49.86  ? 81  PHE A CG  1 
ATOM 124  C CD1 . PHE A 1 20  ? 6.144   13.107  -12.321 1.00 49.44  ? 81  PHE A CD1 1 
ATOM 125  C CD2 . PHE A 1 20  ? 5.237   11.231  -13.512 1.00 49.33  ? 81  PHE A CD2 1 
ATOM 126  C CE1 . PHE A 1 20  ? 5.029   13.865  -12.674 1.00 49.65  ? 81  PHE A CE1 1 
ATOM 127  C CE2 . PHE A 1 20  ? 4.117   11.982  -13.868 1.00 47.06  ? 81  PHE A CE2 1 
ATOM 128  C CZ  . PHE A 1 20  ? 4.013   13.297  -13.446 1.00 49.02  ? 81  PHE A CZ  1 
ATOM 129  N N   . LEU A 1 21  ? 5.790   8.575   -11.015 1.00 47.68  ? 82  LEU A N   1 
ATOM 130  C CA  . LEU A 1 21  ? 4.539   7.872   -10.849 1.00 47.09  ? 82  LEU A CA  1 
ATOM 131  C C   . LEU A 1 21  ? 4.298   7.521   -9.385  1.00 49.07  ? 82  LEU A C   1 
ATOM 132  O O   . LEU A 1 21  ? 3.152   7.514   -8.940  1.00 49.19  ? 82  LEU A O   1 
ATOM 133  C CB  . LEU A 1 21  ? 4.528   6.608   -11.700 1.00 45.96  ? 82  LEU A CB  1 
ATOM 134  C CG  . LEU A 1 21  ? 4.494   6.873   -13.205 1.00 45.09  ? 82  LEU A CG  1 
ATOM 135  C CD1 . LEU A 1 21  ? 4.677   5.570   -13.951 1.00 43.65  ? 82  LEU A CD1 1 
ATOM 136  C CD2 . LEU A 1 21  ? 3.188   7.546   -13.580 1.00 42.05  ? 82  LEU A CD2 1 
ATOM 137  N N   . CYS A 1 22  ? 5.355   7.218   -8.628  1.00 50.08  ? 83  CYS A N   1 
ATOM 138  C CA  . CYS A 1 22  ? 5.145   6.894   -7.222  1.00 50.75  ? 83  CYS A CA  1 
ATOM 139  C C   . CYS A 1 22  ? 4.542   8.115   -6.551  1.00 52.39  ? 83  CYS A C   1 
ATOM 140  O O   . CYS A 1 22  ? 3.666   8.003   -5.691  1.00 54.13  ? 83  CYS A O   1 
ATOM 141  C CB  . CYS A 1 22  ? 6.450   6.519   -6.520  1.00 50.22  ? 83  CYS A CB  1 
ATOM 142  S SG  . CYS A 1 22  ? 6.249   6.299   -4.697  1.00 53.08  ? 83  CYS A SG  1 
ATOM 143  N N   . LEU A 1 23  ? 5.020   9.285   -6.961  1.00 53.85  ? 84  LEU A N   1 
ATOM 144  C CA  . LEU A 1 23  ? 4.560   10.572  -6.443  1.00 53.97  ? 84  LEU A CA  1 
ATOM 145  C C   . LEU A 1 23  ? 3.107   10.787  -6.845  1.00 53.13  ? 84  LEU A C   1 
ATOM 146  O O   . LEU A 1 23  ? 2.283   11.210  -6.052  1.00 51.62  ? 84  LEU A O   1 
ATOM 147  C CB  . LEU A 1 23  ? 5.453   11.686  -7.010  1.00 55.28  ? 84  LEU A CB  1 
ATOM 148  C CG  . LEU A 1 23  ? 5.180   13.163  -6.727  1.00 56.67  ? 84  LEU A CG  1 
ATOM 149  C CD1 . LEU A 1 23  ? 5.161   13.404  -5.225  1.00 57.26  ? 84  LEU A CD1 1 
ATOM 150  C CD2 . LEU A 1 23  ? 6.254   14.011  -7.399  1.00 55.57  ? 84  LEU A CD2 1 
ATOM 151  N N   . SER A 1 24  ? 2.804   10.488  -8.096  1.00 55.05  ? 85  SER A N   1 
ATOM 152  C CA  . SER A 1 24  ? 1.454   10.630  -8.611  1.00 57.59  ? 85  SER A CA  1 
ATOM 153  C C   . SER A 1 24  ? 0.513   9.688   -7.842  1.00 58.56  ? 85  SER A C   1 
ATOM 154  O O   . SER A 1 24  ? -0.510  10.114  -7.302  1.00 59.73  ? 85  SER A O   1 
ATOM 155  C CB  . SER A 1 24  ? 1.453   10.304  -10.109 1.00 58.37  ? 85  SER A CB  1 
ATOM 156  O OG  . SER A 1 24  ? 0.166   10.455  -10.680 1.00 62.14  ? 85  SER A OG  1 
ATOM 157  N N   . LEU A 1 25  ? 0.879   8.410   -7.790  1.00 58.81  ? 86  LEU A N   1 
ATOM 158  C CA  . LEU A 1 25  ? 0.102   7.391   -7.086  1.00 58.39  ? 86  LEU A CA  1 
ATOM 159  C C   . LEU A 1 25  ? -0.208  7.819   -5.640  1.00 58.84  ? 86  LEU A C   1 
ATOM 160  O O   . LEU A 1 25  ? -1.272  7.502   -5.104  1.00 59.14  ? 86  LEU A O   1 
ATOM 161  C CB  . LEU A 1 25  ? 0.887   6.072   -7.087  1.00 57.20  ? 86  LEU A CB  1 
ATOM 162  C CG  . LEU A 1 25  ? 0.266   4.754   -6.624  1.00 54.46  ? 86  LEU A CG  1 
ATOM 163  C CD1 . LEU A 1 25  ? -0.613  4.174   -7.718  1.00 53.50  ? 86  LEU A CD1 1 
ATOM 164  C CD2 . LEU A 1 25  ? 1.385   3.785   -6.299  1.00 53.36  ? 86  LEU A CD2 1 
ATOM 165  N N   . CYS A 1 26  ? 0.720   8.538   -5.011  1.00 58.98  ? 87  CYS A N   1 
ATOM 166  C CA  . CYS A 1 26  ? 0.523   9.001   -3.640  1.00 59.05  ? 87  CYS A CA  1 
ATOM 167  C C   . CYS A 1 26  ? -0.532  10.080  -3.530  1.00 59.67  ? 87  CYS A C   1 
ATOM 168  O O   . CYS A 1 26  ? -1.411  9.993   -2.685  1.00 60.26  ? 87  CYS A O   1 
ATOM 169  C CB  . CYS A 1 26  ? 1.821   9.531   -3.056  1.00 57.70  ? 87  CYS A CB  1 
ATOM 170  S SG  . CYS A 1 26  ? 3.035   8.273   -2.742  1.00 59.08  ? 87  CYS A SG  1 
ATOM 171  N N   . ARG A 1 27  ? -0.442  11.104  -4.372  1.00 61.38  ? 88  ARG A N   1 
ATOM 172  C CA  . ARG A 1 27  ? -1.422  12.186  -4.335  1.00 63.37  ? 88  ARG A CA  1 
ATOM 173  C C   . ARG A 1 27  ? -2.829  11.660  -4.572  1.00 63.10  ? 88  ARG A C   1 
ATOM 174  O O   . ARG A 1 27  ? -3.741  11.954  -3.794  1.00 62.31  ? 88  ARG A O   1 
ATOM 175  C CB  . ARG A 1 27  ? -1.112  13.268  -5.379  1.00 65.83  ? 88  ARG A CB  1 
ATOM 176  C CG  . ARG A 1 27  ? 0.068   14.171  -5.040  1.00 68.76  ? 88  ARG A CG  1 
ATOM 177  C CD  . ARG A 1 27  ? -0.040  15.519  -5.763  1.00 71.61  ? 88  ARG A CD  1 
ATOM 178  N NE  . ARG A 1 27  ? 1.152   16.344  -5.573  1.00 74.06  ? 88  ARG A NE  1 
ATOM 179  C CZ  . ARG A 1 27  ? 2.301   16.161  -6.221  1.00 76.13  ? 88  ARG A CZ  1 
ATOM 180  N NH1 . ARG A 1 27  ? 2.413   15.183  -7.118  1.00 76.48  ? 88  ARG A NH1 1 
ATOM 181  N NH2 . ARG A 1 27  ? 3.351   16.934  -5.951  1.00 75.81  ? 88  ARG A NH2 1 
ATOM 182  N N   . ALA A 1 28  ? -3.006  10.886  -5.644  1.00 62.75  ? 89  ALA A N   1 
ATOM 183  C CA  . ALA A 1 28  ? -4.320  10.322  -5.962  1.00 63.13  ? 89  ALA A CA  1 
ATOM 184  C C   . ALA A 1 28  ? -4.823  9.542   -4.758  1.00 63.51  ? 89  ALA A C   1 
ATOM 185  O O   . ALA A 1 28  ? -6.010  9.562   -4.444  1.00 62.87  ? 89  ALA A O   1 
ATOM 186  C CB  . ALA A 1 28  ? -4.236  9.404   -7.185  1.00 61.38  ? 89  ALA A CB  1 
ATOM 187  N N   . PHE A 1 29  ? -3.901  8.868   -4.078  1.00 64.04  ? 90  PHE A N   1 
ATOM 188  C CA  . PHE A 1 29  ? -4.238  8.083   -2.907  1.00 64.69  ? 90  PHE A CA  1 
ATOM 189  C C   . PHE A 1 29  ? -4.752  8.944   -1.758  1.00 65.68  ? 90  PHE A C   1 
ATOM 190  O O   . PHE A 1 29  ? -5.815  8.671   -1.198  1.00 66.60  ? 90  PHE A O   1 
ATOM 191  C CB  . PHE A 1 29  ? -3.024  7.293   -2.429  1.00 64.60  ? 90  PHE A CB  1 
ATOM 192  C CG  . PHE A 1 29  ? -3.309  6.428   -1.235  1.00 63.80  ? 90  PHE A CG  1 
ATOM 193  C CD1 . PHE A 1 29  ? -4.079  5.277   -1.365  1.00 62.28  ? 90  PHE A CD1 1 
ATOM 194  C CD2 . PHE A 1 29  ? -2.858  6.795   0.023   1.00 62.84  ? 90  PHE A CD2 1 
ATOM 195  C CE1 . PHE A 1 29  ? -4.397  4.511   -0.263  1.00 62.40  ? 90  PHE A CE1 1 
ATOM 196  C CE2 . PHE A 1 29  ? -3.172  6.035   1.134   1.00 63.58  ? 90  PHE A CE2 1 
ATOM 197  C CZ  . PHE A 1 29  ? -3.943  4.892   0.994   1.00 62.82  ? 90  PHE A CZ  1 
ATOM 198  N N   . ARG A 1 30  ? -3.993  9.975   -1.399  1.00 66.45  ? 91  ARG A N   1 
ATOM 199  C CA  . ARG A 1 30  ? -4.393  10.849  -0.304  1.00 67.10  ? 91  ARG A CA  1 
ATOM 200  C C   . ARG A 1 30  ? -5.668  11.591  -0.682  1.00 65.92  ? 91  ARG A C   1 
ATOM 201  O O   . ARG A 1 30  ? -6.587  11.717  0.121   1.00 64.46  ? 91  ARG A O   1 
ATOM 202  C CB  . ARG A 1 30  ? -3.283  11.864  0.010   1.00 68.22  ? 91  ARG A CB  1 
ATOM 203  C CG  . ARG A 1 30  ? -3.599  13.269  -0.469  1.00 69.35  ? 91  ARG A CG  1 
ATOM 204  C CD  . ARG A 1 30  ? -2.403  14.191  -0.446  1.00 71.76  ? 91  ARG A CD  1 
ATOM 205  N NE  . ARG A 1 30  ? -2.425  15.085  -1.603  1.00 73.11  ? 91  ARG A NE  1 
ATOM 206  C CZ  . ARG A 1 30  ? -1.522  16.030  -1.845  1.00 74.28  ? 91  ARG A CZ  1 
ATOM 207  N NH1 . ARG A 1 30  ? -0.514  16.220  -1.002  1.00 74.81  ? 91  ARG A NH1 1 
ATOM 208  N NH2 . ARG A 1 30  ? -1.621  16.777  -2.937  1.00 75.17  ? 91  ARG A NH2 1 
ATOM 209  N N   . ASP A 1 31  ? -5.714  12.066  -1.921  1.00 65.95  ? 92  ASP A N   1 
ATOM 210  C CA  . ASP A 1 31  ? -6.857  12.819  -2.407  1.00 66.72  ? 92  ASP A CA  1 
ATOM 211  C C   . ASP A 1 31  ? -8.026  11.938  -2.812  1.00 66.39  ? 92  ASP A C   1 
ATOM 212  O O   . ASP A 1 31  ? -9.013  12.427  -3.361  1.00 67.72  ? 92  ASP A O   1 
ATOM 213  C CB  . ASP A 1 31  ? -6.452  13.698  -3.597  1.00 68.42  ? 92  ASP A CB  1 
ATOM 214  C CG  . ASP A 1 31  ? -5.295  14.637  -3.277  1.00 69.93  ? 92  ASP A CG  1 
ATOM 215  O OD1 . ASP A 1 31  ? -5.169  15.079  -2.114  1.00 70.86  ? 92  ASP A OD1 1 
ATOM 216  O OD2 . ASP A 1 31  ? -4.515  14.952  -4.196  1.00 70.40  ? 92  ASP A OD2 1 
ATOM 217  N N   . GLY A 1 32  ? -7.912  10.641  -2.548  1.00 64.98  ? 93  GLY A N   1 
ATOM 218  C CA  . GLY A 1 32  ? -8.979  9.718   -2.887  1.00 63.63  ? 93  GLY A CA  1 
ATOM 219  C C   . GLY A 1 32  ? -9.519  9.782   -4.306  1.00 62.96  ? 93  GLY A C   1 
ATOM 220  O O   . GLY A 1 32  ? -10.729 9.825   -4.500  1.00 61.90  ? 93  GLY A O   1 
ATOM 221  N N   . ARG A 1 33  ? -8.631  9.789   -5.296  1.00 64.11  ? 94  ARG A N   1 
ATOM 222  C CA  . ARG A 1 33  ? -9.045  9.823   -6.698  1.00 65.90  ? 94  ARG A CA  1 
ATOM 223  C C   . ARG A 1 33  ? -8.969  8.421   -7.308  1.00 67.06  ? 94  ARG A C   1 
ATOM 224  O O   . ARG A 1 33  ? -8.110  8.131   -8.141  1.00 67.15  ? 94  ARG A O   1 
ATOM 225  C CB  . ARG A 1 33  ? -8.163  10.781  -7.508  1.00 66.15  ? 94  ARG A CB  1 
ATOM 226  C CG  . ARG A 1 33  ? -8.282  12.248  -7.126  1.00 64.99  ? 94  ARG A CG  1 
ATOM 227  C CD  . ARG A 1 33  ? -7.665  13.136  -8.198  1.00 66.17  ? 94  ARG A CD  1 
ATOM 228  N NE  . ARG A 1 33  ? -6.208  13.008  -8.284  1.00 67.00  ? 94  ARG A NE  1 
ATOM 229  C CZ  . ARG A 1 33  ? -5.356  13.489  -7.380  1.00 66.45  ? 94  ARG A CZ  1 
ATOM 230  N NH1 . ARG A 1 33  ? -5.809  14.138  -6.313  1.00 64.76  ? 94  ARG A NH1 1 
ATOM 231  N NH2 . ARG A 1 33  ? -4.047  13.315  -7.540  1.00 65.86  ? 94  ARG A NH2 1 
ATOM 232  N N   . SER A 1 34  ? -9.886  7.563   -6.876  1.00 68.18  ? 95  SER A N   1 
ATOM 233  C CA  . SER A 1 34  ? -9.972  6.178   -7.323  1.00 69.47  ? 95  SER A CA  1 
ATOM 234  C C   . SER A 1 34  ? -9.645  5.929   -8.795  1.00 70.11  ? 95  SER A C   1 
ATOM 235  O O   . SER A 1 34  ? -8.638  5.301   -9.137  1.00 68.43  ? 95  SER A O   1 
ATOM 236  C CB  . SER A 1 34  ? -11.371 5.652   -7.027  1.00 69.48  ? 95  SER A CB  1 
ATOM 237  O OG  . SER A 1 34  ? -11.527 4.346   -7.549  1.00 72.58  ? 95  SER A OG  1 
ATOM 238  N N   . GLU A 1 35  ? -10.531 6.395   -9.665  1.00 71.69  ? 96  GLU A N   1 
ATOM 239  C CA  . GLU A 1 35  ? -10.343 6.237   -11.100 1.00 71.81  ? 96  GLU A CA  1 
ATOM 240  C C   . GLU A 1 35  ? -9.260  7.246   -11.430 1.00 71.04  ? 96  GLU A C   1 
ATOM 241  O O   . GLU A 1 35  ? -9.552  8.350   -11.884 1.00 73.18  ? 96  GLU A O   1 
ATOM 242  C CB  . GLU A 1 35  ? -11.647 6.581   -11.826 1.00 72.88  ? 96  GLU A CB  1 
ATOM 243  C CG  . GLU A 1 35  ? -11.798 5.940   -13.187 1.00 74.86  ? 96  GLU A CG  1 
ATOM 244  C CD  . GLU A 1 35  ? -11.484 4.456   -13.158 1.00 76.20  ? 96  GLU A CD  1 
ATOM 245  O OE1 . GLU A 1 35  ? -11.913 3.769   -12.200 1.00 76.50  ? 96  GLU A OE1 1 
ATOM 246  O OE2 . GLU A 1 35  ? -10.813 3.975   -14.098 1.00 76.95  ? 96  GLU A OE2 1 
ATOM 247  N N   . ASP A 1 36  ? -8.011  6.873   -11.184 1.00 68.49  ? 97  ASP A N   1 
ATOM 248  C CA  . ASP A 1 36  ? -6.885  7.777   -11.408 1.00 66.47  ? 97  ASP A CA  1 
ATOM 249  C C   . ASP A 1 36  ? -5.708  7.057   -10.789 1.00 64.89  ? 97  ASP A C   1 
ATOM 250  O O   . ASP A 1 36  ? -4.656  6.873   -11.406 1.00 63.97  ? 97  ASP A O   1 
ATOM 251  C CB  . ASP A 1 36  ? -7.127  9.081   -10.651 1.00 67.52  ? 97  ASP A CB  1 
ATOM 252  C CG  . ASP A 1 36  ? -6.943  10.301  -11.513 1.00 68.01  ? 97  ASP A CG  1 
ATOM 253  O OD1 . ASP A 1 36  ? -7.386  10.267  -12.687 1.00 66.84  ? 97  ASP A OD1 1 
ATOM 254  O OD2 . ASP A 1 36  ? -6.374  11.294  -10.997 1.00 67.38  ? 97  ASP A OD2 1 
ATOM 255  N N   . PHE A 1 37  ? -5.912  6.675   -9.535  1.00 62.36  ? 98  PHE A N   1 
ATOM 256  C CA  . PHE A 1 37  ? -4.935  5.922   -8.781  1.00 59.10  ? 98  PHE A CA  1 
ATOM 257  C C   . PHE A 1 37  ? -4.753  4.640   -9.595  1.00 58.27  ? 98  PHE A C   1 
ATOM 258  O O   . PHE A 1 37  ? -3.639  4.195   -9.855  1.00 58.64  ? 98  PHE A O   1 
ATOM 259  C CB  . PHE A 1 37  ? -5.504  5.608   -7.397  1.00 56.85  ? 98  PHE A CB  1 
ATOM 260  C CG  . PHE A 1 37  ? -4.685  4.643   -6.615  1.00 55.06  ? 98  PHE A CG  1 
ATOM 261  C CD1 . PHE A 1 37  ? -3.626  5.084   -5.835  1.00 54.55  ? 98  PHE A CD1 1 
ATOM 262  C CD2 . PHE A 1 37  ? -4.930  3.281   -6.706  1.00 54.31  ? 98  PHE A CD2 1 
ATOM 263  C CE1 . PHE A 1 37  ? -2.813  4.177   -5.158  1.00 54.68  ? 98  PHE A CE1 1 
ATOM 264  C CE2 . PHE A 1 37  ? -4.125  2.370   -6.035  1.00 54.27  ? 98  PHE A CE2 1 
ATOM 265  C CZ  . PHE A 1 37  ? -3.061  2.820   -5.259  1.00 53.68  ? 98  PHE A CZ  1 
ATOM 266  N N   . ARG A 1 38  ? -5.870  4.068   -10.023 1.00 58.22  ? 99  ARG A N   1 
ATOM 267  C CA  . ARG A 1 38  ? -5.849  2.848   -10.811 1.00 58.51  ? 99  ARG A CA  1 
ATOM 268  C C   . ARG A 1 38  ? -5.062  3.043   -12.092 1.00 57.91  ? 99  ARG A C   1 
ATOM 269  O O   . ARG A 1 38  ? -4.281  2.175   -12.495 1.00 58.11  ? 99  ARG A O   1 
ATOM 270  C CB  . ARG A 1 38  ? -7.271  2.425   -11.165 1.00 59.77  ? 99  ARG A CB  1 
ATOM 271  C CG  . ARG A 1 38  ? -7.352  1.093   -11.913 1.00 62.27  ? 99  ARG A CG  1 
ATOM 272  C CD  . ARG A 1 38  ? -8.800  0.758   -12.272 1.00 64.13  ? 99  ARG A CD  1 
ATOM 273  N NE  . ARG A 1 38  ? -9.324  1.611   -13.338 1.00 65.47  ? 99  ARG A NE  1 
ATOM 274  C CZ  . ARG A 1 38  ? -9.004  1.487   -14.624 1.00 65.30  ? 99  ARG A CZ  1 
ATOM 275  N NH1 . ARG A 1 38  ? -8.160  0.537   -15.019 1.00 66.08  ? 99  ARG A NH1 1 
ATOM 276  N NH2 . ARG A 1 38  ? -9.517  2.326   -15.511 1.00 64.43  ? 99  ARG A NH2 1 
ATOM 277  N N   . ARG A 1 39  ? -5.291  4.192   -12.726 1.00 56.77  ? 100 ARG A N   1 
ATOM 278  C CA  . ARG A 1 39  ? -4.648  4.553   -13.984 1.00 52.87  ? 100 ARG A CA  1 
ATOM 279  C C   . ARG A 1 39  ? -3.139  4.687   -13.840 1.00 50.28  ? 100 ARG A C   1 
ATOM 280  O O   . ARG A 1 39  ? -2.394  4.193   -14.687 1.00 48.96  ? 100 ARG A O   1 
ATOM 281  C CB  . ARG A 1 39  ? -5.254  5.857   -14.510 1.00 51.75  ? 100 ARG A CB  1 
ATOM 282  N N   . THR A 1 40  ? -2.708  5.342   -12.759 1.00 49.73  ? 101 THR A N   1 
ATOM 283  C CA  . THR A 1 40  ? -1.290  5.585   -12.449 1.00 49.11  ? 101 THR A CA  1 
ATOM 284  C C   . THR A 1 40  ? -0.563  4.290   -12.103 1.00 50.26  ? 101 THR A C   1 
ATOM 285  O O   . THR A 1 40  ? 0.590   4.077   -12.490 1.00 49.95  ? 101 THR A O   1 
ATOM 286  C CB  . THR A 1 40  ? -1.143  6.544   -11.253 1.00 48.48  ? 101 THR A CB  1 
ATOM 287  O OG1 . THR A 1 40  ? -1.928  7.721   -11.471 1.00 49.28  ? 101 THR A OG1 1 
ATOM 288  C CG2 . THR A 1 40  ? 0.293   6.946   -11.073 1.00 47.77  ? 101 THR A CG2 1 
ATOM 289  N N   . ARG A 1 41  ? -1.246  3.428   -11.363 1.00 51.06  ? 102 ARG A N   1 
ATOM 290  C CA  . ARG A 1 41  ? -0.692  2.144   -10.971 1.00 51.86  ? 102 ARG A CA  1 
ATOM 291  C C   . ARG A 1 41  ? -0.425  1.255   -12.191 1.00 49.92  ? 102 ARG A C   1 
ATOM 292  O O   . ARG A 1 41  ? 0.506   0.450   -12.202 1.00 47.66  ? 102 ARG A O   1 
ATOM 293  C CB  . ARG A 1 41  ? -1.663  1.457   -10.016 1.00 56.27  ? 102 ARG A CB  1 
ATOM 294  C CG  . ARG A 1 41  ? -1.589  -0.055  -10.025 1.00 60.72  ? 102 ARG A CG  1 
ATOM 295  C CD  . ARG A 1 41  ? -2.829  -0.598  -9.379  1.00 64.80  ? 102 ARG A CD  1 
ATOM 296  N NE  . ARG A 1 41  ? -3.475  -1.609  -10.206 1.00 69.03  ? 102 ARG A NE  1 
ATOM 297  C CZ  . ARG A 1 41  ? -4.792  -1.772  -10.264 1.00 71.92  ? 102 ARG A CZ  1 
ATOM 298  N NH1 . ARG A 1 41  ? -5.585  -0.983  -9.547  1.00 72.23  ? 102 ARG A NH1 1 
ATOM 299  N NH2 . ARG A 1 41  ? -5.317  -2.724  -11.028 1.00 73.48  ? 102 ARG A NH2 1 
ATOM 300  N N   . ASN A 1 42  ? -1.260  1.394   -13.211 1.00 49.54  ? 103 ASN A N   1 
ATOM 301  C CA  . ASN A 1 42  ? -1.096  0.616   -14.434 1.00 50.37  ? 103 ASN A CA  1 
ATOM 302  C C   . ASN A 1 42  ? 0.236   1.011   -15.050 1.00 50.26  ? 103 ASN A C   1 
ATOM 303  O O   . ASN A 1 42  ? 1.045   0.158   -15.442 1.00 50.30  ? 103 ASN A O   1 
ATOM 304  C CB  . ASN A 1 42  ? -2.222  0.927   -15.420 1.00 53.95  ? 103 ASN A CB  1 
ATOM 305  C CG  . ASN A 1 42  ? -3.547  0.292   -15.028 1.00 55.74  ? 103 ASN A CG  1 
ATOM 306  O OD1 . ASN A 1 42  ? -3.779  -0.049  -13.862 1.00 55.66  ? 103 ASN A OD1 1 
ATOM 307  N ND2 . ASN A 1 42  ? -4.439  0.154   -16.010 1.00 55.73  ? 103 ASN A ND2 1 
ATOM 308  N N   . SER A 1 43  ? 0.454   2.320   -15.124 1.00 48.82  ? 104 SER A N   1 
ATOM 309  C CA  . SER A 1 43  ? 1.690   2.869   -15.671 1.00 46.48  ? 104 SER A CA  1 
ATOM 310  C C   . SER A 1 43  ? 2.893   2.495   -14.776 1.00 45.05  ? 104 SER A C   1 
ATOM 311  O O   . SER A 1 43  ? 3.967   2.145   -15.274 1.00 42.00  ? 104 SER A O   1 
ATOM 312  C CB  . SER A 1 43  ? 1.558   4.384   -15.789 1.00 45.67  ? 104 SER A CB  1 
ATOM 313  O OG  . SER A 1 43  ? 0.312   4.737   -16.350 1.00 43.16  ? 104 SER A OG  1 
ATOM 314  N N   . ALA A 1 44  ? 2.710   2.568   -13.458 1.00 44.17  ? 105 ALA A N   1 
ATOM 315  C CA  . ALA A 1 44  ? 3.783   2.204   -12.536 1.00 45.75  ? 105 ALA A CA  1 
ATOM 316  C C   . ALA A 1 44  ? 4.198   0.759   -12.803 1.00 47.94  ? 105 ALA A C   1 
ATOM 317  O O   . ALA A 1 44  ? 5.372   0.470   -13.103 1.00 47.19  ? 105 ALA A O   1 
ATOM 318  C CB  . ALA A 1 44  ? 3.318   2.346   -11.107 1.00 43.85  ? 105 ALA A CB  1 
ATOM 319  N N   . GLU A 1 45  ? 3.217   -0.143  -12.699 1.00 49.06  ? 106 GLU A N   1 
ATOM 320  C CA  . GLU A 1 45  ? 3.429   -1.565  -12.936 1.00 48.67  ? 106 GLU A CA  1 
ATOM 321  C C   . GLU A 1 45  ? 4.084   -1.835  -14.280 1.00 47.39  ? 106 GLU A C   1 
ATOM 322  O O   . GLU A 1 45  ? 4.962   -2.685  -14.386 1.00 45.05  ? 106 GLU A O   1 
ATOM 323  C CB  . GLU A 1 45  ? 2.107   -2.302  -12.861 1.00 52.54  ? 106 GLU A CB  1 
ATOM 324  C CG  . GLU A 1 45  ? 1.703   -2.748  -11.461 1.00 57.14  ? 106 GLU A CG  1 
ATOM 325  C CD  . GLU A 1 45  ? 0.332   -3.411  -11.459 1.00 58.98  ? 106 GLU A CD  1 
ATOM 326  O OE1 . GLU A 1 45  ? 0.061   -4.169  -12.420 1.00 59.97  ? 106 GLU A OE1 1 
ATOM 327  O OE2 . GLU A 1 45  ? -0.461  -3.174  -10.514 1.00 58.09  ? 106 GLU A OE2 1 
ATOM 328  N N   . ALA A 1 46  ? 3.655   -1.116  -15.311 1.00 48.22  ? 107 ALA A N   1 
ATOM 329  C CA  . ALA A 1 46  ? 4.246   -1.290  -16.636 1.00 50.40  ? 107 ALA A CA  1 
ATOM 330  C C   . ALA A 1 46  ? 5.704   -0.804  -16.652 1.00 52.05  ? 107 ALA A C   1 
ATOM 331  O O   . ALA A 1 46  ? 6.589   -1.486  -17.186 1.00 52.24  ? 107 ALA A O   1 
ATOM 332  C CB  . ALA A 1 46  ? 3.439   -0.537  -17.670 1.00 49.43  ? 107 ALA A CB  1 
ATOM 333  N N   . ILE A 1 47  ? 5.945   0.377   -16.080 1.00 52.84  ? 108 ILE A N   1 
ATOM 334  C CA  . ILE A 1 47  ? 7.291   0.934   -16.019 1.00 53.71  ? 108 ILE A CA  1 
ATOM 335  C C   . ILE A 1 47  ? 8.174   0.030   -15.137 1.00 55.04  ? 108 ILE A C   1 
ATOM 336  O O   . ILE A 1 47  ? 9.347   -0.207  -15.453 1.00 54.70  ? 108 ILE A O   1 
ATOM 337  C CB  . ILE A 1 47  ? 7.284   2.397   -15.451 1.00 53.35  ? 108 ILE A CB  1 
ATOM 338  C CG1 . ILE A 1 47  ? 7.380   3.418   -16.584 1.00 52.32  ? 108 ILE A CG1 1 
ATOM 339  C CG2 . ILE A 1 47  ? 8.471   2.625   -14.535 1.00 52.64  ? 108 ILE A CG2 1 
ATOM 340  C CD1 . ILE A 1 47  ? 6.191   3.466   -17.502 1.00 53.17  ? 108 ILE A CD1 1 
ATOM 341  N N   . ILE A 1 48  ? 7.612   -0.488  -14.044 1.00 54.72  ? 109 ILE A N   1 
ATOM 342  C CA  . ILE A 1 48  ? 8.389   -1.348  -13.162 1.00 54.50  ? 109 ILE A CA  1 
ATOM 343  C C   . ILE A 1 48  ? 8.864   -2.621  -13.867 1.00 56.12  ? 109 ILE A C   1 
ATOM 344  O O   . ILE A 1 48  ? 10.006  -3.029  -13.684 1.00 57.22  ? 109 ILE A O   1 
ATOM 345  C CB  . ILE A 1 48  ? 7.609   -1.674  -11.865 1.00 51.61  ? 109 ILE A CB  1 
ATOM 346  C CG1 . ILE A 1 48  ? 7.287   -0.363  -11.138 1.00 50.88  ? 109 ILE A CG1 1 
ATOM 347  C CG2 . ILE A 1 48  ? 8.437   -2.564  -10.962 1.00 48.07  ? 109 ILE A CG2 1 
ATOM 348  C CD1 . ILE A 1 48  ? 6.756   -0.504  -9.724  1.00 49.71  ? 109 ILE A CD1 1 
ATOM 349  N N   . HIS A 1 49  ? 8.020   -3.254  -14.678 1.00 58.37  ? 110 HIS A N   1 
ATOM 350  C CA  . HIS A 1 49  ? 8.475   -4.448  -15.399 1.00 60.09  ? 110 HIS A CA  1 
ATOM 351  C C   . HIS A 1 49  ? 9.682   -4.032  -16.240 1.00 60.11  ? 110 HIS A C   1 
ATOM 352  O O   . HIS A 1 49  ? 10.560  -4.823  -16.545 1.00 60.09  ? 110 HIS A O   1 
ATOM 353  C CB  . HIS A 1 49  ? 7.398   -4.995  -16.347 1.00 60.89  ? 110 HIS A CB  1 
ATOM 354  C CG  . HIS A 1 49  ? 6.377   -5.861  -15.684 1.00 64.61  ? 110 HIS A CG  1 
ATOM 355  N ND1 . HIS A 1 49  ? 5.346   -5.351  -14.924 1.00 67.06  ? 110 HIS A ND1 1 
ATOM 356  C CD2 . HIS A 1 49  ? 6.234   -7.208  -15.658 1.00 66.86  ? 110 HIS A CD2 1 
ATOM 357  C CE1 . HIS A 1 49  ? 4.611   -6.347  -14.456 1.00 68.37  ? 110 HIS A CE1 1 
ATOM 358  N NE2 . HIS A 1 49  ? 5.129   -7.485  -14.887 1.00 68.42  ? 110 HIS A NE2 1 
ATOM 359  N N   . GLY A 1 50  ? 9.726   -2.768  -16.612 1.00 61.66  ? 111 GLY A N   1 
ATOM 360  C CA  . GLY A 1 50  ? 10.826  -2.312  -17.431 1.00 63.59  ? 111 GLY A CA  1 
ATOM 361  C C   . GLY A 1 50  ? 12.142  -2.179  -16.703 1.00 63.91  ? 111 GLY A C   1 
ATOM 362  O O   . GLY A 1 50  ? 13.049  -1.517  -17.200 1.00 64.22  ? 111 GLY A O   1 
ATOM 363  N N   . LEU A 1 51  ? 12.256  -2.801  -15.536 1.00 63.38  ? 112 LEU A N   1 
ATOM 364  C CA  . LEU A 1 51  ? 13.489  -2.711  -14.769 1.00 63.35  ? 112 LEU A CA  1 
ATOM 365  C C   . LEU A 1 51  ? 13.865  -4.083  -14.246 1.00 64.40  ? 112 LEU A C   1 
ATOM 366  O O   . LEU A 1 51  ? 13.029  -4.768  -13.655 1.00 64.24  ? 112 LEU A O   1 
ATOM 367  C CB  . LEU A 1 51  ? 13.301  -1.734  -13.606 1.00 62.73  ? 112 LEU A CB  1 
ATOM 368  C CG  . LEU A 1 51  ? 12.755  -0.346  -13.983 1.00 62.21  ? 112 LEU A CG  1 
ATOM 369  C CD1 . LEU A 1 51  ? 12.650  0.545   -12.744 1.00 59.43  ? 112 LEU A CD1 1 
ATOM 370  C CD2 . LEU A 1 51  ? 13.673  0.289   -15.031 1.00 61.90  ? 112 LEU A CD2 1 
ATOM 371  N N   . SER A 1 52  ? 15.115  -4.487  -14.466 1.00 65.37  ? 113 SER A N   1 
ATOM 372  C CA  . SER A 1 52  ? 15.583  -5.808  -14.013 1.00 66.17  ? 113 SER A CA  1 
ATOM 373  C C   . SER A 1 52  ? 16.554  -5.749  -12.829 1.00 65.42  ? 113 SER A C   1 
ATOM 374  O O   . SER A 1 52  ? 16.987  -6.780  -12.315 1.00 65.48  ? 113 SER A O   1 
ATOM 375  C CB  . SER A 1 52  ? 16.244  -6.568  -15.179 1.00 66.10  ? 113 SER A CB  1 
ATOM 376  O OG  . SER A 1 52  ? 17.265  -5.796  -15.802 1.00 66.01  ? 113 SER A OG  1 
ATOM 377  N N   . SER A 1 53  ? 16.889  -4.537  -12.407 1.00 64.84  ? 114 SER A N   1 
ATOM 378  C CA  . SER A 1 53  ? 17.815  -4.319  -11.308 1.00 64.09  ? 114 SER A CA  1 
ATOM 379  C C   . SER A 1 53  ? 17.342  -3.055  -10.635 1.00 63.16  ? 114 SER A C   1 
ATOM 380  O O   . SER A 1 53  ? 16.812  -2.169  -11.305 1.00 62.89  ? 114 SER A O   1 
ATOM 381  C CB  . SER A 1 53  ? 19.234  -4.129  -11.849 1.00 65.08  ? 114 SER A CB  1 
ATOM 382  O OG  . SER A 1 53  ? 20.131  -3.725  -10.828 1.00 66.66  ? 114 SER A OG  1 
ATOM 383  N N   . LEU A 1 54  ? 17.536  -2.957  -9.324  1.00 61.85  ? 115 LEU A N   1 
ATOM 384  C CA  . LEU A 1 54  ? 17.067  -1.787  -8.600  1.00 61.48  ? 115 LEU A CA  1 
ATOM 385  C C   . LEU A 1 54  ? 17.897  -1.359  -7.397  1.00 61.51  ? 115 LEU A C   1 
ATOM 386  O O   . LEU A 1 54  ? 18.399  -2.194  -6.639  1.00 61.57  ? 115 LEU A O   1 
ATOM 387  C CB  . LEU A 1 54  ? 15.622  -2.030  -8.152  1.00 61.56  ? 115 LEU A CB  1 
ATOM 388  C CG  . LEU A 1 54  ? 14.615  -2.289  -9.281  1.00 61.19  ? 115 LEU A CG  1 
ATOM 389  C CD1 . LEU A 1 54  ? 13.367  -2.923  -8.723  1.00 58.40  ? 115 LEU A CD1 1 
ATOM 390  C CD2 . LEU A 1 54  ? 14.304  -0.989  -10.001 1.00 59.40  ? 115 LEU A CD2 1 
ATOM 391  N N   . THR A 1 55  ? 18.020  -0.041  -7.225  1.00 62.10  ? 116 THR A N   1 
ATOM 392  C CA  . THR A 1 55  ? 18.762  0.544   -6.107  1.00 62.06  ? 116 THR A CA  1 
ATOM 393  C C   . THR A 1 55  ? 17.971  0.322   -4.818  1.00 62.16  ? 116 THR A C   1 
ATOM 394  O O   . THR A 1 55  ? 16.875  -0.228  -4.846  1.00 62.78  ? 116 THR A O   1 
ATOM 395  C CB  . THR A 1 55  ? 18.962  2.071   -6.300  1.00 61.96  ? 116 THR A CB  1 
ATOM 396  O OG1 . THR A 1 55  ? 17.709  2.748   -6.170  1.00 62.73  ? 116 THR A OG1 1 
ATOM 397  C CG2 . THR A 1 55  ? 19.518  2.367   -7.668  1.00 62.55  ? 116 THR A CG2 1 
ATOM 398  N N   . ALA A 1 56  ? 18.512  0.750   -3.688  1.00 62.68  ? 117 ALA A N   1 
ATOM 399  C CA  . ALA A 1 56  ? 17.792  0.572   -2.433  1.00 62.58  ? 117 ALA A CA  1 
ATOM 400  C C   . ALA A 1 56  ? 16.612  1.532   -2.380  1.00 62.65  ? 117 ALA A C   1 
ATOM 401  O O   . ALA A 1 56  ? 15.548  1.185   -1.868  1.00 62.89  ? 117 ALA A O   1 
ATOM 402  C CB  . ALA A 1 56  ? 18.715  0.814   -1.253  1.00 62.43  ? 117 ALA A CB  1 
ATOM 403  N N   . CYS A 1 57  ? 16.799  2.735   -2.910  1.00 62.44  ? 118 CYS A N   1 
ATOM 404  C CA  . CYS A 1 57  ? 15.734  3.732   -2.919  1.00 63.80  ? 118 CYS A CA  1 
ATOM 405  C C   . CYS A 1 57  ? 14.555  3.275   -3.775  1.00 61.72  ? 118 CYS A C   1 
ATOM 406  O O   . CYS A 1 57  ? 13.386  3.482   -3.413  1.00 61.27  ? 118 CYS A O   1 
ATOM 407  C CB  . CYS A 1 57  ? 16.261  5.074   -3.451  1.00 67.28  ? 118 CYS A CB  1 
ATOM 408  S SG  . CYS A 1 57  ? 15.194  5.885   -4.721  1.00 77.27  ? 118 CYS A SG  1 
ATOM 409  N N   . GLN A 1 58  ? 14.874  2.659   -4.912  1.00 58.64  ? 119 GLN A N   1 
ATOM 410  C CA  . GLN A 1 58  ? 13.869  2.173   -5.850  1.00 55.50  ? 119 GLN A CA  1 
ATOM 411  C C   . GLN A 1 58  ? 13.017  1.058   -5.278  1.00 53.85  ? 119 GLN A C   1 
ATOM 412  O O   . GLN A 1 58  ? 11.803  1.043   -5.483  1.00 52.92  ? 119 GLN A O   1 
ATOM 413  C CB  . GLN A 1 58  ? 14.543  1.701   -7.133  1.00 54.86  ? 119 GLN A CB  1 
ATOM 414  C CG  . GLN A 1 58  ? 15.321  2.804   -7.804  1.00 53.07  ? 119 GLN A CG  1 
ATOM 415  C CD  . GLN A 1 58  ? 15.953  2.380   -9.103  1.00 50.60  ? 119 GLN A CD  1 
ATOM 416  O OE1 . GLN A 1 58  ? 16.647  1.363   -9.168  1.00 48.82  ? 119 GLN A OE1 1 
ATOM 417  N NE2 . GLN A 1 58  ? 15.728  3.169   -10.152 1.00 47.99  ? 119 GLN A NE2 1 
ATOM 418  N N   . LEU A 1 59  ? 13.650  0.125   -4.571  1.00 52.59  ? 120 LEU A N   1 
ATOM 419  C CA  . LEU A 1 59  ? 12.915  -0.971  -3.967  1.00 52.25  ? 120 LEU A CA  1 
ATOM 420  C C   . LEU A 1 59  ? 12.003  -0.370  -2.934  1.00 52.63  ? 120 LEU A C   1 
ATOM 421  O O   . LEU A 1 59  ? 10.905  -0.851  -2.702  1.00 54.55  ? 120 LEU A O   1 
ATOM 422  C CB  . LEU A 1 59  ? 13.849  -1.977  -3.303  1.00 50.65  ? 120 LEU A CB  1 
ATOM 423  C CG  . LEU A 1 59  ? 14.721  -2.811  -4.238  1.00 50.54  ? 120 LEU A CG  1 
ATOM 424  C CD1 . LEU A 1 59  ? 15.466  -3.828  -3.426  1.00 49.53  ? 120 LEU A CD1 1 
ATOM 425  C CD2 . LEU A 1 59  ? 13.871  -3.510  -5.269  1.00 51.46  ? 120 LEU A CD2 1 
ATOM 426  N N   . ARG A 1 60  ? 12.454  0.703   -2.309  1.00 53.28  ? 121 ARG A N   1 
ATOM 427  C CA  . ARG A 1 60  ? 11.626  1.345   -1.314  1.00 54.22  ? 121 ARG A CA  1 
ATOM 428  C C   . ARG A 1 60  ? 10.383  1.850   -2.036  1.00 53.63  ? 121 ARG A C   1 
ATOM 429  O O   . ARG A 1 60  ? 9.265   1.630   -1.583  1.00 53.39  ? 121 ARG A O   1 
ATOM 430  C CB  . ARG A 1 60  ? 12.396  2.494   -0.649  1.00 56.31  ? 121 ARG A CB  1 
ATOM 431  C CG  . ARG A 1 60  ? 11.593  3.249   0.394   1.00 60.27  ? 121 ARG A CG  1 
ATOM 432  C CD  . ARG A 1 60  ? 12.410  4.320   1.108   1.00 62.84  ? 121 ARG A CD  1 
ATOM 433  N NE  . ARG A 1 60  ? 11.549  5.185   1.915   1.00 65.46  ? 121 ARG A NE  1 
ATOM 434  C CZ  . ARG A 1 60  ? 10.998  6.318   1.480   1.00 66.27  ? 121 ARG A CZ  1 
ATOM 435  N NH1 . ARG A 1 60  ? 11.224  6.731   0.240   1.00 66.63  ? 121 ARG A NH1 1 
ATOM 436  N NH2 . ARG A 1 60  ? 10.214  7.037   2.281   1.00 66.29  ? 121 ARG A NH2 1 
ATOM 437  N N   . THR A 1 61  ? 10.592  2.507   -3.177  1.00 53.30  ? 122 THR A N   1 
ATOM 438  C CA  . THR A 1 61  ? 9.494   3.049   -3.977  1.00 53.35  ? 122 THR A CA  1 
ATOM 439  C C   . THR A 1 61  ? 8.491   1.953   -4.334  1.00 52.58  ? 122 THR A C   1 
ATOM 440  O O   . THR A 1 61  ? 7.319   2.011   -3.950  1.00 52.29  ? 122 THR A O   1 
ATOM 441  C CB  . THR A 1 61  ? 10.009  3.690   -5.315  1.00 54.53  ? 122 THR A CB  1 
ATOM 442  O OG1 . THR A 1 61  ? 11.086  4.597   -5.047  1.00 57.17  ? 122 THR A OG1 1 
ATOM 443  C CG2 . THR A 1 61  ? 8.892   4.470   -6.006  1.00 54.15  ? 122 THR A CG2 1 
ATOM 444  N N   . ILE A 1 62  ? 8.961   0.961   -5.080  1.00 51.06  ? 123 ILE A N   1 
ATOM 445  C CA  . ILE A 1 62  ? 8.128   -0.151  -5.513  1.00 50.65  ? 123 ILE A CA  1 
ATOM 446  C C   . ILE A 1 62  ? 7.225   -0.682  -4.404  1.00 50.11  ? 123 ILE A C   1 
ATOM 447  O O   . ILE A 1 62  ? 6.014   -0.780  -4.576  1.00 50.10  ? 123 ILE A O   1 
ATOM 448  C CB  . ILE A 1 62  ? 9.008   -1.286  -6.030  1.00 51.14  ? 123 ILE A CB  1 
ATOM 449  C CG1 . ILE A 1 62  ? 9.838   -0.781  -7.198  1.00 51.17  ? 123 ILE A CG1 1 
ATOM 450  C CG2 . ILE A 1 62  ? 8.170   -2.459  -6.493  1.00 52.32  ? 123 ILE A CG2 1 
ATOM 451  C CD1 . ILE A 1 62  ? 10.869  -1.781  -7.636  1.00 50.64  ? 123 ILE A CD1 1 
ATOM 452  N N   . TYR A 1 63  ? 7.815   -1.017  -3.262  1.00 49.25  ? 124 TYR A N   1 
ATOM 453  C CA  . TYR A 1 63  ? 7.054   -1.549  -2.136  1.00 48.96  ? 124 TYR A CA  1 
ATOM 454  C C   . TYR A 1 63  ? 5.967   -0.595  -1.620  1.00 49.24  ? 124 TYR A C   1 
ATOM 455  O O   . TYR A 1 63  ? 4.878   -1.032  -1.230  1.00 49.40  ? 124 TYR A O   1 
ATOM 456  C CB  . TYR A 1 63  ? 8.023   -1.944  -1.012  1.00 48.26  ? 124 TYR A CB  1 
ATOM 457  C CG  . TYR A 1 63  ? 8.983   -3.044  -1.420  1.00 48.38  ? 124 TYR A CG  1 
ATOM 458  C CD1 . TYR A 1 63  ? 10.286  -3.091  -0.923  1.00 48.48  ? 124 TYR A CD1 1 
ATOM 459  C CD2 . TYR A 1 63  ? 8.592   -4.028  -2.326  1.00 50.09  ? 124 TYR A CD2 1 
ATOM 460  C CE1 . TYR A 1 63  ? 11.182  -4.087  -1.327  1.00 49.83  ? 124 TYR A CE1 1 
ATOM 461  C CE2 . TYR A 1 63  ? 9.475   -5.035  -2.733  1.00 50.59  ? 124 TYR A CE2 1 
ATOM 462  C CZ  . TYR A 1 63  ? 10.770  -5.060  -2.236  1.00 51.44  ? 124 TYR A CZ  1 
ATOM 463  O OH  . TYR A 1 63  ? 11.641  -6.044  -2.671  1.00 51.24  ? 124 TYR A OH  1 
ATOM 464  N N   . ILE A 1 64  ? 6.255   0.701   -1.613  1.00 49.42  ? 125 ILE A N   1 
ATOM 465  C CA  . ILE A 1 64  ? 5.276   1.688   -1.158  1.00 49.65  ? 125 ILE A CA  1 
ATOM 466  C C   . ILE A 1 64  ? 4.107   1.649   -2.139  1.00 49.07  ? 125 ILE A C   1 
ATOM 467  O O   . ILE A 1 64  ? 2.946   1.827   -1.763  1.00 47.87  ? 125 ILE A O   1 
ATOM 468  C CB  . ILE A 1 64  ? 5.862   3.125   -1.166  1.00 50.36  ? 125 ILE A CB  1 
ATOM 469  C CG1 . ILE A 1 64  ? 7.071   3.217   -0.234  1.00 48.61  ? 125 ILE A CG1 1 
ATOM 470  C CG2 . ILE A 1 64  ? 4.785   4.125   -0.762  1.00 50.57  ? 125 ILE A CG2 1 
ATOM 471  C CD1 . ILE A 1 64  ? 7.834   4.514   -0.365  1.00 46.09  ? 125 ILE A CD1 1 
ATOM 472  N N   . CYS A 1 65  ? 4.431   1.428   -3.409  1.00 49.17  ? 126 CYS A N   1 
ATOM 473  C CA  . CYS A 1 65  ? 3.396   1.359   -4.441  1.00 49.31  ? 126 CYS A CA  1 
ATOM 474  C C   . CYS A 1 65  ? 2.584   0.108   -4.205  1.00 47.78  ? 126 CYS A C   1 
ATOM 475  O O   . CYS A 1 65  ? 1.354   0.178   -4.121  1.00 48.46  ? 126 CYS A O   1 
ATOM 476  C CB  . CYS A 1 65  ? 4.009   1.336   -5.858  1.00 50.19  ? 126 CYS A CB  1 
ATOM 477  S SG  . CYS A 1 65  ? 4.706   2.931   -6.395  1.00 49.32  ? 126 CYS A SG  1 
ATOM 478  N N   . GLN A 1 66  ? 3.278   -1.026  -4.081  1.00 44.86  ? 127 GLN A N   1 
ATOM 479  C CA  . GLN A 1 66  ? 2.623   -2.298  -3.845  1.00 42.68  ? 127 GLN A CA  1 
ATOM 480  C C   . GLN A 1 66  ? 1.767   -2.150  -2.629  1.00 43.28  ? 127 GLN A C   1 
ATOM 481  O O   . GLN A 1 66  ? 0.601   -2.526  -2.636  1.00 44.24  ? 127 GLN A O   1 
ATOM 482  C CB  . GLN A 1 66  ? 3.627   -3.400  -3.578  1.00 42.47  ? 127 GLN A CB  1 
ATOM 483  C CG  . GLN A 1 66  ? 4.577   -3.695  -4.712  1.00 42.64  ? 127 GLN A CG  1 
ATOM 484  C CD  . GLN A 1 66  ? 5.305   -4.999  -4.485  1.00 43.79  ? 127 GLN A CD  1 
ATOM 485  O OE1 . GLN A 1 66  ? 6.258   -5.332  -5.187  1.00 44.92  ? 127 GLN A OE1 1 
ATOM 486  N NE2 . GLN A 1 66  ? 4.849   -5.758  -3.497  1.00 46.05  ? 127 GLN A NE2 1 
ATOM 487  N N   . PHE A 1 67  ? 2.356   -1.585  -1.581  1.00 44.56  ? 128 PHE A N   1 
ATOM 488  C CA  . PHE A 1 67  ? 1.649   -1.389  -0.319  1.00 44.62  ? 128 PHE A CA  1 
ATOM 489  C C   . PHE A 1 67  ? 0.348   -0.614  -0.465  1.00 45.99  ? 128 PHE A C   1 
ATOM 490  O O   . PHE A 1 67  ? -0.689  -1.023  0.053   1.00 46.70  ? 128 PHE A O   1 
ATOM 491  C CB  . PHE A 1 67  ? 2.533   -0.663  0.687   1.00 41.81  ? 128 PHE A CB  1 
ATOM 492  C CG  . PHE A 1 67  ? 1.843   -0.379  1.978   1.00 40.67  ? 128 PHE A CG  1 
ATOM 493  C CD1 . PHE A 1 67  ? 1.459   -1.427  2.817   1.00 41.05  ? 128 PHE A CD1 1 
ATOM 494  C CD2 . PHE A 1 67  ? 1.517   0.929   2.336   1.00 40.69  ? 128 PHE A CD2 1 
ATOM 495  C CE1 . PHE A 1 67  ? 0.753   -1.182  3.993   1.00 40.30  ? 128 PHE A CE1 1 
ATOM 496  C CE2 . PHE A 1 67  ? 0.809   1.196   3.509   1.00 39.71  ? 128 PHE A CE2 1 
ATOM 497  C CZ  . PHE A 1 67  ? 0.423   0.141   4.338   1.00 42.17  ? 128 PHE A CZ  1 
ATOM 498  N N   . LEU A 1 68  ? 0.404   0.510   -1.167  1.00 47.90  ? 129 LEU A N   1 
ATOM 499  C CA  . LEU A 1 68  ? -0.785  1.332   -1.340  1.00 48.65  ? 129 LEU A CA  1 
ATOM 500  C C   . LEU A 1 68  ? -1.837  0.733   -2.270  1.00 49.26  ? 129 LEU A C   1 
ATOM 501  O O   . LEU A 1 68  ? -3.032  0.968   -2.076  1.00 49.33  ? 129 LEU A O   1 
ATOM 502  C CB  . LEU A 1 68  ? -0.396  2.737   -1.819  1.00 48.95  ? 129 LEU A CB  1 
ATOM 503  C CG  . LEU A 1 68  ? 0.422   3.568   -0.822  1.00 50.14  ? 129 LEU A CG  1 
ATOM 504  C CD1 . LEU A 1 68  ? 0.771   4.912   -1.438  1.00 48.68  ? 129 LEU A CD1 1 
ATOM 505  C CD2 . LEU A 1 68  ? -0.376  3.752   0.469   1.00 48.77  ? 129 LEU A CD2 1 
ATOM 506  N N   . THR A 1 69  ? -1.427  -0.039  -3.274  1.00 48.78  ? 130 THR A N   1 
ATOM 507  C CA  . THR A 1 69  ? -2.442  -0.605  -4.153  1.00 49.42  ? 130 THR A CA  1 
ATOM 508  C C   . THR A 1 69  ? -3.201  -1.684  -3.373  1.00 49.94  ? 130 THR A C   1 
ATOM 509  O O   . THR A 1 69  ? -4.394  -1.892  -3.585  1.00 51.00  ? 130 THR A O   1 
ATOM 510  C CB  . THR A 1 69  ? -1.848  -1.196  -5.463  1.00 47.11  ? 130 THR A CB  1 
ATOM 511  O OG1 . THR A 1 69  ? -1.478  -2.549  -5.248  1.00 50.56  ? 130 THR A OG1 1 
ATOM 512  C CG2 . THR A 1 69  ? -0.638  -0.433  -5.901  1.00 45.14  ? 130 THR A CG2 1 
ATOM 513  N N   . ARG A 1 70  ? -2.509  -2.348  -2.450  1.00 50.47  ? 131 ARG A N   1 
ATOM 514  C CA  . ARG A 1 70  ? -3.119  -3.376  -1.618  1.00 49.89  ? 131 ARG A CA  1 
ATOM 515  C C   . ARG A 1 70  ? -4.214  -2.800  -0.741  1.00 50.35  ? 131 ARG A C   1 
ATOM 516  O O   . ARG A 1 70  ? -5.355  -3.192  -0.861  1.00 52.34  ? 131 ARG A O   1 
ATOM 517  C CB  . ARG A 1 70  ? -2.083  -4.017  -0.716  1.00 50.45  ? 131 ARG A CB  1 
ATOM 518  C CG  . ARG A 1 70  ? -1.038  -4.804  -1.437  1.00 51.07  ? 131 ARG A CG  1 
ATOM 519  C CD  . ARG A 1 70  ? -1.562  -6.164  -1.829  1.00 51.64  ? 131 ARG A CD  1 
ATOM 520  N NE  . ARG A 1 70  ? -0.469  -7.040  -2.241  1.00 53.01  ? 131 ARG A NE  1 
ATOM 521  C CZ  . ARG A 1 70  ? 0.335   -6.799  -3.271  1.00 53.66  ? 131 ARG A CZ  1 
ATOM 522  N NH1 . ARG A 1 70  ? 0.176   -5.704  -4.012  1.00 53.26  ? 131 ARG A NH1 1 
ATOM 523  N NH2 . ARG A 1 70  ? 1.310   -7.644  -3.546  1.00 51.50  ? 131 ARG A NH2 1 
ATOM 524  N N   . ILE A 1 71  ? -3.883  -1.873  0.149   1.00 51.09  ? 132 ILE A N   1 
ATOM 525  C CA  . ILE A 1 71  ? -4.919  -1.314  1.018   1.00 52.42  ? 132 ILE A CA  1 
ATOM 526  C C   . ILE A 1 71  ? -6.000  -0.646  0.183   1.00 51.69  ? 132 ILE A C   1 
ATOM 527  O O   . ILE A 1 71  ? -7.130  -0.474  0.619   1.00 51.80  ? 132 ILE A O   1 
ATOM 528  C CB  . ILE A 1 71  ? -4.361  -0.264  2.018   1.00 53.55  ? 132 ILE A CB  1 
ATOM 529  C CG1 . ILE A 1 71  ? -3.898  0.959   1.251   1.00 54.55  ? 132 ILE A CG1 1 
ATOM 530  C CG2 . ILE A 1 71  ? -3.231  -0.863  2.870   1.00 49.74  ? 132 ILE A CG2 1 
ATOM 531  C CD1 . ILE A 1 71  ? -3.316  2.011   2.133   1.00 59.95  ? 132 ILE A CD1 1 
ATOM 532  N N   . ALA A 1 72  ? -5.641  -0.274  -1.032  1.00 53.29  ? 133 ALA A N   1 
ATOM 533  C CA  . ALA A 1 72  ? -6.581  0.372   -1.942  1.00 53.52  ? 133 ALA A CA  1 
ATOM 534  C C   . ALA A 1 72  ? -7.615  -0.632  -2.419  1.00 52.39  ? 133 ALA A C   1 
ATOM 535  O O   . ALA A 1 72  ? -8.580  -0.276  -3.079  1.00 53.51  ? 133 ALA A O   1 
ATOM 536  C CB  . ALA A 1 72  ? -5.828  0.953   -3.140  1.00 52.97  ? 133 ALA A CB  1 
ATOM 537  N N   . ALA A 1 73  ? -7.399  -1.892  -2.086  1.00 52.10  ? 134 ALA A N   1 
ATOM 538  C CA  . ALA A 1 73  ? -8.300  -2.952  -2.493  1.00 52.15  ? 134 ALA A CA  1 
ATOM 539  C C   . ALA A 1 73  ? -8.878  -3.642  -1.268  1.00 52.85  ? 134 ALA A C   1 
ATOM 540  O O   . ALA A 1 73  ? -9.691  -4.545  -1.394  1.00 54.87  ? 134 ALA A O   1 
ATOM 541  C CB  . ALA A 1 73  ? -7.547  -3.955  -3.356  1.00 48.36  ? 134 ALA A CB  1 
ATOM 542  N N   . GLY A 1 74  ? -8.450  -3.200  -0.091  1.00 53.83  ? 135 GLY A N   1 
ATOM 543  C CA  . GLY A 1 74  ? -8.893  -3.784  1.167   1.00 55.91  ? 135 GLY A CA  1 
ATOM 544  C C   . GLY A 1 74  ? -10.312 -4.311  1.277   1.00 57.55  ? 135 GLY A C   1 
ATOM 545  O O   . GLY A 1 74  ? -10.511 -5.469  1.654   1.00 56.38  ? 135 GLY A O   1 
ATOM 546  N N   . LYS A 1 75  ? -11.292 -3.458  0.969   1.00 59.26  ? 136 LYS A N   1 
ATOM 547  C CA  . LYS A 1 75  ? -12.702 -3.829  1.032   1.00 60.97  ? 136 LYS A CA  1 
ATOM 548  C C   . LYS A 1 75  ? -13.137 -4.682  -0.158  1.00 63.20  ? 136 LYS A C   1 
ATOM 549  O O   . LYS A 1 75  ? -14.280 -5.127  -0.225  1.00 62.54  ? 136 LYS A O   1 
ATOM 550  C CB  . LYS A 1 75  ? -13.579 -2.577  1.115   1.00 60.10  ? 136 LYS A CB  1 
ATOM 551  C CG  . LYS A 1 75  ? -13.591 -1.882  2.477   1.00 59.07  ? 136 LYS A CG  1 
ATOM 552  C CD  . LYS A 1 75  ? -14.551 -0.703  2.465   1.00 58.93  ? 136 LYS A CD  1 
ATOM 553  C CE  . LYS A 1 75  ? -14.832 -0.134  3.848   1.00 60.21  ? 136 LYS A CE  1 
ATOM 554  N NZ  . LYS A 1 75  ? -15.755 -0.986  4.676   1.00 62.86  ? 136 LYS A NZ  1 
ATOM 555  N N   . THR A 1 76  ? -12.213 -4.901  -1.091  1.00 66.39  ? 137 THR A N   1 
ATOM 556  C CA  . THR A 1 76  ? -12.473 -5.707  -2.283  1.00 69.06  ? 137 THR A CA  1 
ATOM 557  C C   . THR A 1 76  ? -12.179 -7.176  -2.014  1.00 71.75  ? 137 THR A C   1 
ATOM 558  O O   . THR A 1 76  ? -11.043 -7.641  -2.171  1.00 72.14  ? 137 THR A O   1 
ATOM 559  C CB  . THR A 1 76  ? -11.599 -5.265  -3.470  1.00 68.45  ? 137 THR A CB  1 
ATOM 560  O OG1 . THR A 1 76  ? -11.976 -3.945  -3.880  1.00 68.68  ? 137 THR A OG1 1 
ATOM 561  C CG2 . THR A 1 76  ? -11.750 -6.233  -4.631  1.00 67.51  ? 137 THR A CG2 1 
ATOM 562  N N   . LEU A 1 77  ? -13.215 -7.900  -1.604  1.00 74.19  ? 138 LEU A N   1 
ATOM 563  C CA  . LEU A 1 77  ? -13.101 -9.327  -1.315  1.00 76.30  ? 138 LEU A CA  1 
ATOM 564  C C   . LEU A 1 77  ? -13.959 -10.158 -2.275  1.00 77.60  ? 138 LEU A C   1 
ATOM 565  O O   . LEU A 1 77  ? -14.879 -9.639  -2.917  1.00 79.24  ? 138 LEU A O   1 
ATOM 566  C CB  . LEU A 1 77  ? -13.527 -9.601  0.133   1.00 75.23  ? 138 LEU A CB  1 
ATOM 567  C CG  . LEU A 1 77  ? -12.500 -9.252  1.200   1.00 71.98  ? 138 LEU A CG  1 
ATOM 568  C CD1 . LEU A 1 77  ? -13.159 -9.219  2.545   1.00 71.35  ? 138 LEU A CD1 1 
ATOM 569  C CD2 . LEU A 1 77  ? -11.390 -10.275 1.159   1.00 70.93  ? 138 LEU A CD2 1 
ATOM 570  N N   . GLN A 1 80  ? -13.891 -10.922 -5.234  1.00 104.97 ? 141 GLN A N   1 
ATOM 571  C CA  . GLN A 1 80  ? -12.768 -11.839 -5.112  1.00 105.71 ? 141 GLN A CA  1 
ATOM 572  C C   . GLN A 1 80  ? -11.452 -11.081 -4.941  1.00 106.49 ? 141 GLN A C   1 
ATOM 573  O O   . GLN A 1 80  ? -11.124 -10.204 -5.745  1.00 107.64 ? 141 GLN A O   1 
ATOM 574  C CB  . GLN A 1 80  ? -12.686 -12.733 -6.351  1.00 105.16 ? 141 GLN A CB  1 
ATOM 575  N N   . PHE A 1 81  ? -10.705 -11.416 -3.892  1.00 106.44 ? 142 PHE A N   1 
ATOM 576  C CA  . PHE A 1 81  ? -9.421  -10.775 -3.631  1.00 105.85 ? 142 PHE A CA  1 
ATOM 577  C C   . PHE A 1 81  ? -8.432  -11.150 -4.739  1.00 105.73 ? 142 PHE A C   1 
ATOM 578  O O   . PHE A 1 81  ? -8.837  -11.624 -5.804  1.00 105.93 ? 142 PHE A O   1 
ATOM 579  C CB  . PHE A 1 81  ? -8.885  -11.222 -2.269  1.00 105.93 ? 142 PHE A CB  1 
ATOM 580  N N   . GLU A 1 82  ? -7.140  -10.949 -4.491  1.00 105.23 ? 143 GLU A N   1 
ATOM 581  C CA  . GLU A 1 82  ? -6.107  -11.267 -5.479  1.00 104.17 ? 143 GLU A CA  1 
ATOM 582  C C   . GLU A 1 82  ? -5.804  -12.764 -5.609  1.00 103.88 ? 143 GLU A C   1 
ATOM 583  O O   . GLU A 1 82  ? -5.217  -13.384 -4.724  1.00 104.20 ? 143 GLU A O   1 
ATOM 584  C CB  . GLU A 1 82  ? -4.827  -10.495 -5.157  1.00 103.69 ? 143 GLU A CB  1 
ATOM 585  C CG  . GLU A 1 82  ? -4.379  -10.599 -3.709  1.00 102.89 ? 143 GLU A CG  1 
ATOM 586  C CD  . GLU A 1 82  ? -3.477  -9.449  -3.302  1.00 102.35 ? 143 GLU A CD  1 
ATOM 587  O OE1 . GLU A 1 82  ? -2.994  -9.456  -2.156  1.00 102.17 ? 143 GLU A OE1 1 
ATOM 588  O OE2 . GLU A 1 82  ? -3.256  -8.532  -4.120  1.00 101.86 ? 143 GLU A OE2 1 
ATOM 589  N N   . ASN A 1 83  ? -6.215  -13.312 -6.745  1.00 103.32 ? 144 ASN A N   1 
ATOM 590  C CA  . ASN A 1 83  ? -6.069  -14.717 -7.125  1.00 102.99 ? 144 ASN A CA  1 
ATOM 591  C C   . ASN A 1 83  ? -4.703  -15.416 -7.011  1.00 102.91 ? 144 ASN A C   1 
ATOM 592  O O   . ASN A 1 83  ? -4.634  -16.562 -6.557  1.00 103.80 ? 144 ASN A O   1 
ATOM 593  C CB  . ASN A 1 83  ? -6.560  -14.848 -8.553  1.00 102.39 ? 144 ASN A CB  1 
ATOM 594  C CG  . ASN A 1 83  ? -6.266  -13.598 -9.365  1.00 101.40 ? 144 ASN A CG  1 
ATOM 595  O OD1 . ASN A 1 83  ? -7.021  -12.580 -9.288  1.00 100.76 ? 144 ASN A OD1 1 
ATOM 596  N ND2 . ASN A 1 83  ? -5.146  -13.627 -10.122 1.00 100.71 ? 144 ASN A ND2 1 
ATOM 597  N N   . ASP A 1 84  ? -3.629  -14.757 -7.449  1.00 102.55 ? 145 ASP A N   1 
ATOM 598  C CA  . ASP A 1 84  ? -2.279  -15.347 -7.398  1.00 100.30 ? 145 ASP A CA  1 
ATOM 599  C C   . ASP A 1 84  ? -1.887  -15.903 -6.020  1.00 97.90  ? 145 ASP A C   1 
ATOM 600  O O   . ASP A 1 84  ? -1.105  -16.854 -5.922  1.00 97.12  ? 145 ASP A O   1 
ATOM 601  C CB  . ASP A 1 84  ? -1.233  -14.318 -7.859  1.00 101.61 ? 145 ASP A CB  1 
ATOM 602  C CG  . ASP A 1 84  ? -1.257  -13.036 -7.034  1.00 103.75 ? 145 ASP A CG  1 
ATOM 603  O OD1 . ASP A 1 84  ? -2.326  -12.388 -6.954  1.00 104.64 ? 145 ASP A OD1 1 
ATOM 604  O OD2 . ASP A 1 84  ? -0.204  -12.669 -6.470  1.00 105.14 ? 145 ASP A OD2 1 
ATOM 605  N N   . GLU A 1 85  ? -2.441  -15.299 -4.968  1.00 94.75  ? 146 GLU A N   1 
ATOM 606  C CA  . GLU A 1 85  ? -2.195  -15.699 -3.583  1.00 91.30  ? 146 GLU A CA  1 
ATOM 607  C C   . GLU A 1 85  ? -3.535  -15.688 -2.838  1.00 89.71  ? 146 GLU A C   1 
ATOM 608  O O   . GLU A 1 85  ? -4.181  -14.643 -2.744  1.00 90.14  ? 146 GLU A O   1 
ATOM 609  C CB  . GLU A 1 85  ? -1.207  -14.721 -2.924  1.00 89.22  ? 146 GLU A CB  1 
ATOM 610  C CG  . GLU A 1 85  ? -1.094  -14.855 -1.412  1.00 87.37  ? 146 GLU A CG  1 
ATOM 611  C CD  . GLU A 1 85  ? 0.111   -14.122 -0.826  1.00 86.76  ? 146 GLU A CD  1 
ATOM 612  O OE1 . GLU A 1 85  ? 0.368   -12.960 -1.222  1.00 83.98  ? 146 GLU A OE1 1 
ATOM 613  O OE2 . GLU A 1 85  ? 0.794   -14.716 0.045   1.00 85.22  ? 146 GLU A OE2 1 
ATOM 614  N N   . ARG A 1 86  ? -3.957  -16.847 -2.322  1.00 86.83  ? 147 ARG A N   1 
ATOM 615  C CA  . ARG A 1 86  ? -5.233  -16.950 -1.602  1.00 83.37  ? 147 ARG A CA  1 
ATOM 616  C C   . ARG A 1 86  ? -5.179  -16.319 -0.199  1.00 80.84  ? 147 ARG A C   1 
ATOM 617  O O   . ARG A 1 86  ? -5.453  -16.967 0.813   1.00 80.94  ? 147 ARG A O   1 
ATOM 618  C CB  . ARG A 1 86  ? -5.660  -18.417 -1.500  1.00 83.28  ? 147 ARG A CB  1 
ATOM 619  N N   . ILE A 1 87  ? -4.827  -15.034 -0.175  1.00 76.72  ? 148 ILE A N   1 
ATOM 620  C CA  . ILE A 1 87  ? -4.699  -14.219 1.031   1.00 70.03  ? 148 ILE A CA  1 
ATOM 621  C C   . ILE A 1 87  ? -5.531  -12.975 0.750   1.00 65.61  ? 148 ILE A C   1 
ATOM 622  O O   . ILE A 1 87  ? -5.783  -12.659 -0.419  1.00 67.05  ? 148 ILE A O   1 
ATOM 623  C CB  . ILE A 1 87  ? -3.205  -13.835 1.252   1.00 69.92  ? 148 ILE A CB  1 
ATOM 624  C CG1 . ILE A 1 87  ? -2.533  -14.874 2.138   1.00 70.33  ? 148 ILE A CG1 1 
ATOM 625  C CG2 . ILE A 1 87  ? -3.071  -12.463 1.844   1.00 70.96  ? 148 ILE A CG2 1 
ATOM 626  C CD1 . ILE A 1 87  ? -3.196  -15.048 3.480   1.00 71.03  ? 148 ILE A CD1 1 
ATOM 627  N N   . THR A 1 88  ? -5.974  -12.272 1.786   1.00 59.06  ? 149 THR A N   1 
ATOM 628  C CA  . THR A 1 88  ? -6.774  -11.080 1.546   1.00 54.42  ? 149 THR A CA  1 
ATOM 629  C C   . THR A 1 88  ? -5.866  -9.874  1.346   1.00 52.72  ? 149 THR A C   1 
ATOM 630  O O   . THR A 1 88  ? -4.761  -9.832  1.873   1.00 51.88  ? 149 THR A O   1 
ATOM 631  C CB  . THR A 1 88  ? -7.761  -10.803 2.702   1.00 52.80  ? 149 THR A CB  1 
ATOM 632  O OG1 . THR A 1 88  ? -7.037  -10.551 3.904   1.00 51.92  ? 149 THR A OG1 1 
ATOM 633  C CG2 . THR A 1 88  ? -8.675  -11.991 2.917   1.00 50.97  ? 149 THR A CG2 1 
ATOM 634  N N   . PRO A 1 89  ? -6.322  -8.878  0.567   1.00 50.23  ? 150 PRO A N   1 
ATOM 635  C CA  . PRO A 1 89  ? -5.555  -7.662  0.291   1.00 48.62  ? 150 PRO A CA  1 
ATOM 636  C C   . PRO A 1 89  ? -4.890  -7.017  1.520   1.00 47.13  ? 150 PRO A C   1 
ATOM 637  O O   . PRO A 1 89  ? -3.686  -6.778  1.520   1.00 46.95  ? 150 PRO A O   1 
ATOM 638  C CB  . PRO A 1 89  ? -6.591  -6.749  -0.355  1.00 48.48  ? 150 PRO A CB  1 
ATOM 639  C CG  . PRO A 1 89  ? -7.455  -7.703  -1.077  1.00 49.70  ? 150 PRO A CG  1 
ATOM 640  C CD  . PRO A 1 89  ? -7.648  -8.802  -0.064  1.00 49.92  ? 150 PRO A CD  1 
ATOM 641  N N   . LEU A 1 90  ? -5.661  -6.719  2.561   1.00 45.67  ? 151 LEU A N   1 
ATOM 642  C CA  . LEU A 1 90  ? -5.072  -6.109  3.748   1.00 44.64  ? 151 LEU A CA  1 
ATOM 643  C C   . LEU A 1 90  ? -4.046  -7.065  4.374   1.00 46.06  ? 151 LEU A C   1 
ATOM 644  O O   . LEU A 1 90  ? -3.045  -6.623  4.929   1.00 46.85  ? 151 LEU A O   1 
ATOM 645  C CB  . LEU A 1 90  ? -6.162  -5.719  4.763   1.00 41.84  ? 151 LEU A CB  1 
ATOM 646  C CG  . LEU A 1 90  ? -7.182  -4.682  4.277   1.00 39.34  ? 151 LEU A CG  1 
ATOM 647  C CD1 . LEU A 1 90  ? -8.247  -4.390  5.312   1.00 35.26  ? 151 LEU A CD1 1 
ATOM 648  C CD2 . LEU A 1 90  ? -6.430  -3.418  3.953   1.00 41.92  ? 151 LEU A CD2 1 
ATOM 649  N N   . GLU A 1 91  ? -4.276  -8.373  4.276   1.00 46.31  ? 152 GLU A N   1 
ATOM 650  C CA  . GLU A 1 91  ? -3.322  -9.336  4.824   1.00 47.59  ? 152 GLU A CA  1 
ATOM 651  C C   . GLU A 1 91  ? -1.987  -9.191  4.104   1.00 47.10  ? 152 GLU A C   1 
ATOM 652  O O   . GLU A 1 91  ? -0.923  -9.243  4.719   1.00 46.43  ? 152 GLU A O   1 
ATOM 653  C CB  . GLU A 1 91  ? -3.827  -10.755 4.639   1.00 49.62  ? 152 GLU A CB  1 
ATOM 654  C CG  . GLU A 1 91  ? -4.557  -11.324 5.825   1.00 54.01  ? 152 GLU A CG  1 
ATOM 655  C CD  . GLU A 1 91  ? -5.252  -12.623 5.477   1.00 56.68  ? 152 GLU A CD  1 
ATOM 656  O OE1 . GLU A 1 91  ? -5.273  -13.540 6.330   1.00 58.75  ? 152 GLU A OE1 1 
ATOM 657  O OE2 . GLU A 1 91  ? -5.784  -12.719 4.344   1.00 57.67  ? 152 GLU A OE2 1 
ATOM 658  N N   . SER A 1 92  ? -2.073  -9.013  2.792   1.00 47.99  ? 153 SER A N   1 
ATOM 659  C CA  . SER A 1 92  ? -0.918  -8.843  1.927   1.00 47.78  ? 153 SER A CA  1 
ATOM 660  C C   . SER A 1 92  ? -0.273  -7.479  2.172   1.00 49.19  ? 153 SER A C   1 
ATOM 661  O O   . SER A 1 92  ? 0.951   -7.324  2.068   1.00 49.42  ? 153 SER A O   1 
ATOM 662  C CB  . SER A 1 92  ? -1.348  -8.959  0.462   1.00 46.26  ? 153 SER A CB  1 
ATOM 663  O OG  . SER A 1 92  ? -0.225  -9.004  -0.402  1.00 49.61  ? 153 SER A OG  1 
ATOM 664  N N   . ALA A 1 93  ? -1.094  -6.484  2.493   1.00 49.46  ? 154 ALA A N   1 
ATOM 665  C CA  . ALA A 1 93  ? -0.554  -5.161  2.753   1.00 49.80  ? 154 ALA A CA  1 
ATOM 666  C C   . ALA A 1 93  ? 0.176   -5.235  4.070   1.00 50.74  ? 154 ALA A C   1 
ATOM 667  O O   . ALA A 1 93  ? 1.147   -4.534  4.287   1.00 52.67  ? 154 ALA A O   1 
ATOM 668  C CB  . ALA A 1 93  ? -1.656  -4.137  2.830   1.00 47.97  ? 154 ALA A CB  1 
ATOM 669  N N   . LEU A 1 94  ? -0.290  -6.105  4.956   1.00 51.85  ? 155 LEU A N   1 
ATOM 670  C CA  . LEU A 1 94  ? 0.342   -6.232  6.256   1.00 52.72  ? 155 LEU A CA  1 
ATOM 671  C C   . LEU A 1 94  ? 1.730   -6.826  6.093   1.00 52.89  ? 155 LEU A C   1 
ATOM 672  O O   . LEU A 1 94  ? 2.676   -6.390  6.753   1.00 53.22  ? 155 LEU A O   1 
ATOM 673  C CB  . LEU A 1 94  ? -0.513  -7.099  7.187   1.00 53.45  ? 155 LEU A CB  1 
ATOM 674  C CG  . LEU A 1 94  ? -0.116  -7.046  8.667   1.00 53.71  ? 155 LEU A CG  1 
ATOM 675  C CD1 . LEU A 1 94  ? -0.157  -5.616  9.176   1.00 53.73  ? 155 LEU A CD1 1 
ATOM 676  C CD2 . LEU A 1 94  ? -1.055  -7.908  9.471   1.00 54.96  ? 155 LEU A CD2 1 
ATOM 677  N N   . MET A 1 95  ? 1.850   -7.808  5.201   1.00 52.61  ? 156 MET A N   1 
ATOM 678  C CA  . MET A 1 95  ? 3.134   -8.454  4.951   1.00 52.63  ? 156 MET A CA  1 
ATOM 679  C C   . MET A 1 95  ? 4.178   -7.484  4.405   1.00 51.66  ? 156 MET A C   1 
ATOM 680  O O   . MET A 1 95  ? 5.317   -7.477  4.868   1.00 51.21  ? 156 MET A O   1 
ATOM 681  C CB  . MET A 1 95  ? 2.969   -9.633  3.984   1.00 54.72  ? 156 MET A CB  1 
ATOM 682  C CG  . MET A 1 95  ? 2.329   -10.863 4.607   1.00 58.45  ? 156 MET A CG  1 
ATOM 683  S SD  . MET A 1 95  ? 2.284   -12.334 3.527   1.00 65.48  ? 156 MET A SD  1 
ATOM 684  C CE  . MET A 1 95  ? 0.487   -12.415 3.034   1.00 61.48  ? 156 MET A CE  1 
ATOM 685  N N   . ILE A 1 96  ? 3.797   -6.658  3.434   1.00 50.69  ? 157 ILE A N   1 
ATOM 686  C CA  . ILE A 1 96  ? 4.736   -5.701  2.856   1.00 50.45  ? 157 ILE A CA  1 
ATOM 687  C C   . ILE A 1 96  ? 5.171   -4.671  3.892   1.00 50.90  ? 157 ILE A C   1 
ATOM 688  O O   . ILE A 1 96  ? 6.352   -4.410  4.056   1.00 49.57  ? 157 ILE A O   1 
ATOM 689  C CB  . ILE A 1 96  ? 4.119   -4.963  1.641   1.00 49.84  ? 157 ILE A CB  1 
ATOM 690  C CG1 . ILE A 1 96  ? 3.741   -5.975  0.549   1.00 50.98  ? 157 ILE A CG1 1 
ATOM 691  C CG2 . ILE A 1 96  ? 5.111   -3.977  1.081   1.00 46.35  ? 157 ILE A CG2 1 
ATOM 692  C CD1 . ILE A 1 96  ? 2.717   -5.470  -0.470  1.00 50.16  ? 157 ILE A CD1 1 
ATOM 693  N N   . TRP A 1 97  ? 4.205   -4.109  4.605   1.00 53.14  ? 158 TRP A N   1 
ATOM 694  C CA  . TRP A 1 97  ? 4.460   -3.090  5.613   1.00 54.78  ? 158 TRP A CA  1 
ATOM 695  C C   . TRP A 1 97  ? 5.571   -3.465  6.577   1.00 57.68  ? 158 TRP A C   1 
ATOM 696  O O   . TRP A 1 97  ? 6.491   -2.672  6.818   1.00 58.48  ? 158 TRP A O   1 
ATOM 697  C CB  . TRP A 1 97  ? 3.191   -2.821  6.410   1.00 53.28  ? 158 TRP A CB  1 
ATOM 698  C CG  . TRP A 1 97  ? 3.282   -1.631  7.325   1.00 52.69  ? 158 TRP A CG  1 
ATOM 699  C CD1 . TRP A 1 97  ? 3.168   -1.626  8.693   1.00 51.76  ? 158 TRP A CD1 1 
ATOM 700  C CD2 . TRP A 1 97  ? 3.413   -0.267  6.932   1.00 52.05  ? 158 TRP A CD2 1 
ATOM 701  N NE1 . TRP A 1 97  ? 3.207   -0.339  9.170   1.00 51.26  ? 158 TRP A NE1 1 
ATOM 702  C CE2 . TRP A 1 97  ? 3.357   0.517   8.110   1.00 52.97  ? 158 TRP A CE2 1 
ATOM 703  C CE3 . TRP A 1 97  ? 3.568   0.373   5.697   1.00 52.09  ? 158 TRP A CE3 1 
ATOM 704  C CZ2 . TRP A 1 97  ? 3.451   1.914   8.085   1.00 54.02  ? 158 TRP A CZ2 1 
ATOM 705  C CZ3 . TRP A 1 97  ? 3.659   1.758   5.668   1.00 52.63  ? 158 TRP A CZ3 1 
ATOM 706  C CH2 . TRP A 1 97  ? 3.599   2.516   6.857   1.00 54.49  ? 158 TRP A CH2 1 
ATOM 707  N N   . GLY A 1 98  ? 5.472   -4.669  7.134   1.00 59.23  ? 159 GLY A N   1 
ATOM 708  C CA  . GLY A 1 98  ? 6.467   -5.129  8.079   1.00 62.59  ? 159 GLY A CA  1 
ATOM 709  C C   . GLY A 1 98  ? 7.747   -5.604  7.422   1.00 66.29  ? 159 GLY A C   1 
ATOM 710  O O   . GLY A 1 98  ? 8.478   -6.416  7.994   1.00 67.62  ? 159 GLY A O   1 
ATOM 711  N N   . SER A 1 99  ? 8.020   -5.103  6.219   1.00 68.89  ? 160 SER A N   1 
ATOM 712  C CA  . SER A 1 99  ? 9.227   -5.470  5.482   1.00 70.34  ? 160 SER A CA  1 
ATOM 713  C C   . SER A 1 99  ? 9.855   -4.287  4.753   1.00 72.13  ? 160 SER A C   1 
ATOM 714  O O   . SER A 1 99  ? 11.019  -4.339  4.372   1.00 72.60  ? 160 SER A O   1 
ATOM 715  C CB  . SER A 1 99  ? 8.921   -6.583  4.480   1.00 69.60  ? 160 SER A CB  1 
ATOM 716  O OG  . SER A 1 99  ? 8.642   -7.797  5.148   1.00 68.15  ? 160 SER A OG  1 
ATOM 717  N N   . ILE A 1 100 ? 9.096   -3.221  4.548   1.00 74.80  ? 161 ILE A N   1 
ATOM 718  C CA  . ILE A 1 100 ? 9.657   -2.068  3.869   1.00 78.49  ? 161 ILE A CA  1 
ATOM 719  C C   . ILE A 1 100 ? 10.793  -1.566  4.749   1.00 81.49  ? 161 ILE A C   1 
ATOM 720  O O   . ILE A 1 100 ? 10.652  -1.519  5.972   1.00 82.60  ? 161 ILE A O   1 
ATOM 721  C CB  . ILE A 1 100 ? 8.628   -0.930  3.707   1.00 78.13  ? 161 ILE A CB  1 
ATOM 722  C CG1 . ILE A 1 100 ? 7.401   -1.427  2.947   1.00 77.67  ? 161 ILE A CG1 1 
ATOM 723  C CG2 . ILE A 1 100 ? 9.245   0.217   2.926   1.00 77.86  ? 161 ILE A CG2 1 
ATOM 724  C CD1 . ILE A 1 100 ? 6.272   -0.421  2.901   1.00 75.97  ? 161 ILE A CD1 1 
ATOM 725  N N   . GLU A 1 101 ? 11.920  -1.215  4.130   1.00 84.03  ? 162 GLU A N   1 
ATOM 726  C CA  . GLU A 1 101 ? 13.077  -0.694  4.860   1.00 85.24  ? 162 GLU A CA  1 
ATOM 727  C C   . GLU A 1 101 ? 12.702  0.688   5.370   1.00 85.27  ? 162 GLU A C   1 
ATOM 728  O O   . GLU A 1 101 ? 12.918  1.693   4.685   1.00 85.13  ? 162 GLU A O   1 
ATOM 729  C CB  . GLU A 1 101 ? 14.295  -0.581  3.936   1.00 86.87  ? 162 GLU A CB  1 
ATOM 730  C CG  . GLU A 1 101 ? 14.748  -1.908  3.338   1.00 89.89  ? 162 GLU A CG  1 
ATOM 731  C CD  . GLU A 1 101 ? 15.442  -2.818  4.346   1.00 90.84  ? 162 GLU A CD  1 
ATOM 732  O OE1 . GLU A 1 101 ? 15.566  -4.030  4.059   1.00 91.79  ? 162 GLU A OE1 1 
ATOM 733  O OE2 . GLU A 1 101 ? 15.870  -2.322  5.413   1.00 91.34  ? 162 GLU A OE2 1 
ATOM 734  N N   . LYS A 1 102 ? 12.122  0.727   6.567   1.00 84.90  ? 163 LYS A N   1 
ATOM 735  C CA  . LYS A 1 102 ? 11.701  1.983   7.170   1.00 84.17  ? 163 LYS A CA  1 
ATOM 736  C C   . LYS A 1 102 ? 11.626  1.903   8.690   1.00 83.72  ? 163 LYS A C   1 
ATOM 737  O O   . LYS A 1 102 ? 11.386  0.838   9.270   1.00 82.63  ? 163 LYS A O   1 
ATOM 738  C CB  . LYS A 1 102 ? 10.336  2.405   6.616   1.00 84.27  ? 163 LYS A CB  1 
ATOM 739  C CG  . LYS A 1 102 ? 9.239   1.374   6.808   1.00 83.61  ? 163 LYS A CG  1 
ATOM 740  C CD  . LYS A 1 102 ? 7.882   1.944   6.451   1.00 83.44  ? 163 LYS A CD  1 
ATOM 741  C CE  . LYS A 1 102 ? 7.547   3.131   7.335   1.00 82.79  ? 163 LYS A CE  1 
ATOM 742  N NZ  . LYS A 1 102 ? 7.632   2.769   8.775   1.00 82.75  ? 163 LYS A NZ  1 
ATOM 743  N N   . GLU A 1 103 ? 11.833  3.050   9.323   1.00 83.00  ? 164 GLU A N   1 
ATOM 744  C CA  . GLU A 1 103 ? 11.800  3.145   10.770  1.00 82.60  ? 164 GLU A CA  1 
ATOM 745  C C   . GLU A 1 103 ? 10.441  2.748   11.325  1.00 82.28  ? 164 GLU A C   1 
ATOM 746  O O   . GLU A 1 103 ? 9.396   3.138   10.805  1.00 82.16  ? 164 GLU A O   1 
ATOM 747  C CB  . GLU A 1 103 ? 12.136  4.572   11.209  1.00 83.00  ? 164 GLU A CB  1 
ATOM 748  N N   . HIS A 1 104 ? 10.465  1.961   12.387  1.00 81.79  ? 165 HIS A N   1 
ATOM 749  C CA  . HIS A 1 104 ? 9.242   1.530   13.032  1.00 82.00  ? 165 HIS A CA  1 
ATOM 750  C C   . HIS A 1 104 ? 8.867   2.557   14.103  1.00 82.10  ? 165 HIS A C   1 
ATOM 751  O O   . HIS A 1 104 ? 8.989   2.295   15.296  1.00 81.98  ? 165 HIS A O   1 
ATOM 752  C CB  . HIS A 1 104 ? 9.443   0.140   13.648  1.00 81.09  ? 165 HIS A CB  1 
ATOM 753  C CG  . HIS A 1 104 ? 9.560   -0.956  12.634  1.00 80.73  ? 165 HIS A CG  1 
ATOM 754  N ND1 . HIS A 1 104 ? 10.381  -0.864  11.530  1.00 81.59  ? 165 HIS A ND1 1 
ATOM 755  C CD2 . HIS A 1 104 ? 8.951   -2.163  12.550  1.00 80.76  ? 165 HIS A CD2 1 
ATOM 756  C CE1 . HIS A 1 104 ? 10.272  -1.966  10.808  1.00 80.76  ? 165 HIS A CE1 1 
ATOM 757  N NE2 . HIS A 1 104 ? 9.410   -2.770  11.406  1.00 80.22  ? 165 HIS A NE2 1 
ATOM 758  N N   . ASP A 1 105 ? 8.417   3.730   13.662  1.00 82.19  ? 166 ASP A N   1 
ATOM 759  C CA  . ASP A 1 105 ? 8.023   4.804   14.573  1.00 82.24  ? 166 ASP A CA  1 
ATOM 760  C C   . ASP A 1 105 ? 6.779   4.417   15.361  1.00 81.44  ? 166 ASP A C   1 
ATOM 761  O O   . ASP A 1 105 ? 6.371   3.252   15.389  1.00 82.09  ? 166 ASP A O   1 
ATOM 762  C CB  . ASP A 1 105 ? 7.691   6.084   13.802  1.00 83.41  ? 166 ASP A CB  1 
ATOM 763  C CG  . ASP A 1 105 ? 8.625   6.330   12.652  1.00 85.79  ? 166 ASP A CG  1 
ATOM 764  O OD1 . ASP A 1 105 ? 9.854   6.407   12.871  1.00 87.19  ? 166 ASP A OD1 1 
ATOM 765  O OD2 . ASP A 1 105 ? 8.122   6.454   11.519  1.00 88.33  ? 166 ASP A OD2 1 
ATOM 766  N N   . LYS A 1 106 ? 6.181   5.416   16.002  1.00 79.39  ? 167 LYS A N   1 
ATOM 767  C CA  . LYS A 1 106 ? 4.963   5.205   16.755  1.00 77.05  ? 167 LYS A CA  1 
ATOM 768  C C   . LYS A 1 106 ? 3.897   5.020   15.684  1.00 75.47  ? 167 LYS A C   1 
ATOM 769  O O   . LYS A 1 106 ? 3.040   4.152   15.796  1.00 75.43  ? 167 LYS A O   1 
ATOM 770  C CB  . LYS A 1 106 ? 4.639   6.429   17.622  1.00 76.24  ? 167 LYS A CB  1 
ATOM 771  N N   . LEU A 1 107 ? 3.974   5.837   14.635  1.00 73.42  ? 168 LEU A N   1 
ATOM 772  C CA  . LEU A 1 107 ? 3.019   5.759   13.540  1.00 71.38  ? 168 LEU A CA  1 
ATOM 773  C C   . LEU A 1 107 ? 3.040   4.372   12.892  1.00 71.06  ? 168 LEU A C   1 
ATOM 774  O O   . LEU A 1 107 ? 1.987   3.786   12.633  1.00 71.56  ? 168 LEU A O   1 
ATOM 775  C CB  . LEU A 1 107 ? 3.320   6.835   12.494  1.00 68.87  ? 168 LEU A CB  1 
ATOM 776  C CG  . LEU A 1 107 ? 2.415   6.864   11.254  1.00 67.70  ? 168 LEU A CG  1 
ATOM 777  C CD1 . LEU A 1 107 ? 0.938   6.757   11.658  1.00 65.30  ? 168 LEU A CD1 1 
ATOM 778  C CD2 . LEU A 1 107 ? 2.680   8.144   10.465  1.00 65.70  ? 168 LEU A CD2 1 
ATOM 779  N N   . HIS A 1 108 ? 4.235   3.850   12.638  1.00 69.83  ? 169 HIS A N   1 
ATOM 780  C CA  . HIS A 1 108 ? 4.367   2.537   12.028  1.00 69.53  ? 169 HIS A CA  1 
ATOM 781  C C   . HIS A 1 108 ? 3.539   1.524   12.802  1.00 70.02  ? 169 HIS A C   1 
ATOM 782  O O   . HIS A 1 108 ? 2.720   0.803   12.233  1.00 72.14  ? 169 HIS A O   1 
ATOM 783  C CB  . HIS A 1 108 ? 5.826   2.085   12.034  1.00 69.52  ? 169 HIS A CB  1 
ATOM 784  C CG  . HIS A 1 108 ? 6.064   0.797   11.305  1.00 68.45  ? 169 HIS A CG  1 
ATOM 785  N ND1 . HIS A 1 108 ? 6.388   0.748   9.965   1.00 66.95  ? 169 HIS A ND1 1 
ATOM 786  C CD2 . HIS A 1 108 ? 5.989   -0.490  11.720  1.00 67.27  ? 169 HIS A CD2 1 
ATOM 787  C CE1 . HIS A 1 108 ? 6.502   -0.512  9.588   1.00 66.73  ? 169 HIS A CE1 1 
ATOM 788  N NE2 . HIS A 1 108 ? 6.264   -1.284  10.634  1.00 66.64  ? 169 HIS A NE2 1 
ATOM 789  N N   . GLU A 1 109 ? 3.759   1.467   14.106  1.00 69.17  ? 170 GLU A N   1 
ATOM 790  C CA  . GLU A 1 109 ? 3.032   0.532   14.941  1.00 68.66  ? 170 GLU A CA  1 
ATOM 791  C C   . GLU A 1 109 ? 1.532   0.752   14.868  1.00 66.71  ? 170 GLU A C   1 
ATOM 792  O O   . GLU A 1 109 ? 0.763   -0.202  14.881  1.00 66.80  ? 170 GLU A O   1 
ATOM 793  C CB  . GLU A 1 109 ? 3.499   0.645   16.396  1.00 71.42  ? 170 GLU A CB  1 
ATOM 794  C CG  . GLU A 1 109 ? 4.942   0.208   16.630  1.00 74.49  ? 170 GLU A CG  1 
ATOM 795  C CD  . GLU A 1 109 ? 5.214   -1.188  16.095  1.00 77.26  ? 170 GLU A CD  1 
ATOM 796  O OE1 . GLU A 1 109 ? 4.368   -2.086  16.335  1.00 77.48  ? 170 GLU A OE1 1 
ATOM 797  O OE2 . GLU A 1 109 ? 6.266   -1.384  15.441  1.00 77.69  ? 170 GLU A OE2 1 
ATOM 798  N N   . GLU A 1 110 ? 1.115   2.010   14.793  1.00 65.51  ? 171 GLU A N   1 
ATOM 799  C CA  . GLU A 1 110 ? -0.307  2.328   14.726  1.00 64.78  ? 171 GLU A CA  1 
ATOM 800  C C   . GLU A 1 110 ? -0.893  1.756   13.445  1.00 63.50  ? 171 GLU A C   1 
ATOM 801  O O   . GLU A 1 110 ? -1.923  1.072   13.470  1.00 63.51  ? 171 GLU A O   1 
ATOM 802  C CB  . GLU A 1 110 ? -0.544  3.846   14.739  1.00 66.49  ? 171 GLU A CB  1 
ATOM 803  C CG  . GLU A 1 110 ? 0.150   4.611   15.850  1.00 70.09  ? 171 GLU A CG  1 
ATOM 804  C CD  . GLU A 1 110 ? -0.310  6.059   15.936  1.00 72.83  ? 171 GLU A CD  1 
ATOM 805  O OE1 . GLU A 1 110 ? -1.262  6.335   16.702  1.00 74.78  ? 171 GLU A OE1 1 
ATOM 806  O OE2 . GLU A 1 110 ? 0.267   6.923   15.233  1.00 74.81  ? 171 GLU A OE2 1 
ATOM 807  N N   . ILE A 1 111 ? -0.229  2.045   12.328  1.00 60.55  ? 172 ILE A N   1 
ATOM 808  C CA  . ILE A 1 111 ? -0.677  1.580   11.035  1.00 58.40  ? 172 ILE A CA  1 
ATOM 809  C C   . ILE A 1 111 ? -0.733  0.057   10.971  1.00 59.02  ? 172 ILE A C   1 
ATOM 810  O O   . ILE A 1 111 ? -1.608  -0.516  10.327  1.00 60.12  ? 172 ILE A O   1 
ATOM 811  C CB  . ILE A 1 111 ? 0.220   2.154   9.924   1.00 56.54  ? 172 ILE A CB  1 
ATOM 812  C CG1 . ILE A 1 111 ? -0.025  3.665   9.813   1.00 55.82  ? 172 ILE A CG1 1 
ATOM 813  C CG2 . ILE A 1 111 ? -0.080  1.484   8.590   1.00 56.32  ? 172 ILE A CG2 1 
ATOM 814  C CD1 . ILE A 1 111 ? 0.736   4.357   8.686   1.00 52.38  ? 172 ILE A CD1 1 
ATOM 815  N N   . GLN A 1 112 ? 0.174   -0.602  11.670  1.00 59.48  ? 173 GLN A N   1 
ATOM 816  C CA  . GLN A 1 112 ? 0.211   -2.061  11.688  1.00 60.34  ? 173 GLN A CA  1 
ATOM 817  C C   . GLN A 1 112 ? -0.933  -2.740  12.456  1.00 59.87  ? 173 GLN A C   1 
ATOM 818  O O   . GLN A 1 112 ? -1.369  -3.840  12.094  1.00 59.05  ? 173 GLN A O   1 
ATOM 819  C CB  . GLN A 1 112 ? 1.551   -2.512  12.254  1.00 62.23  ? 173 GLN A CB  1 
ATOM 820  C CG  . GLN A 1 112 ? 1.630   -3.973  12.611  1.00 64.60  ? 173 GLN A CG  1 
ATOM 821  C CD  . GLN A 1 112 ? 3.057   -4.401  12.833  1.00 66.98  ? 173 GLN A CD  1 
ATOM 822  O OE1 . GLN A 1 112 ? 3.818   -4.597  11.874  1.00 67.90  ? 173 GLN A OE1 1 
ATOM 823  N NE2 . GLN A 1 112 ? 3.445   -4.522  14.100  1.00 67.07  ? 173 GLN A NE2 1 
ATOM 824  N N   . ASN A 1 113 ? -1.414  -2.098  13.518  1.00 59.89  ? 174 ASN A N   1 
ATOM 825  C CA  . ASN A 1 113 ? -2.500  -2.669  14.312  1.00 59.46  ? 174 ASN A CA  1 
ATOM 826  C C   . ASN A 1 113 ? -3.838  -2.370  13.700  1.00 57.49  ? 174 ASN A C   1 
ATOM 827  O O   . ASN A 1 113 ? -4.781  -3.142  13.859  1.00 57.83  ? 174 ASN A O   1 
ATOM 828  C CB  . ASN A 1 113 ? -2.440  -2.175  15.760  1.00 62.00  ? 174 ASN A CB  1 
ATOM 829  C CG  . ASN A 1 113 ? -1.607  -3.103  16.648  1.00 65.66  ? 174 ASN A CG  1 
ATOM 830  O OD1 . ASN A 1 113 ? -2.135  -4.038  17.268  1.00 65.78  ? 174 ASN A OD1 1 
ATOM 831  N ND2 . ASN A 1 113 ? -0.292  -2.870  16.682  1.00 65.82  ? 174 ASN A ND2 1 
ATOM 832  N N   . LEU A 1 114 ? -3.920  -1.246  12.997  1.00 56.05  ? 175 LEU A N   1 
ATOM 833  C CA  . LEU A 1 114 ? -5.150  -0.884  12.315  1.00 54.28  ? 175 LEU A CA  1 
ATOM 834  C C   . LEU A 1 114 ? -5.342  -1.904  11.206  1.00 52.97  ? 175 LEU A C   1 
ATOM 835  O O   . LEU A 1 114 ? -6.382  -2.555  11.137  1.00 52.79  ? 175 LEU A O   1 
ATOM 836  C CB  . LEU A 1 114 ? -5.055  0.522   11.726  1.00 55.52  ? 175 LEU A CB  1 
ATOM 837  C CG  . LEU A 1 114 ? -5.309  1.619   12.764  1.00 56.47  ? 175 LEU A CG  1 
ATOM 838  C CD1 . LEU A 1 114 ? -5.133  3.009   12.157  1.00 55.04  ? 175 LEU A CD1 1 
ATOM 839  C CD2 . LEU A 1 114 ? -6.716  1.438   13.311  1.00 55.50  ? 175 LEU A CD2 1 
ATOM 840  N N   . ILE A 1 115 ? -4.328  -2.059  10.357  1.00 50.84  ? 176 ILE A N   1 
ATOM 841  C CA  . ILE A 1 115 ? -4.396  -3.027  9.260   1.00 49.63  ? 176 ILE A CA  1 
ATOM 842  C C   . ILE A 1 115 ? -4.738  -4.416  9.795   1.00 49.48  ? 176 ILE A C   1 
ATOM 843  O O   . ILE A 1 115 ? -5.670  -5.075  9.313   1.00 49.27  ? 176 ILE A O   1 
ATOM 844  C CB  . ILE A 1 115 ? -3.055  -3.117  8.491   1.00 48.06  ? 176 ILE A CB  1 
ATOM 845  C CG1 . ILE A 1 115 ? -2.727  -1.761  7.859   1.00 47.88  ? 176 ILE A CG1 1 
ATOM 846  C CG2 . ILE A 1 115 ? -3.140  -4.203  7.429   1.00 44.70  ? 176 ILE A CG2 1 
ATOM 847  C CD1 . ILE A 1 115 ? -1.412  -1.722  7.117   1.00 47.90  ? 176 ILE A CD1 1 
ATOM 848  N N   . LYS A 1 116 ? -3.971  -4.845  10.796  1.00 49.01  ? 177 LYS A N   1 
ATOM 849  C CA  . LYS A 1 116 ? -4.162  -6.138  11.430  1.00 47.98  ? 177 LYS A CA  1 
ATOM 850  C C   . LYS A 1 116 ? -5.639  -6.330  11.774  1.00 47.46  ? 177 LYS A C   1 
ATOM 851  O O   . LYS A 1 116 ? -6.280  -7.305  11.370  1.00 46.57  ? 177 LYS A O   1 
ATOM 852  C CB  . LYS A 1 116 ? -3.337  -6.199  12.712  1.00 48.77  ? 177 LYS A CB  1 
ATOM 853  C CG  . LYS A 1 116 ? -2.312  -7.315  12.779  1.00 49.31  ? 177 LYS A CG  1 
ATOM 854  C CD  . LYS A 1 116 ? -1.835  -7.464  14.216  1.00 52.19  ? 177 LYS A CD  1 
ATOM 855  C CE  . LYS A 1 116 ? -0.741  -8.516  14.398  1.00 54.13  ? 177 LYS A CE  1 
ATOM 856  N NZ  . LYS A 1 116 ? 0.634   -8.014  14.079  1.00 56.50  ? 177 LYS A NZ  1 
ATOM 857  N N   . ILE A 1 117 ? -6.190  -5.377  12.509  1.00 47.39  ? 178 ILE A N   1 
ATOM 858  C CA  . ILE A 1 117 ? -7.580  -5.488  12.905  1.00 48.21  ? 178 ILE A CA  1 
ATOM 859  C C   . ILE A 1 117 ? -8.593  -5.335  11.780  1.00 48.83  ? 178 ILE A C   1 
ATOM 860  O O   . ILE A 1 117 ? -9.498  -6.156  11.642  1.00 48.65  ? 178 ILE A O   1 
ATOM 861  C CB  . ILE A 1 117 ? -7.890  -4.505  14.021  1.00 47.63  ? 178 ILE A CB  1 
ATOM 862  C CG1 . ILE A 1 117 ? -7.138  -4.946  15.282  1.00 47.29  ? 178 ILE A CG1 1 
ATOM 863  C CG2 . ILE A 1 117 ? -9.401  -4.434  14.246  1.00 45.13  ? 178 ILE A CG2 1 
ATOM 864  C CD1 . ILE A 1 117 ? -7.218  -3.972  16.429  1.00 51.21  ? 178 ILE A CD1 1 
ATOM 865  N N   . GLN A 1 118 ? -8.439  -4.286  10.977  1.00 49.50  ? 179 GLN A N   1 
ATOM 866  C CA  . GLN A 1 118 ? -9.353  -4.048  9.876   1.00 48.70  ? 179 GLN A CA  1 
ATOM 867  C C   . GLN A 1 118 ? -9.425  -5.230  8.937   1.00 49.67  ? 179 GLN A C   1 
ATOM 868  O O   . GLN A 1 118 ? -10.477 -5.493  8.342   1.00 49.91  ? 179 GLN A O   1 
ATOM 869  C CB  . GLN A 1 118 ? -8.954  -2.795  9.108   1.00 47.95  ? 179 GLN A CB  1 
ATOM 870  C CG  . GLN A 1 118 ? -9.677  -1.566  9.588   1.00 49.23  ? 179 GLN A CG  1 
ATOM 871  C CD  . GLN A 1 118 ? -11.182 -1.758  9.591   1.00 51.36  ? 179 GLN A CD  1 
ATOM 872  O OE1 . GLN A 1 118 ? -11.834 -1.665  10.636  1.00 53.12  ? 179 GLN A OE1 1 
ATOM 873  N NE2 . GLN A 1 118 ? -11.744 -2.037  8.419   1.00 51.82  ? 179 GLN A NE2 1 
ATOM 874  N N   . ALA A 1 119 ? -8.321  -5.958  8.809   1.00 50.00  ? 180 ALA A N   1 
ATOM 875  C CA  . ALA A 1 119 ? -8.309  -7.125  7.924   1.00 51.87  ? 180 ALA A CA  1 
ATOM 876  C C   . ALA A 1 119 ? -9.408  -8.137  8.319   1.00 51.09  ? 180 ALA A C   1 
ATOM 877  O O   . ALA A 1 119 ? -9.869  -8.923  7.494   1.00 50.86  ? 180 ALA A O   1 
ATOM 878  C CB  . ALA A 1 119 ? -6.931  -7.791  7.954   1.00 51.55  ? 180 ALA A CB  1 
ATOM 879  N N   . ILE A 1 120 ? -9.815  -8.108  9.582   1.00 49.70  ? 181 ILE A N   1 
ATOM 880  C CA  . ILE A 1 120 ? -10.851 -9.005  10.086  1.00 48.81  ? 181 ILE A CA  1 
ATOM 881  C C   . ILE A 1 120 ? -12.198 -8.330  9.858   1.00 48.86  ? 181 ILE A C   1 
ATOM 882  O O   . ILE A 1 120 ? -13.122 -8.937  9.320   1.00 49.50  ? 181 ILE A O   1 
ATOM 883  C CB  . ILE A 1 120 ? -10.618 -9.316  11.621  1.00 48.01  ? 181 ILE A CB  1 
ATOM 884  C CG1 . ILE A 1 120 ? -9.566  -10.422 11.772  1.00 47.18  ? 181 ILE A CG1 1 
ATOM 885  C CG2 . ILE A 1 120 ? -11.890 -9.749  12.295  1.00 46.65  ? 181 ILE A CG2 1 
ATOM 886  C CD1 . ILE A 1 120 ? -8.923  -10.484 13.130  1.00 45.30  ? 181 ILE A CD1 1 
ATOM 887  N N   . ALA A 1 121 ? -12.278 -7.060  10.247  1.00 48.46  ? 182 ALA A N   1 
ATOM 888  C CA  . ALA A 1 121 ? -13.478 -6.243  10.115  1.00 47.67  ? 182 ALA A CA  1 
ATOM 889  C C   . ALA A 1 121 ? -14.018 -6.173  8.687   1.00 48.60  ? 182 ALA A C   1 
ATOM 890  O O   . ALA A 1 121 ? -15.222 -6.139  8.471   1.00 48.98  ? 182 ALA A O   1 
ATOM 891  C CB  . ALA A 1 121 ? -13.189 -4.842  10.625  1.00 46.21  ? 182 ALA A CB  1 
ATOM 892  N N   . VAL A 1 122 ? -13.136 -6.138  7.700   1.00 50.51  ? 183 VAL A N   1 
ATOM 893  C CA  . VAL A 1 122 ? -13.606 -6.062  6.325   1.00 51.73  ? 183 VAL A CA  1 
ATOM 894  C C   . VAL A 1 122 ? -14.413 -7.299  5.971   1.00 51.69  ? 183 VAL A C   1 
ATOM 895  O O   . VAL A 1 122 ? -15.459 -7.192  5.353   1.00 52.53  ? 183 VAL A O   1 
ATOM 896  C CB  . VAL A 1 122 ? -12.436 -5.895  5.336   1.00 52.15  ? 183 VAL A CB  1 
ATOM 897  C CG1 . VAL A 1 122 ? -12.966 -5.757  3.932   1.00 53.96  ? 183 VAL A CG1 1 
ATOM 898  C CG2 . VAL A 1 122 ? -11.650 -4.652  5.685   1.00 53.10  ? 183 VAL A CG2 1 
ATOM 899  N N   . CYS A 1 123 ? -13.929 -8.470  6.369   1.00 52.69  ? 184 CYS A N   1 
ATOM 900  C CA  . CYS A 1 123 ? -14.628 -9.726  6.107   1.00 53.50  ? 184 CYS A CA  1 
ATOM 901  C C   . CYS A 1 123 ? -15.971 -9.698  6.834   1.00 55.57  ? 184 CYS A C   1 
ATOM 902  O O   . CYS A 1 123 ? -17.003 -10.116 6.290   1.00 55.66  ? 184 CYS A O   1 
ATOM 903  C CB  . CYS A 1 123 ? -13.806 -10.910 6.624   1.00 53.26  ? 184 CYS A CB  1 
ATOM 904  S SG  . CYS A 1 123 ? -12.172 -11.142 5.858   1.00 53.02  ? 184 CYS A SG  1 
ATOM 905  N N   . MET A 1 124 ? -15.942 -9.208  8.074   1.00 56.21  ? 185 MET A N   1 
ATOM 906  C CA  . MET A 1 124 ? -17.140 -9.098  8.901   1.00 57.30  ? 185 MET A CA  1 
ATOM 907  C C   . MET A 1 124 ? -18.155 -8.201  8.228   1.00 57.87  ? 185 MET A C   1 
ATOM 908  O O   . MET A 1 124 ? -19.357 -8.403  8.338   1.00 58.39  ? 185 MET A O   1 
ATOM 909  C CB  . MET A 1 124 ? -16.789 -8.524  10.262  1.00 58.06  ? 185 MET A CB  1 
ATOM 910  C CG  . MET A 1 124 ? -15.831 -9.380  11.044  1.00 58.77  ? 185 MET A CG  1 
ATOM 911  S SD  . MET A 1 124 ? -16.366 -9.458  12.734  1.00 60.71  ? 185 MET A SD  1 
ATOM 912  C CE  . MET A 1 124 ? -15.744 -7.919  13.351  1.00 63.50  ? 185 MET A CE  1 
ATOM 913  N N   . GLU A 1 125 ? -17.656 -7.193  7.535   1.00 59.62  ? 186 GLU A N   1 
ATOM 914  C CA  . GLU A 1 125 ? -18.513 -6.280  6.810   1.00 60.41  ? 186 GLU A CA  1 
ATOM 915  C C   . GLU A 1 125 ? -19.119 -6.990  5.599   1.00 60.08  ? 186 GLU A C   1 
ATOM 916  O O   . GLU A 1 125 ? -20.339 -7.034  5.448   1.00 59.84  ? 186 GLU A O   1 
ATOM 917  C CB  . GLU A 1 125 ? -17.705 -5.065  6.371   1.00 61.69  ? 186 GLU A CB  1 
ATOM 918  C CG  . GLU A 1 125 ? -17.455 -4.094  7.503   1.00 65.73  ? 186 GLU A CG  1 
ATOM 919  C CD  . GLU A 1 125 ? -18.165 -2.770  7.286   1.00 68.79  ? 186 GLU A CD  1 
ATOM 920  O OE1 . GLU A 1 125 ? -17.786 -2.051  6.318   1.00 69.56  ? 186 GLU A OE1 1 
ATOM 921  O OE2 . GLU A 1 125 ? -19.095 -2.458  8.074   1.00 67.10  ? 186 GLU A OE2 1 
ATOM 922  N N   . ASN A 1 126 ? -18.273 -7.560  4.745   1.00 59.43  ? 187 ASN A N   1 
ATOM 923  C CA  . ASN A 1 126 ? -18.774 -8.245  3.566   1.00 60.00  ? 187 ASN A CA  1 
ATOM 924  C C   . ASN A 1 126 ? -19.739 -9.359  3.962   1.00 60.46  ? 187 ASN A C   1 
ATOM 925  O O   . ASN A 1 126 ? -20.388 -9.957  3.102   1.00 62.54  ? 187 ASN A O   1 
ATOM 926  C CB  . ASN A 1 126 ? -17.624 -8.807  2.724   1.00 59.37  ? 187 ASN A CB  1 
ATOM 927  N N   . GLY A 1 127 ? -19.838 -9.632  5.264   1.00 60.57  ? 188 GLY A N   1 
ATOM 928  C CA  . GLY A 1 127 ? -20.748 -10.664 5.745   1.00 58.21  ? 188 GLY A CA  1 
ATOM 929  C C   . GLY A 1 127 ? -20.193 -12.071 5.646   1.00 57.84  ? 188 GLY A C   1 
ATOM 930  O O   . GLY A 1 127 ? -20.935 -13.049 5.711   1.00 56.57  ? 188 GLY A O   1 
ATOM 931  N N   . ASN A 1 128 ? -18.880 -12.178 5.487   1.00 57.65  ? 189 ASN A N   1 
ATOM 932  C CA  . ASN A 1 128 ? -18.235 -13.476 5.376   1.00 57.82  ? 189 ASN A CA  1 
ATOM 933  C C   . ASN A 1 128 ? -17.489 -13.743 6.677   1.00 58.14  ? 189 ASN A C   1 
ATOM 934  O O   . ASN A 1 128 ? -16.309 -13.410 6.812   1.00 59.40  ? 189 ASN A O   1 
ATOM 935  C CB  . ASN A 1 128 ? -17.253 -13.467 4.205   1.00 59.84  ? 189 ASN A CB  1 
ATOM 936  C CG  . ASN A 1 128 ? -16.878 -14.866 3.735   1.00 61.66  ? 189 ASN A CG  1 
ATOM 937  O OD1 . ASN A 1 128 ? -16.393 -15.703 4.505   1.00 61.67  ? 189 ASN A OD1 1 
ATOM 938  N ND2 . ASN A 1 128 ? -17.097 -15.119 2.455   1.00 63.51  ? 189 ASN A ND2 1 
ATOM 939  N N   . PHE A 1 129 ? -18.178 -14.347 7.638   1.00 56.38  ? 190 PHE A N   1 
ATOM 940  C CA  . PHE A 1 129 ? -17.570 -14.627 8.922   1.00 54.01  ? 190 PHE A CA  1 
ATOM 941  C C   . PHE A 1 129 ? -16.725 -15.891 8.958   1.00 54.96  ? 190 PHE A C   1 
ATOM 942  O O   . PHE A 1 129 ? -15.898 -16.046 9.858   1.00 55.28  ? 190 PHE A O   1 
ATOM 943  C CB  . PHE A 1 129 ? -18.649 -14.665 9.995   1.00 51.46  ? 190 PHE A CB  1 
ATOM 944  C CG  . PHE A 1 129 ? -19.503 -13.435 10.022  1.00 49.63  ? 190 PHE A CG  1 
ATOM 945  C CD1 . PHE A 1 129 ? -20.770 -13.441 9.460   1.00 49.27  ? 190 PHE A CD1 1 
ATOM 946  C CD2 . PHE A 1 129 ? -19.039 -12.260 10.601  1.00 49.30  ? 190 PHE A CD2 1 
ATOM 947  C CE1 . PHE A 1 129 ? -21.568 -12.290 9.480   1.00 49.26  ? 190 PHE A CE1 1 
ATOM 948  C CE2 . PHE A 1 129 ? -19.828 -11.108 10.623  1.00 47.64  ? 190 PHE A CE2 1 
ATOM 949  C CZ  . PHE A 1 129 ? -21.092 -11.124 10.064  1.00 46.84  ? 190 PHE A CZ  1 
ATOM 950  N N   . LYS A 1 130 ? -16.922 -16.788 7.988   1.00 56.14  ? 191 LYS A N   1 
ATOM 951  C CA  . LYS A 1 130 ? -16.128 -18.020 7.916   1.00 56.88  ? 191 LYS A CA  1 
ATOM 952  C C   . LYS A 1 130 ? -14.731 -17.598 7.524   1.00 57.21  ? 191 LYS A C   1 
ATOM 953  O O   . LYS A 1 130 ? -13.749 -18.168 7.984   1.00 57.69  ? 191 LYS A O   1 
ATOM 954  C CB  . LYS A 1 130 ? -16.667 -18.994 6.867   1.00 56.00  ? 191 LYS A CB  1 
ATOM 955  N N   . GLU A 1 131 ? -14.647 -16.590 6.666   1.00 57.50  ? 192 GLU A N   1 
ATOM 956  C CA  . GLU A 1 131 ? -13.359 -16.080 6.250   1.00 58.51  ? 192 GLU A CA  1 
ATOM 957  C C   . GLU A 1 131 ? -12.779 -15.242 7.380   1.00 59.11  ? 192 GLU A C   1 
ATOM 958  O O   . GLU A 1 131 ? -11.608 -15.380 7.735   1.00 59.03  ? 192 GLU A O   1 
ATOM 959  C CB  . GLU A 1 131 ? -13.508 -15.222 5.012   1.00 60.09  ? 192 GLU A CB  1 
ATOM 960  C CG  . GLU A 1 131 ? -12.234 -14.523 4.626   1.00 62.21  ? 192 GLU A CG  1 
ATOM 961  C CD  . GLU A 1 131 ? -12.385 -13.789 3.327   1.00 64.66  ? 192 GLU A CD  1 
ATOM 962  O OE1 . GLU A 1 131 ? -13.445 -13.146 3.135   1.00 64.55  ? 192 GLU A OE1 1 
ATOM 963  O OE2 . GLU A 1 131 ? -11.443 -13.854 2.506   1.00 67.09  ? 192 GLU A OE2 1 
ATOM 964  N N   . ALA A 1 132 ? -13.611 -14.365 7.932   1.00 58.93  ? 193 ALA A N   1 
ATOM 965  C CA  . ALA A 1 132 ? -13.204 -13.515 9.036   1.00 58.61  ? 193 ALA A CA  1 
ATOM 966  C C   . ALA A 1 132 ? -12.417 -14.357 10.039  1.00 59.30  ? 193 ALA A C   1 
ATOM 967  O O   . ALA A 1 132 ? -11.451 -13.875 10.637  1.00 59.96  ? 193 ALA A O   1 
ATOM 968  C CB  . ALA A 1 132 ? -14.434 -12.908 9.706   1.00 57.21  ? 193 ALA A CB  1 
ATOM 969  N N   . GLU A 1 133 ? -12.828 -15.616 10.213  1.00 58.92  ? 194 GLU A N   1 
ATOM 970  C CA  . GLU A 1 133 ? -12.162 -16.527 11.149  1.00 57.87  ? 194 GLU A CA  1 
ATOM 971  C C   . GLU A 1 133 ? -10.842 -17.026 10.560  1.00 57.11  ? 194 GLU A C   1 
ATOM 972  O O   . GLU A 1 133 ? -9.826  -17.116 11.258  1.00 55.80  ? 194 GLU A O   1 
ATOM 973  C CB  . GLU A 1 133 ? -13.080 -17.711 11.480  1.00 57.36  ? 194 GLU A CB  1 
ATOM 974  N N   . GLU A 1 134 ? -10.868 -17.334 9.268   1.00 56.91  ? 195 GLU A N   1 
ATOM 975  C CA  . GLU A 1 134 ? -9.685  -17.808 8.571   1.00 56.83  ? 195 GLU A CA  1 
ATOM 976  C C   . GLU A 1 134 ? -8.622  -16.719 8.664   1.00 56.77  ? 195 GLU A C   1 
ATOM 977  O O   . GLU A 1 134 ? -7.486  -16.983 9.053   1.00 57.60  ? 195 GLU A O   1 
ATOM 978  C CB  . GLU A 1 134 ? -10.034 -18.160 7.112   1.00 57.00  ? 195 GLU A CB  1 
ATOM 979  C CG  . GLU A 1 134 ? -11.075 -19.302 7.035   1.00 59.52  ? 195 GLU A CG  1 
ATOM 980  C CD  . GLU A 1 134 ? -11.484 -19.737 5.620   1.00 61.71  ? 195 GLU A CD  1 
ATOM 981  O OE1 . GLU A 1 134 ? -12.112 -18.949 4.878   1.00 62.31  ? 195 GLU A OE1 1 
ATOM 982  O OE2 . GLU A 1 134 ? -11.190 -20.897 5.249   1.00 64.48  ? 195 GLU A OE2 1 
ATOM 983  N N   . VAL A 1 135 ? -8.997  -15.484 8.352   1.00 57.30  ? 196 VAL A N   1 
ATOM 984  C CA  . VAL A 1 135 ? -8.052  -14.364 8.431   1.00 55.72  ? 196 VAL A CA  1 
ATOM 985  C C   . VAL A 1 135 ? -7.515  -14.280 9.853   1.00 55.10  ? 196 VAL A C   1 
ATOM 986  O O   . VAL A 1 135 ? -6.316  -14.241 10.082  1.00 53.26  ? 196 VAL A O   1 
ATOM 987  C CB  . VAL A 1 135 ? -8.731  -13.012 8.057   1.00 54.17  ? 196 VAL A CB  1 
ATOM 988  C CG1 . VAL A 1 135 ? -7.724  -11.872 8.160   1.00 53.34  ? 196 VAL A CG1 1 
ATOM 989  C CG2 . VAL A 1 135 ? -9.293  -13.084 6.641   1.00 52.09  ? 196 VAL A CG2 1 
ATOM 990  N N   . PHE A 1 136 ? -8.424  -14.270 10.814  1.00 57.18  ? 197 PHE A N   1 
ATOM 991  C CA  . PHE A 1 136 ? -8.026  -14.191 12.201  1.00 59.09  ? 197 PHE A CA  1 
ATOM 992  C C   . PHE A 1 136 ? -7.007  -15.263 12.553  1.00 59.74  ? 197 PHE A C   1 
ATOM 993  O O   . PHE A 1 136 ? -6.049  -15.006 13.290  1.00 59.17  ? 197 PHE A O   1 
ATOM 994  C CB  . PHE A 1 136 ? -9.225  -14.356 13.118  1.00 58.97  ? 197 PHE A CB  1 
ATOM 995  C CG  . PHE A 1 136 ? -8.854  -14.346 14.568  1.00 59.98  ? 197 PHE A CG  1 
ATOM 996  C CD1 . PHE A 1 136 ? -8.598  -13.142 15.222  1.00 59.60  ? 197 PHE A CD1 1 
ATOM 997  C CD2 . PHE A 1 136 ? -8.703  -15.542 15.266  1.00 58.78  ? 197 PHE A CD2 1 
ATOM 998  C CE1 . PHE A 1 136 ? -8.197  -13.128 16.548  1.00 60.83  ? 197 PHE A CE1 1 
ATOM 999  C CE2 . PHE A 1 136 ? -8.303  -15.545 16.588  1.00 59.26  ? 197 PHE A CE2 1 
ATOM 1000 C CZ  . PHE A 1 136 ? -8.049  -14.338 17.238  1.00 61.44  ? 197 PHE A CZ  1 
ATOM 1001 N N   . GLU A 1 137 ? -7.235  -16.469 12.038  1.00 60.32  ? 198 GLU A N   1 
ATOM 1002 C CA  . GLU A 1 137 ? -6.343  -17.599 12.301  1.00 60.29  ? 198 GLU A CA  1 
ATOM 1003 C C   . GLU A 1 137 ? -4.921  -17.301 11.859  1.00 59.93  ? 198 GLU A C   1 
ATOM 1004 O O   . GLU A 1 137 ? -3.980  -17.459 12.628  1.00 58.22  ? 198 GLU A O   1 
ATOM 1005 C CB  . GLU A 1 137 ? -6.840  -18.854 11.578  1.00 59.60  ? 198 GLU A CB  1 
ATOM 1006 N N   . ARG A 1 138 ? -4.786  -16.860 10.613  1.00 60.92  ? 199 ARG A N   1 
ATOM 1007 C CA  . ARG A 1 138 ? -3.494  -16.541 10.016  1.00 62.11  ? 199 ARG A CA  1 
ATOM 1008 C C   . ARG A 1 138 ? -2.725  -15.381 10.670  1.00 65.21  ? 199 ARG A C   1 
ATOM 1009 O O   . ARG A 1 138 ? -1.487  -15.367 10.648  1.00 65.87  ? 199 ARG A O   1 
ATOM 1010 C CB  . ARG A 1 138 ? -3.681  -16.243 8.526   1.00 58.58  ? 199 ARG A CB  1 
ATOM 1011 C CG  . ARG A 1 138 ? -4.213  -17.403 7.732   1.00 53.18  ? 199 ARG A CG  1 
ATOM 1012 C CD  . ARG A 1 138 ? -4.198  -17.088 6.264   1.00 50.43  ? 199 ARG A CD  1 
ATOM 1013 N NE  . ARG A 1 138 ? -5.165  -16.066 5.885   1.00 51.73  ? 199 ARG A NE  1 
ATOM 1014 C CZ  . ARG A 1 138 ? -6.366  -16.319 5.367   1.00 52.10  ? 199 ARG A CZ  1 
ATOM 1015 N NH1 . ARG A 1 138 ? -6.759  -17.570 5.168   1.00 53.15  ? 199 ARG A NH1 1 
ATOM 1016 N NH2 . ARG A 1 138 ? -7.171  -15.322 5.023   1.00 51.52  ? 199 ARG A NH2 1 
ATOM 1017 N N   . ILE A 1 139 ? -3.447  -14.419 11.245  1.00 67.27  ? 200 ILE A N   1 
ATOM 1018 C CA  . ILE A 1 139 ? -2.806  -13.271 11.885  1.00 69.83  ? 200 ILE A CA  1 
ATOM 1019 C C   . ILE A 1 139 ? -2.513  -13.493 13.381  1.00 72.52  ? 200 ILE A C   1 
ATOM 1020 O O   . ILE A 1 139 ? -1.562  -12.922 13.912  1.00 72.56  ? 200 ILE A O   1 
ATOM 1021 C CB  . ILE A 1 139 ? -3.666  -11.990 11.708  1.00 69.45  ? 200 ILE A CB  1 
ATOM 1022 C CG1 . ILE A 1 139 ? -4.076  -11.845 10.243  1.00 69.19  ? 200 ILE A CG1 1 
ATOM 1023 C CG2 . ILE A 1 139 ? -2.875  -10.755 12.118  1.00 66.58  ? 200 ILE A CG2 1 
ATOM 1024 C CD1 . ILE A 1 139 ? -4.901  -10.604 9.955   1.00 70.05  ? 200 ILE A CD1 1 
ATOM 1025 N N   . PHE A 1 140 ? -3.330  -14.311 14.051  1.00 76.02  ? 201 PHE A N   1 
ATOM 1026 C CA  . PHE A 1 140 ? -3.146  -14.615 15.478  1.00 79.62  ? 201 PHE A CA  1 
ATOM 1027 C C   . PHE A 1 140 ? -3.104  -16.128 15.699  1.00 82.54  ? 201 PHE A C   1 
ATOM 1028 O O   . PHE A 1 140 ? -2.969  -16.895 14.745  1.00 83.27  ? 201 PHE A O   1 
ATOM 1029 C CB  . PHE A 1 140 ? -4.291  -14.043 16.318  1.00 79.77  ? 201 PHE A CB  1 
ATOM 1030 C CG  . PHE A 1 140 ? -4.563  -12.588 16.077  1.00 80.22  ? 201 PHE A CG  1 
ATOM 1031 C CD1 . PHE A 1 140 ? -5.327  -12.180 14.992  1.00 80.89  ? 201 PHE A CD1 1 
ATOM 1032 C CD2 . PHE A 1 140 ? -4.056  -11.623 16.935  1.00 80.92  ? 201 PHE A CD2 1 
ATOM 1033 C CE1 . PHE A 1 140 ? -5.582  -10.829 14.766  1.00 81.11  ? 201 PHE A CE1 1 
ATOM 1034 C CE2 . PHE A 1 140 ? -4.304  -10.271 16.715  1.00 81.11  ? 201 PHE A CE2 1 
ATOM 1035 C CZ  . PHE A 1 140 ? -5.069  -9.874  15.627  1.00 80.43  ? 201 PHE A CZ  1 
ATOM 1036 N N   . GLY A 1 141 ? -3.219  -16.559 16.954  1.00 85.68  ? 202 GLY A N   1 
ATOM 1037 C CA  . GLY A 1 141 ? -3.209  -17.989 17.247  1.00 90.29  ? 202 GLY A CA  1 
ATOM 1038 C C   . GLY A 1 141 ? -1.928  -18.537 17.860  1.00 93.04  ? 202 GLY A C   1 
ATOM 1039 O O   . GLY A 1 141 ? -1.317  -19.479 17.335  1.00 91.99  ? 202 GLY A O   1 
ATOM 1040 N N   . ASP A 1 142 ? -1.535  -17.949 18.987  1.00 95.59  ? 203 ASP A N   1 
ATOM 1041 C CA  . ASP A 1 142 ? -0.325  -18.346 19.702  1.00 97.25  ? 203 ASP A CA  1 
ATOM 1042 C C   . ASP A 1 142 ? -0.140  -17.429 20.923  1.00 98.39  ? 203 ASP A C   1 
ATOM 1043 O O   . ASP A 1 142 ? 0.788   -16.616 20.963  1.00 98.87  ? 203 ASP A O   1 
ATOM 1044 C CB  . ASP A 1 142 ? 0.884   -18.239 18.760  1.00 97.07  ? 203 ASP A CB  1 
ATOM 1045 C CG  . ASP A 1 142 ? 2.148   -18.815 19.360  1.00 97.37  ? 203 ASP A CG  1 
ATOM 1046 O OD1 . ASP A 1 142 ? 2.079   -19.935 19.906  1.00 97.70  ? 203 ASP A OD1 1 
ATOM 1047 O OD2 . ASP A 1 142 ? 3.210   -18.158 19.275  1.00 96.36  ? 203 ASP A OD2 1 
ATOM 1048 N N   . PRO A 1 143 ? -1.034  -17.543 21.930  1.00 98.70  ? 204 PRO A N   1 
ATOM 1049 C CA  . PRO A 1 143 ? -0.955  -16.716 23.143  1.00 98.24  ? 204 PRO A CA  1 
ATOM 1050 C C   . PRO A 1 143 ? 0.395   -16.819 23.852  1.00 97.55  ? 204 PRO A C   1 
ATOM 1051 O O   . PRO A 1 143 ? 0.903   -15.834 24.387  1.00 96.45  ? 204 PRO A O   1 
ATOM 1052 C CB  . PRO A 1 143 ? -2.103  -17.251 24.000  1.00 98.14  ? 204 PRO A CB  1 
ATOM 1053 C CG  . PRO A 1 143 ? -3.106  -17.681 22.983  1.00 98.21  ? 204 PRO A CG  1 
ATOM 1054 C CD  . PRO A 1 143 ? -2.233  -18.401 21.973  1.00 98.74  ? 204 PRO A CD  1 
ATOM 1055 N N   . SER A 1 151 ? -1.464  -8.055  22.005  1.00 84.91  ? 212 SER A N   1 
ATOM 1056 C CA  . SER A 1 151 ? -2.233  -8.225  20.777  1.00 86.23  ? 212 SER A CA  1 
ATOM 1057 C C   . SER A 1 151 ? -3.627  -8.806  21.046  1.00 85.89  ? 212 SER A C   1 
ATOM 1058 O O   . SER A 1 151 ? -3.797  -10.026 21.059  1.00 85.62  ? 212 SER A O   1 
ATOM 1059 C CB  . SER A 1 151 ? -1.460  -9.127  19.795  1.00 86.75  ? 212 SER A CB  1 
ATOM 1060 O OG  . SER A 1 151 ? -1.100  -10.372 20.381  1.00 85.55  ? 212 SER A OG  1 
ATOM 1061 N N   . LYS A 1 152 ? -4.611  -7.922  21.249  1.00 85.72  ? 213 LYS A N   1 
ATOM 1062 C CA  . LYS A 1 152 ? -6.008  -8.298  21.533  1.00 85.07  ? 213 LYS A CA  1 
ATOM 1063 C C   . LYS A 1 152 ? -6.495  -9.480  20.685  1.00 84.42  ? 213 LYS A C   1 
ATOM 1064 O O   . LYS A 1 152 ? -6.777  -9.320  19.499  1.00 84.27  ? 213 LYS A O   1 
ATOM 1065 C CB  . LYS A 1 152 ? -6.923  -7.091  21.310  1.00 83.78  ? 213 LYS A CB  1 
ATOM 1066 N N   . LEU A 1 153 ? -6.609  -10.658 21.305  1.00 83.82  ? 214 LEU A N   1 
ATOM 1067 C CA  . LEU A 1 153 ? -7.023  -11.879 20.598  1.00 82.69  ? 214 LEU A CA  1 
ATOM 1068 C C   . LEU A 1 153 ? -8.236  -12.591 21.183  1.00 81.13  ? 214 LEU A C   1 
ATOM 1069 O O   . LEU A 1 153 ? -9.254  -12.736 20.509  1.00 79.96  ? 214 LEU A O   1 
ATOM 1070 C CB  . LEU A 1 153 ? -5.852  -12.875 20.532  1.00 82.85  ? 214 LEU A CB  1 
ATOM 1071 N N   . LEU A 1 154 ? -8.109  -13.052 22.427  1.00 80.26  ? 215 LEU A N   1 
ATOM 1072 C CA  . LEU A 1 154 ? -9.192  -13.750 23.115  1.00 78.60  ? 215 LEU A CA  1 
ATOM 1073 C C   . LEU A 1 154 ? -10.493 -12.964 22.936  1.00 78.14  ? 215 LEU A C   1 
ATOM 1074 O O   . LEU A 1 154 ? -11.595 -13.522 22.994  1.00 77.57  ? 215 LEU A O   1 
ATOM 1075 C CB  . LEU A 1 154 ? -8.860  -13.888 24.604  1.00 76.75  ? 215 LEU A CB  1 
ATOM 1076 N N   . MET A 1 155 ? -10.341 -11.661 22.701  1.00 77.39  ? 216 MET A N   1 
ATOM 1077 C CA  . MET A 1 155 ? -11.466 -10.751 22.501  1.00 75.67  ? 216 MET A CA  1 
ATOM 1078 C C   . MET A 1 155 ? -12.004 -10.865 21.080  1.00 73.02  ? 216 MET A C   1 
ATOM 1079 O O   . MET A 1 155 ? -13.178 -11.170 20.879  1.00 71.99  ? 216 MET A O   1 
ATOM 1080 C CB  . MET A 1 155 ? -11.020 -9.308  22.767  1.00 77.50  ? 216 MET A CB  1 
ATOM 1081 C CG  . MET A 1 155 ? -12.119 -8.272  22.630  1.00 79.83  ? 216 MET A CG  1 
ATOM 1082 S SD  . MET A 1 155 ? -11.494 -6.589  22.857  1.00 83.95  ? 216 MET A SD  1 
ATOM 1083 C CE  . MET A 1 155 ? -12.496 -6.003  24.274  1.00 83.99  ? 216 MET A CE  1 
ATOM 1084 N N   . ILE A 1 156 ? -11.135 -10.620 20.102  1.00 69.40  ? 217 ILE A N   1 
ATOM 1085 C CA  . ILE A 1 156 ? -11.520 -10.684 18.701  1.00 65.86  ? 217 ILE A CA  1 
ATOM 1086 C C   . ILE A 1 156 ? -12.235 -11.980 18.306  1.00 64.62  ? 217 ILE A C   1 
ATOM 1087 O O   . ILE A 1 156 ? -13.156 -11.941 17.493  1.00 65.79  ? 217 ILE A O   1 
ATOM 1088 C CB  . ILE A 1 156 ? -10.297 -10.455 17.774  1.00 65.29  ? 217 ILE A CB  1 
ATOM 1089 C CG1 . ILE A 1 156 ? -9.924  -8.971  17.759  1.00 64.55  ? 217 ILE A CG1 1 
ATOM 1090 C CG2 . ILE A 1 156 ? -10.619 -10.884 16.367  1.00 66.07  ? 217 ILE A CG2 1 
ATOM 1091 C CD1 . ILE A 1 156 ? -8.825  -8.605  16.784  1.00 62.55  ? 217 ILE A CD1 1 
ATOM 1092 N N   . ILE A 1 157 ? -11.832 -13.127 18.854  1.00 61.51  ? 218 ILE A N   1 
ATOM 1093 C CA  . ILE A 1 157 ? -12.523 -14.363 18.505  1.00 60.05  ? 218 ILE A CA  1 
ATOM 1094 C C   . ILE A 1 157 ? -13.976 -14.293 18.960  1.00 59.70  ? 218 ILE A C   1 
ATOM 1095 O O   . ILE A 1 157 ? -14.840 -14.964 18.392  1.00 59.83  ? 218 ILE A O   1 
ATOM 1096 C CB  . ILE A 1 157 ? -11.892 -15.614 19.155  1.00 62.04  ? 218 ILE A CB  1 
ATOM 1097 C CG1 . ILE A 1 157 ? -11.251 -15.244 20.493  1.00 64.40  ? 218 ILE A CG1 1 
ATOM 1098 C CG2 . ILE A 1 157 ? -10.929 -16.286 18.189  1.00 61.99  ? 218 ILE A CG2 1 
ATOM 1099 C CD1 . ILE A 1 157 ? -10.601 -16.417 21.225  1.00 64.03  ? 218 ILE A CD1 1 
ATOM 1100 N N   . SER A 1 158 ? -14.234 -13.479 19.987  1.00 58.07  ? 219 SER A N   1 
ATOM 1101 C CA  . SER A 1 158 ? -15.573 -13.291 20.533  1.00 56.44  ? 219 SER A CA  1 
ATOM 1102 C C   . SER A 1 158 ? -16.436 -12.545 19.506  1.00 56.16  ? 219 SER A C   1 
ATOM 1103 O O   . SER A 1 158 ? -17.601 -12.889 19.320  1.00 56.62  ? 219 SER A O   1 
ATOM 1104 C CB  . SER A 1 158 ? -15.497 -12.504 21.862  1.00 58.66  ? 219 SER A CB  1 
ATOM 1105 O OG  . SER A 1 158 ? -16.679 -12.593 22.669  1.00 56.17  ? 219 SER A OG  1 
ATOM 1106 N N   . GLN A 1 159 ? -15.865 -11.538 18.840  1.00 56.15  ? 220 GLN A N   1 
ATOM 1107 C CA  . GLN A 1 159 ? -16.587 -10.763 17.814  1.00 56.95  ? 220 GLN A CA  1 
ATOM 1108 C C   . GLN A 1 159 ? -16.982 -11.614 16.620  1.00 57.49  ? 220 GLN A C   1 
ATOM 1109 O O   . GLN A 1 159 ? -18.154 -11.669 16.236  1.00 57.74  ? 220 GLN A O   1 
ATOM 1110 C CB  . GLN A 1 159 ? -15.740 -9.629  17.249  1.00 56.25  ? 220 GLN A CB  1 
ATOM 1111 C CG  . GLN A 1 159 ? -15.791 -8.348  18.002  1.00 58.30  ? 220 GLN A CG  1 
ATOM 1112 C CD  . GLN A 1 159 ? -14.833 -8.343  19.149  1.00 60.24  ? 220 GLN A CD  1 
ATOM 1113 O OE1 . GLN A 1 159 ? -14.226 -7.315  19.464  1.00 61.03  ? 220 GLN A OE1 1 
ATOM 1114 N NE2 . GLN A 1 159 ? -14.682 -9.493  19.793  1.00 63.00  ? 220 GLN A NE2 1 
ATOM 1115 N N   . LYS A 1 160 ? -15.989 -12.245 16.000  1.00 57.29  ? 221 LYS A N   1 
ATOM 1116 C CA  . LYS A 1 160 ? -16.268 -13.073 14.846  1.00 58.02  ? 221 LYS A CA  1 
ATOM 1117 C C   . LYS A 1 160 ? -17.387 -14.074 15.218  1.00 59.37  ? 221 LYS A C   1 
ATOM 1118 O O   . LYS A 1 160 ? -18.343 -14.274 14.451  1.00 60.06  ? 221 LYS A O   1 
ATOM 1119 C CB  . LYS A 1 160 ? -14.987 -13.787 14.397  1.00 55.51  ? 221 LYS A CB  1 
ATOM 1120 N N   . ASP A 1 161 ? -17.282 -14.664 16.413  1.00 59.01  ? 222 ASP A N   1 
ATOM 1121 C CA  . ASP A 1 161 ? -18.256 -15.648 16.888  1.00 57.97  ? 222 ASP A CA  1 
ATOM 1122 C C   . ASP A 1 161 ? -19.672 -15.089 16.982  1.00 58.55  ? 222 ASP A C   1 
ATOM 1123 O O   . ASP A 1 161 ? -20.639 -15.704 16.495  1.00 59.40  ? 222 ASP A O   1 
ATOM 1124 C CB  . ASP A 1 161 ? -17.832 -16.177 18.256  1.00 55.90  ? 222 ASP A CB  1 
ATOM 1125 N N   . THR A 1 162 ? -19.783 -13.923 17.609  1.00 57.04  ? 223 THR A N   1 
ATOM 1126 C CA  . THR A 1 162 ? -21.063 -13.254 17.811  1.00 56.07  ? 223 THR A CA  1 
ATOM 1127 C C   . THR A 1 162 ? -21.475 -12.348 16.628  1.00 54.88  ? 223 THR A C   1 
ATOM 1128 O O   . THR A 1 162 ? -22.530 -11.710 16.668  1.00 53.94  ? 223 THR A O   1 
ATOM 1129 C CB  . THR A 1 162 ? -21.010 -12.393 19.115  1.00 57.47  ? 223 THR A CB  1 
ATOM 1130 O OG1 . THR A 1 162 ? -20.520 -13.187 20.205  1.00 58.69  ? 223 THR A OG1 1 
ATOM 1131 C CG2 . THR A 1 162 ? -22.400 -11.867 19.485  1.00 60.93  ? 223 THR A CG2 1 
ATOM 1132 N N   . PHE A 1 163 ? -20.671 -12.309 15.570  1.00 53.64  ? 224 PHE A N   1 
ATOM 1133 C CA  . PHE A 1 163 ? -20.968 -11.430 14.447  1.00 54.52  ? 224 PHE A CA  1 
ATOM 1134 C C   . PHE A 1 163 ? -21.220 -10.039 15.044  1.00 55.86  ? 224 PHE A C   1 
ATOM 1135 O O   . PHE A 1 163 ? -22.010 -9.255  14.522  1.00 54.04  ? 224 PHE A O   1 
ATOM 1136 C CB  . PHE A 1 163 ? -22.225 -11.865 13.681  1.00 55.84  ? 224 PHE A CB  1 
ATOM 1137 C CG  . PHE A 1 163 ? -22.178 -13.272 13.122  1.00 57.44  ? 224 PHE A CG  1 
ATOM 1138 C CD1 . PHE A 1 163 ? -21.040 -14.070 13.236  1.00 60.32  ? 224 PHE A CD1 1 
ATOM 1139 C CD2 . PHE A 1 163 ? -23.301 -13.809 12.491  1.00 55.72  ? 224 PHE A CD2 1 
ATOM 1140 C CE1 . PHE A 1 163 ? -21.034 -15.383 12.731  1.00 59.35  ? 224 PHE A CE1 1 
ATOM 1141 C CE2 . PHE A 1 163 ? -23.298 -15.108 11.991  1.00 54.48  ? 224 PHE A CE2 1 
ATOM 1142 C CZ  . PHE A 1 163 ? -22.177 -15.892 12.108  1.00 55.76  ? 224 PHE A CZ  1 
ATOM 1143 N N   . HIS A 1 164 ? -20.550 -9.764  16.162  1.00 58.47  ? 225 HIS A N   1 
ATOM 1144 C CA  . HIS A 1 164 ? -20.652 -8.494  16.888  1.00 60.87  ? 225 HIS A CA  1 
ATOM 1145 C C   . HIS A 1 164 ? -19.747 -7.533  16.119  1.00 60.73  ? 225 HIS A C   1 
ATOM 1146 O O   . HIS A 1 164 ? -18.742 -7.024  16.624  1.00 61.41  ? 225 HIS A O   1 
ATOM 1147 C CB  . HIS A 1 164 ? -20.157 -8.691  18.332  1.00 65.08  ? 225 HIS A CB  1 
ATOM 1148 C CG  . HIS A 1 164 ? -20.617 -7.636  19.288  1.00 69.74  ? 225 HIS A CG  1 
ATOM 1149 N ND1 . HIS A 1 164 ? -21.313 -6.513  18.889  1.00 73.75  ? 225 HIS A ND1 1 
ATOM 1150 C CD2 . HIS A 1 164 ? -20.436 -7.508  20.627  1.00 72.54  ? 225 HIS A CD2 1 
ATOM 1151 C CE1 . HIS A 1 164 ? -21.535 -5.735  19.938  1.00 74.69  ? 225 HIS A CE1 1 
ATOM 1152 N NE2 . HIS A 1 164 ? -21.013 -6.315  21.005  1.00 74.42  ? 225 HIS A NE2 1 
ATOM 1153 N N   . SER A 1 165 ? -20.145 -7.307  14.875  1.00 59.22  ? 226 SER A N   1 
ATOM 1154 C CA  . SER A 1 165 ? -19.450 -6.478  13.908  1.00 56.30  ? 226 SER A CA  1 
ATOM 1155 C C   . SER A 1 165 ? -19.304 -4.984  14.203  1.00 55.62  ? 226 SER A C   1 
ATOM 1156 O O   . SER A 1 165 ? -18.886 -4.246  13.321  1.00 55.31  ? 226 SER A O   1 
ATOM 1157 C CB  . SER A 1 165 ? -20.141 -6.687  12.550  1.00 55.98  ? 226 SER A CB  1 
ATOM 1158 O OG  . SER A 1 165 ? -19.485 -6.018  11.501  1.00 54.68  ? 226 SER A OG  1 
ATOM 1159 N N   . PHE A 1 166 ? -19.613 -4.525  15.419  1.00 57.16  ? 227 PHE A N   1 
ATOM 1160 C CA  . PHE A 1 166 ? -19.500 -3.081  15.724  1.00 58.04  ? 227 PHE A CA  1 
ATOM 1161 C C   . PHE A 1 166 ? -19.053 -2.595  17.121  1.00 59.74  ? 227 PHE A C   1 
ATOM 1162 O O   . PHE A 1 166 ? -19.916 -2.462  17.975  1.00 62.32  ? 227 PHE A O   1 
ATOM 1163 C CB  . PHE A 1 166 ? -20.843 -2.342  15.487  1.00 55.20  ? 227 PHE A CB  1 
ATOM 1164 C CG  . PHE A 1 166 ? -21.452 -2.529  14.125  1.00 55.23  ? 227 PHE A CG  1 
ATOM 1165 C CD1 . PHE A 1 166 ? -22.668 -3.181  13.989  1.00 56.06  ? 227 PHE A CD1 1 
ATOM 1166 C CD2 . PHE A 1 166 ? -20.855 -2.003  12.986  1.00 56.78  ? 227 PHE A CD2 1 
ATOM 1167 C CE1 . PHE A 1 166 ? -23.285 -3.306  12.737  1.00 55.86  ? 227 PHE A CE1 1 
ATOM 1168 C CE2 . PHE A 1 166 ? -21.466 -2.124  11.726  1.00 56.04  ? 227 PHE A CE2 1 
ATOM 1169 C CZ  . PHE A 1 166 ? -22.683 -2.776  11.607  1.00 54.89  ? 227 PHE A CZ  1 
ATOM 1170 N N   . PHE A 1 167 ? -17.766 -2.311  17.380  1.00 61.02  ? 228 PHE A N   1 
ATOM 1171 C CA  . PHE A 1 167 ? -17.399 -1.719  18.688  1.00 62.39  ? 228 PHE A CA  1 
ATOM 1172 C C   . PHE A 1 167 ? -15.974 -1.269  19.103  1.00 65.74  ? 228 PHE A C   1 
ATOM 1173 O O   . PHE A 1 167 ? -15.708 -1.017  20.286  1.00 64.42  ? 228 PHE A O   1 
ATOM 1174 C CB  . PHE A 1 167 ? -18.043 -2.520  19.831  1.00 60.09  ? 228 PHE A CB  1 
ATOM 1175 C CG  . PHE A 1 167 ? -17.412 -3.852  20.128  1.00 55.52  ? 228 PHE A CG  1 
ATOM 1176 C CD1 . PHE A 1 167 ? -16.520 -3.987  21.192  1.00 53.73  ? 228 PHE A CD1 1 
ATOM 1177 C CD2 . PHE A 1 167 ? -17.844 -4.987  19.488  1.00 53.76  ? 228 PHE A CD2 1 
ATOM 1178 C CE1 . PHE A 1 167 ? -16.092 -5.211  21.622  1.00 48.55  ? 228 PHE A CE1 1 
ATOM 1179 C CE2 . PHE A 1 167 ? -17.411 -6.227  19.921  1.00 55.02  ? 228 PHE A CE2 1 
ATOM 1180 C CZ  . PHE A 1 167 ? -16.533 -6.328  20.999  1.00 51.81  ? 228 PHE A CZ  1 
ATOM 1181 N N   . GLN A 1 168 ? -15.074 -1.116  18.133  1.00 69.87  ? 229 GLN A N   1 
ATOM 1182 C CA  . GLN A 1 168 ? -13.718 -0.649  18.417  1.00 70.91  ? 229 GLN A CA  1 
ATOM 1183 C C   . GLN A 1 168 ? -13.320 0.573   17.549  1.00 72.96  ? 229 GLN A C   1 
ATOM 1184 O O   . GLN A 1 168 ? -13.845 0.777   16.440  1.00 72.58  ? 229 GLN A O   1 
ATOM 1185 C CB  . GLN A 1 168 ? -12.696 -1.786  18.236  1.00 68.74  ? 229 GLN A CB  1 
ATOM 1186 C CG  . GLN A 1 168 ? -12.706 -2.853  19.350  1.00 66.73  ? 229 GLN A CG  1 
ATOM 1187 C CD  . GLN A 1 168 ? -11.357 -3.607  19.477  1.00 68.52  ? 229 GLN A CD  1 
ATOM 1188 O OE1 . GLN A 1 168 ? -10.860 -4.225  18.525  1.00 67.98  ? 229 GLN A OE1 1 
ATOM 1189 N NE2 . GLN A 1 168 ? -10.769 -3.551  20.660  1.00 66.98  ? 229 GLN A NE2 1 
ATOM 1190 N N   . HIS A 1 169 ? -12.390 1.371   18.089  1.00 74.46  ? 230 HIS A N   1 
ATOM 1191 C CA  . HIS A 1 169 ? -11.850 2.586   17.464  1.00 72.86  ? 230 HIS A CA  1 
ATOM 1192 C C   . HIS A 1 169 ? -10.728 2.278   16.461  1.00 70.70  ? 230 HIS A C   1 
ATOM 1193 O O   . HIS A 1 169 ? -10.005 3.169   16.017  1.00 70.53  ? 230 HIS A O   1 
ATOM 1194 C CB  . HIS A 1 169 ? -11.327 3.535   18.554  1.00 77.21  ? 230 HIS A CB  1 
ATOM 1195 C CG  . HIS A 1 169 ? -9.840  3.487   18.756  1.00 81.55  ? 230 HIS A CG  1 
ATOM 1196 N ND1 . HIS A 1 169 ? -9.139  2.307   18.886  1.00 83.74  ? 230 HIS A ND1 1 
ATOM 1197 C CD2 . HIS A 1 169 ? -8.918  4.480   18.828  1.00 83.42  ? 230 HIS A CD2 1 
ATOM 1198 C CE1 . HIS A 1 169 ? -7.850  2.574   19.026  1.00 84.34  ? 230 HIS A CE1 1 
ATOM 1199 N NE2 . HIS A 1 169 ? -7.689  3.885   18.993  1.00 84.08  ? 230 HIS A NE2 1 
ATOM 1200 N N   . PHE A 1 170 ? -10.549 1.005   16.140  1.00 67.30  ? 231 PHE A N   1 
ATOM 1201 C CA  . PHE A 1 170 ? -9.567  0.629   15.143  1.00 63.65  ? 231 PHE A CA  1 
ATOM 1202 C C   . PHE A 1 170 ? -10.408 0.569   13.869  1.00 61.22  ? 231 PHE A C   1 
ATOM 1203 O O   . PHE A 1 170 ? -10.474 -0.447  13.175  1.00 58.76  ? 231 PHE A O   1 
ATOM 1204 C CB  . PHE A 1 170 ? -8.947  -0.734  15.469  1.00 64.41  ? 231 PHE A CB  1 
ATOM 1205 C CG  . PHE A 1 170 ? -8.101  -0.729  16.707  1.00 64.20  ? 231 PHE A CG  1 
ATOM 1206 C CD1 . PHE A 1 170 ? -8.628  -1.135  17.928  1.00 63.98  ? 231 PHE A CD1 1 
ATOM 1207 C CD2 . PHE A 1 170 ? -6.788  -0.269  16.662  1.00 64.58  ? 231 PHE A CD2 1 
ATOM 1208 C CE1 . PHE A 1 170 ? -7.862  -1.079  19.086  1.00 63.10  ? 231 PHE A CE1 1 
ATOM 1209 C CE2 . PHE A 1 170 ? -6.012  -0.210  17.819  1.00 64.51  ? 231 PHE A CE2 1 
ATOM 1210 C CZ  . PHE A 1 170 ? -6.554  -0.616  19.033  1.00 63.70  ? 231 PHE A CZ  1 
ATOM 1211 N N   . SER A 1 171 ? -11.064 1.691   13.592  1.00 60.37  ? 232 SER A N   1 
ATOM 1212 C CA  . SER A 1 171 ? -11.948 1.847   12.442  1.00 59.25  ? 232 SER A CA  1 
ATOM 1213 C C   . SER A 1 171 ? -11.237 1.881   11.107  1.00 58.03  ? 232 SER A C   1 
ATOM 1214 O O   . SER A 1 171 ? -10.052 2.199   11.027  1.00 57.05  ? 232 SER A O   1 
ATOM 1215 C CB  . SER A 1 171 ? -12.752 3.139   12.578  1.00 59.99  ? 232 SER A CB  1 
ATOM 1216 O OG  . SER A 1 171 ? -11.944 4.265   12.305  1.00 56.74  ? 232 SER A OG  1 
ATOM 1217 N N   . TYR A 1 172 ? -11.985 1.573   10.051  1.00 57.74  ? 233 TYR A N   1 
ATOM 1218 C CA  . TYR A 1 172 ? -11.425 1.583   8.708   1.00 57.96  ? 233 TYR A CA  1 
ATOM 1219 C C   . TYR A 1 172 ? -10.894 2.976   8.389   1.00 57.70  ? 233 TYR A C   1 
ATOM 1220 O O   . TYR A 1 172 ? -9.803  3.116   7.832   1.00 56.97  ? 233 TYR A O   1 
ATOM 1221 C CB  . TYR A 1 172 ? -12.477 1.189   7.670   1.00 57.53  ? 233 TYR A CB  1 
ATOM 1222 C CG  . TYR A 1 172 ? -11.884 0.891   6.312   1.00 58.50  ? 233 TYR A CG  1 
ATOM 1223 C CD1 . TYR A 1 172 ? -11.038 -0.201  6.128   1.00 58.78  ? 233 TYR A CD1 1 
ATOM 1224 C CD2 . TYR A 1 172 ? -12.141 1.716   5.215   1.00 59.02  ? 233 TYR A CD2 1 
ATOM 1225 C CE1 . TYR A 1 172 ? -10.463 -0.466  4.894   1.00 60.34  ? 233 TYR A CE1 1 
ATOM 1226 C CE2 . TYR A 1 172 ? -11.567 1.462   3.971   1.00 59.72  ? 233 TYR A CE2 1 
ATOM 1227 C CZ  . TYR A 1 172 ? -10.729 0.369   3.816   1.00 61.30  ? 233 TYR A CZ  1 
ATOM 1228 O OH  . TYR A 1 172 ? -10.144 0.112   2.592   1.00 62.35  ? 233 TYR A OH  1 
ATOM 1229 N N   . ASN A 1 173 ? -11.656 4.006   8.752   1.00 57.52  ? 234 ASN A N   1 
ATOM 1230 C CA  . ASN A 1 173 ? -11.218 5.366   8.478   1.00 57.58  ? 234 ASN A CA  1 
ATOM 1231 C C   . ASN A 1 173 ? -10.015 5.810   9.303   1.00 57.22  ? 234 ASN A C   1 
ATOM 1232 O O   . ASN A 1 173 ? -9.182  6.572   8.818   1.00 58.35  ? 234 ASN A O   1 
ATOM 1233 C CB  . ASN A 1 173 ? -12.383 6.344   8.608   1.00 57.06  ? 234 ASN A CB  1 
ATOM 1234 C CG  . ASN A 1 173 ? -13.324 6.283   7.404   1.00 58.15  ? 234 ASN A CG  1 
ATOM 1235 O OD1 . ASN A 1 173 ? -14.110 7.196   7.176   1.00 58.06  ? 234 ASN A OD1 1 
ATOM 1236 N ND2 . ASN A 1 173 ? -13.244 5.200   6.631   1.00 57.67  ? 234 ASN A ND2 1 
ATOM 1237 N N   . HIS A 1 174 ? -9.893  5.335   10.532  1.00 56.25  ? 235 HIS A N   1 
ATOM 1238 C CA  . HIS A 1 174 ? -8.721  5.698   11.306  1.00 56.41  ? 235 HIS A CA  1 
ATOM 1239 C C   . HIS A 1 174 ? -7.522  5.070   10.616  1.00 55.88  ? 235 HIS A C   1 
ATOM 1240 O O   . HIS A 1 174 ? -6.403  5.576   10.701  1.00 55.95  ? 235 HIS A O   1 
ATOM 1241 C CB  . HIS A 1 174 ? -8.810  5.172   12.736  1.00 58.87  ? 235 HIS A CB  1 
ATOM 1242 C CG  . HIS A 1 174 ? -9.850  5.856   13.564  1.00 61.35  ? 235 HIS A CG  1 
ATOM 1243 N ND1 . HIS A 1 174 ? -10.218 7.169   13.359  1.00 61.69  ? 235 HIS A ND1 1 
ATOM 1244 C CD2 . HIS A 1 174 ? -10.606 5.408   14.594  1.00 61.39  ? 235 HIS A CD2 1 
ATOM 1245 C CE1 . HIS A 1 174 ? -11.160 7.498   14.224  1.00 62.52  ? 235 HIS A CE1 1 
ATOM 1246 N NE2 . HIS A 1 174 ? -11.414 6.447   14.984  1.00 62.86  ? 235 HIS A NE2 1 
ATOM 1247 N N   . MET A 1 175 ? -7.765  3.960   9.926   1.00 54.84  ? 236 MET A N   1 
ATOM 1248 C CA  . MET A 1 175 ? -6.697  3.269   9.227   1.00 53.96  ? 236 MET A CA  1 
ATOM 1249 C C   . MET A 1 175 ? -6.264  4.098   8.025   1.00 53.80  ? 236 MET A C   1 
ATOM 1250 O O   . MET A 1 175 ? -5.081  4.350   7.836   1.00 55.50  ? 236 MET A O   1 
ATOM 1251 C CB  . MET A 1 175 ? -7.158  1.874   8.780   1.00 53.24  ? 236 MET A CB  1 
ATOM 1252 C CG  . MET A 1 175 ? -6.066  1.039   8.090   1.00 53.29  ? 236 MET A CG  1 
ATOM 1253 S SD  . MET A 1 175 ? -6.645  -0.493  7.276   1.00 50.70  ? 236 MET A SD  1 
ATOM 1254 C CE  . MET A 1 175 ? -7.219  0.170   5.701   1.00 51.58  ? 236 MET A CE  1 
ATOM 1255 N N   . MET A 1 176 ? -7.216  4.544   7.218   1.00 53.37  ? 237 MET A N   1 
ATOM 1256 C CA  . MET A 1 176 ? -6.870  5.332   6.046   1.00 52.85  ? 237 MET A CA  1 
ATOM 1257 C C   . MET A 1 176 ? -6.174  6.626   6.447   1.00 53.85  ? 237 MET A C   1 
ATOM 1258 O O   . MET A 1 176 ? -5.236  7.065   5.792   1.00 53.37  ? 237 MET A O   1 
ATOM 1259 C CB  . MET A 1 176 ? -8.120  5.647   5.223   1.00 52.26  ? 237 MET A CB  1 
ATOM 1260 C CG  . MET A 1 176 ? -8.770  4.451   4.550   1.00 50.62  ? 237 MET A CG  1 
ATOM 1261 S SD  . MET A 1 176 ? -7.679  3.470   3.490   1.00 51.33  ? 237 MET A SD  1 
ATOM 1262 C CE  . MET A 1 176 ? -6.696  4.717   2.703   1.00 51.65  ? 237 MET A CE  1 
ATOM 1263 N N   . GLU A 1 177 ? -6.638  7.245   7.525   1.00 55.75  ? 238 GLU A N   1 
ATOM 1264 C CA  . GLU A 1 177 ? -6.026  8.485   7.998   1.00 57.12  ? 238 GLU A CA  1 
ATOM 1265 C C   . GLU A 1 177 ? -4.559  8.273   8.303   1.00 57.35  ? 238 GLU A C   1 
ATOM 1266 O O   . GLU A 1 177 ? -3.708  8.917   7.697   1.00 60.08  ? 238 GLU A O   1 
ATOM 1267 C CB  . GLU A 1 177 ? -6.741  8.984   9.239   1.00 57.51  ? 238 GLU A CB  1 
ATOM 1268 C CG  . GLU A 1 177 ? -8.223  9.128   9.003   1.00 60.24  ? 238 GLU A CG  1 
ATOM 1269 C CD  . GLU A 1 177 ? -8.947  9.630   10.213  1.00 61.84  ? 238 GLU A CD  1 
ATOM 1270 O OE1 . GLU A 1 177 ? -8.428  9.416   11.333  1.00 61.57  ? 238 GLU A OE1 1 
ATOM 1271 O OE2 . GLU A 1 177 ? -10.036 10.221  10.041  1.00 63.39  ? 238 GLU A OE2 1 
ATOM 1272 N N   . LYS A 1 178 ? -4.260  7.371   9.233   1.00 55.90  ? 239 LYS A N   1 
ATOM 1273 C CA  . LYS A 1 178 ? -2.877  7.081   9.585   1.00 55.61  ? 239 LYS A CA  1 
ATOM 1274 C C   . LYS A 1 178 ? -2.028  6.771   8.350   1.00 55.67  ? 239 LYS A C   1 
ATOM 1275 O O   . LYS A 1 178 ? -0.875  7.200   8.241   1.00 55.34  ? 239 LYS A O   1 
ATOM 1276 C CB  . LYS A 1 178 ? -2.825  5.899   10.542  1.00 57.76  ? 239 LYS A CB  1 
ATOM 1277 C CG  . LYS A 1 178 ? -3.471  6.174   11.876  1.00 59.68  ? 239 LYS A CG  1 
ATOM 1278 C CD  . LYS A 1 178 ? -2.606  7.105   12.693  1.00 62.29  ? 239 LYS A CD  1 
ATOM 1279 C CE  . LYS A 1 178 ? -3.317  7.555   13.956  1.00 64.21  ? 239 LYS A CE  1 
ATOM 1280 N NZ  . LYS A 1 178 ? -2.375  8.257   14.868  1.00 64.98  ? 239 LYS A NZ  1 
ATOM 1281 N N   . ILE A 1 179 ? -2.592  6.025   7.410   1.00 54.93  ? 240 ILE A N   1 
ATOM 1282 C CA  . ILE A 1 179 ? -1.843  5.692   6.208   1.00 54.69  ? 240 ILE A CA  1 
ATOM 1283 C C   . ILE A 1 179 ? -1.673  6.934   5.335   1.00 55.49  ? 240 ILE A C   1 
ATOM 1284 O O   . ILE A 1 179 ? -0.614  7.145   4.755   1.00 56.08  ? 240 ILE A O   1 
ATOM 1285 C CB  . ILE A 1 179 ? -2.529  4.538   5.419   1.00 52.33  ? 240 ILE A CB  1 
ATOM 1286 C CG1 . ILE A 1 179 ? -2.615  3.299   6.313   1.00 50.03  ? 240 ILE A CG1 1 
ATOM 1287 C CG2 . ILE A 1 179 ? -1.726  4.192   4.169   1.00 51.15  ? 240 ILE A CG2 1 
ATOM 1288 C CD1 . ILE A 1 179 ? -3.275  2.104   5.678   1.00 48.67  ? 240 ILE A CD1 1 
ATOM 1289 N N   . LYS A 1 180 ? -2.705  7.767   5.255   1.00 56.68  ? 241 LYS A N   1 
ATOM 1290 C CA  . LYS A 1 180 ? -2.617  8.983   4.459   1.00 58.70  ? 241 LYS A CA  1 
ATOM 1291 C C   . LYS A 1 180 ? -1.589  9.948   5.054   1.00 60.00  ? 241 LYS A C   1 
ATOM 1292 O O   . LYS A 1 180 ? -0.900  10.666  4.326   1.00 60.10  ? 241 LYS A O   1 
ATOM 1293 C CB  . LYS A 1 180 ? -3.986  9.665   4.358   1.00 58.01  ? 241 LYS A CB  1 
ATOM 1294 C CG  . LYS A 1 180 ? -4.851  9.096   3.251   1.00 59.88  ? 241 LYS A CG  1 
ATOM 1295 C CD  . LYS A 1 180 ? -6.204  9.776   3.139   1.00 60.55  ? 241 LYS A CD  1 
ATOM 1296 C CE  . LYS A 1 180 ? -7.054  9.108   2.055   1.00 62.60  ? 241 LYS A CE  1 
ATOM 1297 N NZ  . LYS A 1 180 ? -8.451  9.657   1.983   1.00 64.69  ? 241 LYS A NZ  1 
ATOM 1298 N N   . SER A 1 181 ? -1.484  9.959   6.377   1.00 61.20  ? 242 SER A N   1 
ATOM 1299 C CA  . SER A 1 181 ? -0.532  10.838  7.044   1.00 62.44  ? 242 SER A CA  1 
ATOM 1300 C C   . SER A 1 181 ? 0.896   10.396  6.710   1.00 63.48  ? 242 SER A C   1 
ATOM 1301 O O   . SER A 1 181 ? 1.796   11.225  6.566   1.00 64.15  ? 242 SER A O   1 
ATOM 1302 C CB  . SER A 1 181 ? -0.753  10.806  8.559   1.00 61.10  ? 242 SER A CB  1 
ATOM 1303 O OG  . SER A 1 181 ? -0.397  9.545   9.088   1.00 60.71  ? 242 SER A OG  1 
ATOM 1304 N N   . TYR A 1 182 ? 1.092   9.084   6.591   1.00 63.68  ? 243 TYR A N   1 
ATOM 1305 C CA  . TYR A 1 182 ? 2.399   8.523   6.259   1.00 64.06  ? 243 TYR A CA  1 
ATOM 1306 C C   . TYR A 1 182 ? 2.731   8.837   4.804   1.00 65.24  ? 243 TYR A C   1 
ATOM 1307 O O   . TYR A 1 182 ? 3.879   9.103   4.458   1.00 65.29  ? 243 TYR A O   1 
ATOM 1308 C CB  . TYR A 1 182 ? 2.381   7.004   6.464   1.00 63.13  ? 243 TYR A CB  1 
ATOM 1309 C CG  . TYR A 1 182 ? 3.477   6.249   5.740   1.00 61.62  ? 243 TYR A CG  1 
ATOM 1310 C CD1 . TYR A 1 182 ? 4.776   6.188   6.252   1.00 61.58  ? 243 TYR A CD1 1 
ATOM 1311 C CD2 . TYR A 1 182 ? 3.218   5.598   4.541   1.00 61.23  ? 243 TYR A CD2 1 
ATOM 1312 C CE1 . TYR A 1 182 ? 5.792   5.490   5.582   1.00 59.65  ? 243 TYR A CE1 1 
ATOM 1313 C CE2 . TYR A 1 182 ? 4.229   4.904   3.863   1.00 61.52  ? 243 TYR A CE2 1 
ATOM 1314 C CZ  . TYR A 1 182 ? 5.509   4.852   4.390   1.00 60.17  ? 243 TYR A CZ  1 
ATOM 1315 O OH  . TYR A 1 182 ? 6.492   4.151   3.725   1.00 59.64  ? 243 TYR A OH  1 
ATOM 1316 N N   . VAL A 1 183 ? 1.718   8.800   3.948   1.00 66.65  ? 244 VAL A N   1 
ATOM 1317 C CA  . VAL A 1 183 ? 1.924   9.076   2.536   1.00 68.70  ? 244 VAL A CA  1 
ATOM 1318 C C   . VAL A 1 183 ? 2.460   10.479  2.314   1.00 71.28  ? 244 VAL A C   1 
ATOM 1319 O O   . VAL A 1 183 ? 3.152   10.729  1.333   1.00 72.30  ? 244 VAL A O   1 
ATOM 1320 C CB  . VAL A 1 183 ? 0.631   8.921   1.748   1.00 67.29  ? 244 VAL A CB  1 
ATOM 1321 C CG1 . VAL A 1 183 ? 0.889   9.178   0.283   1.00 66.52  ? 244 VAL A CG1 1 
ATOM 1322 C CG2 . VAL A 1 183 ? 0.084   7.532   1.951   1.00 67.74  ? 244 VAL A CG2 1 
ATOM 1323 N N   . ASN A 1 184 ? 2.142   11.382  3.238   1.00 73.94  ? 245 ASN A N   1 
ATOM 1324 C CA  . ASN A 1 184 ? 2.581   12.773  3.168   1.00 74.93  ? 245 ASN A CA  1 
ATOM 1325 C C   . ASN A 1 184 ? 4.084   12.952  3.347   1.00 75.48  ? 245 ASN A C   1 
ATOM 1326 O O   . ASN A 1 184 ? 4.677   13.838  2.741   1.00 75.83  ? 245 ASN A O   1 
ATOM 1327 C CB  . ASN A 1 184 ? 1.822   13.602  4.200   1.00 76.38  ? 245 ASN A CB  1 
ATOM 1328 C CG  . ASN A 1 184 ? 0.478   14.086  3.681   1.00 78.43  ? 245 ASN A CG  1 
ATOM 1329 O OD1 . ASN A 1 184 ? -0.387  14.483  4.459   1.00 79.85  ? 245 ASN A OD1 1 
ATOM 1330 N ND2 . ASN A 1 184 ? 0.305   14.073  2.356   1.00 78.13  ? 245 ASN A ND2 1 
ATOM 1331 N N   . TYR A 1 185 ? 4.706   12.133  4.186   1.00 76.27  ? 246 TYR A N   1 
ATOM 1332 C CA  . TYR A 1 185 ? 6.150   12.228  4.353   1.00 77.90  ? 246 TYR A CA  1 
ATOM 1333 C C   . TYR A 1 185 ? 6.712   11.811  3.006   1.00 77.60  ? 246 TYR A C   1 
ATOM 1334 O O   . TYR A 1 185 ? 7.402   12.574  2.340   1.00 77.35  ? 246 TYR A O   1 
ATOM 1335 C CB  . TYR A 1 185 ? 6.658   11.260  5.423   1.00 80.87  ? 246 TYR A CB  1 
ATOM 1336 C CG  . TYR A 1 185 ? 6.146   11.532  6.822   1.00 85.15  ? 246 TYR A CG  1 
ATOM 1337 C CD1 . TYR A 1 185 ? 4.794   11.369  7.139   1.00 86.39  ? 246 TYR A CD1 1 
ATOM 1338 C CD2 . TYR A 1 185 ? 7.015   11.957  7.834   1.00 86.45  ? 246 TYR A CD2 1 
ATOM 1339 C CE1 . TYR A 1 185 ? 4.320   11.624  8.434   1.00 87.96  ? 246 TYR A CE1 1 
ATOM 1340 C CE2 . TYR A 1 185 ? 6.551   12.214  9.129   1.00 86.78  ? 246 TYR A CE2 1 
ATOM 1341 C CZ  . TYR A 1 185 ? 5.206   12.047  9.420   1.00 87.87  ? 246 TYR A CZ  1 
ATOM 1342 O OH  . TYR A 1 185 ? 4.743   12.303  10.690  1.00 89.03  ? 246 TYR A OH  1 
ATOM 1343 N N   . VAL A 1 186 ? 6.397   10.582  2.613   1.00 77.92  ? 247 VAL A N   1 
ATOM 1344 C CA  . VAL A 1 186 ? 6.843   10.038  1.342   1.00 77.13  ? 247 VAL A CA  1 
ATOM 1345 C C   . VAL A 1 186 ? 6.532   11.068  0.270   1.00 77.13  ? 247 VAL A C   1 
ATOM 1346 O O   . VAL A 1 186 ? 7.417   11.517  -0.449  1.00 77.77  ? 247 VAL A O   1 
ATOM 1347 C CB  . VAL A 1 186 ? 6.089   8.735   0.999   1.00 76.64  ? 247 VAL A CB  1 
ATOM 1348 C CG1 . VAL A 1 186 ? 6.565   8.189   -0.333  1.00 75.75  ? 247 VAL A CG1 1 
ATOM 1349 C CG2 . VAL A 1 186 ? 6.289   7.708   2.106   1.00 76.58  ? 247 VAL A CG2 1 
ATOM 1350 N N   . LEU A 1 187 ? 5.266   11.452  0.186   1.00 76.65  ? 248 LEU A N   1 
ATOM 1351 C CA  . LEU A 1 187 ? 4.824   12.420  -0.807  1.00 77.00  ? 248 LEU A CA  1 
ATOM 1352 C C   . LEU A 1 187 ? 5.749   13.624  -0.887  1.00 77.86  ? 248 LEU A C   1 
ATOM 1353 O O   . LEU A 1 187 ? 6.133   14.033  -1.978  1.00 78.80  ? 248 LEU A O   1 
ATOM 1354 C CB  . LEU A 1 187 ? 3.395   12.869  -0.498  1.00 76.04  ? 248 LEU A CB  1 
ATOM 1355 C CG  . LEU A 1 187 ? 2.570   13.534  -1.606  1.00 76.15  ? 248 LEU A CG  1 
ATOM 1356 C CD1 . LEU A 1 187 ? 2.794   12.868  -2.960  1.00 75.31  ? 248 LEU A CD1 1 
ATOM 1357 C CD2 . LEU A 1 187 ? 1.105   13.448  -1.210  1.00 76.17  ? 248 LEU A CD2 1 
ATOM 1358 N N   . SER A 1 188 ? 6.120   14.185  0.258   1.00 78.93  ? 249 SER A N   1 
ATOM 1359 C CA  . SER A 1 188 ? 7.011   15.346  0.267   1.00 79.53  ? 249 SER A CA  1 
ATOM 1360 C C   . SER A 1 188 ? 8.442   14.959  -0.128  1.00 80.24  ? 249 SER A C   1 
ATOM 1361 O O   . SER A 1 188 ? 9.023   15.548  -1.040  1.00 80.83  ? 249 SER A O   1 
ATOM 1362 C CB  . SER A 1 188 ? 7.021   16.008  1.651   1.00 78.52  ? 249 SER A CB  1 
ATOM 1363 O OG  . SER A 1 188 ? 7.916   15.356  2.533   1.00 77.89  ? 249 SER A OG  1 
ATOM 1364 N N   . GLU A 1 189 ? 8.997   13.964  0.555   1.00 80.84  ? 250 GLU A N   1 
ATOM 1365 C CA  . GLU A 1 189 ? 10.351  13.495  0.288   1.00 81.57  ? 250 GLU A CA  1 
ATOM 1366 C C   . GLU A 1 189 ? 10.686  13.340  -1.194  1.00 81.40  ? 250 GLU A C   1 
ATOM 1367 O O   . GLU A 1 189 ? 11.848  13.464  -1.580  1.00 81.44  ? 250 GLU A O   1 
ATOM 1368 C CB  . GLU A 1 189 ? 10.581  12.161  0.996   1.00 83.41  ? 250 GLU A CB  1 
ATOM 1369 C CG  . GLU A 1 189 ? 11.854  11.449  0.573   1.00 88.03  ? 250 GLU A CG  1 
ATOM 1370 C CD  . GLU A 1 189 ? 12.008  10.085  1.228   1.00 91.03  ? 250 GLU A CD  1 
ATOM 1371 O OE1 . GLU A 1 189 ? 11.086  9.250   1.080   1.00 91.59  ? 250 GLU A OE1 1 
ATOM 1372 O OE2 . GLU A 1 189 ? 13.051  9.851   1.887   1.00 92.38  ? 250 GLU A OE2 1 
ATOM 1373 N N   . LYS A 1 190 ? 9.676   13.073  -2.021  1.00 81.62  ? 251 LYS A N   1 
ATOM 1374 C CA  . LYS A 1 190 ? 9.884   12.880  -3.456  1.00 81.27  ? 251 LYS A CA  1 
ATOM 1375 C C   . LYS A 1 190 ? 9.081   13.839  -4.329  1.00 81.45  ? 251 LYS A C   1 
ATOM 1376 O O   . LYS A 1 190 ? 8.588   13.444  -5.383  1.00 82.00  ? 251 LYS A O   1 
ATOM 1377 C CB  . LYS A 1 190 ? 9.540   11.436  -3.842  1.00 80.00  ? 251 LYS A CB  1 
ATOM 1378 N N   . SER A 1 191 ? 8.958   15.093  -3.893  1.00 82.10  ? 252 SER A N   1 
ATOM 1379 C CA  . SER A 1 191 ? 8.218   16.120  -4.638  1.00 82.31  ? 252 SER A CA  1 
ATOM 1380 C C   . SER A 1 191 ? 9.161   16.991  -5.456  1.00 83.00  ? 252 SER A C   1 
ATOM 1381 O O   . SER A 1 191 ? 8.734   17.718  -6.356  1.00 82.94  ? 252 SER A O   1 
ATOM 1382 C CB  . SER A 1 191 ? 7.426   17.013  -3.686  1.00 81.97  ? 252 SER A CB  1 
ATOM 1383 O OG  . SER A 1 191 ? 6.439   16.275  -2.999  1.00 81.26  ? 252 SER A OG  1 
ATOM 1384 N N   . SER A 1 192 ? 10.444  16.925  -5.115  1.00 83.63  ? 253 SER A N   1 
ATOM 1385 C CA  . SER A 1 192 ? 11.480  17.677  -5.811  1.00 83.52  ? 253 SER A CA  1 
ATOM 1386 C C   . SER A 1 192 ? 12.176  16.725  -6.772  1.00 82.59  ? 253 SER A C   1 
ATOM 1387 O O   . SER A 1 192 ? 13.133  17.096  -7.455  1.00 83.30  ? 253 SER A O   1 
ATOM 1388 C CB  . SER A 1 192 ? 12.493  18.230  -4.810  1.00 83.95  ? 253 SER A CB  1 
ATOM 1389 O OG  . SER A 1 192 ? 11.854  19.097  -3.896  1.00 86.05  ? 253 SER A OG  1 
ATOM 1390 N N   . THR A 1 193 ? 11.689  15.488  -6.800  1.00 80.45  ? 254 THR A N   1 
ATOM 1391 C CA  . THR A 1 193 ? 12.229  14.465  -7.673  1.00 77.92  ? 254 THR A CA  1 
ATOM 1392 C C   . THR A 1 193 ? 12.170  15.075  -9.071  1.00 77.35  ? 254 THR A C   1 
ATOM 1393 O O   . THR A 1 193 ? 11.174  15.711  -9.439  1.00 76.27  ? 254 THR A O   1 
ATOM 1394 C CB  . THR A 1 193 ? 11.376  13.181  -7.594  1.00 77.58  ? 254 THR A CB  1 
ATOM 1395 O OG1 . THR A 1 193 ? 12.109  12.086  -8.151  1.00 77.55  ? 254 THR A OG1 1 
ATOM 1396 C CG2 . THR A 1 193 ? 10.057  13.354  -8.359  1.00 77.46  ? 254 THR A CG2 1 
ATOM 1397 N N   . PHE A 1 194 ? 13.245  14.894  -9.834  1.00 75.71  ? 255 PHE A N   1 
ATOM 1398 C CA  . PHE A 1 194 ? 13.353  15.456  -11.178 1.00 74.24  ? 255 PHE A CA  1 
ATOM 1399 C C   . PHE A 1 194 ? 12.053  15.721  -11.939 1.00 74.33  ? 255 PHE A C   1 
ATOM 1400 O O   . PHE A 1 194 ? 11.469  16.797  -11.837 1.00 74.26  ? 255 PHE A O   1 
ATOM 1401 C CB  . PHE A 1 194 ? 14.272  14.588  -12.036 1.00 73.04  ? 255 PHE A CB  1 
ATOM 1402 C CG  . PHE A 1 194 ? 14.493  15.131  -13.421 1.00 73.13  ? 255 PHE A CG  1 
ATOM 1403 C CD1 . PHE A 1 194 ? 14.910  16.442  -13.613 1.00 72.85  ? 255 PHE A CD1 1 
ATOM 1404 C CD2 . PHE A 1 194 ? 14.296  14.330  -14.536 1.00 73.59  ? 255 PHE A CD2 1 
ATOM 1405 C CE1 . PHE A 1 194 ? 15.127  16.946  -14.895 1.00 71.84  ? 255 PHE A CE1 1 
ATOM 1406 C CE2 . PHE A 1 194 ? 14.510  14.824  -15.824 1.00 73.61  ? 255 PHE A CE2 1 
ATOM 1407 C CZ  . PHE A 1 194 ? 14.927  16.137  -16.000 1.00 72.81  ? 255 PHE A CZ  1 
ATOM 1408 N N   . LEU A 1 195 ? 11.611  14.722  -12.695 1.00 75.55  ? 256 LEU A N   1 
ATOM 1409 C CA  . LEU A 1 195 ? 10.412  14.806  -13.537 1.00 75.55  ? 256 LEU A CA  1 
ATOM 1410 C C   . LEU A 1 195 ? 9.297   15.790  -13.151 1.00 74.79  ? 256 LEU A C   1 
ATOM 1411 O O   . LEU A 1 195 ? 8.906   16.626  -13.963 1.00 72.97  ? 256 LEU A O   1 
ATOM 1412 C CB  . LEU A 1 195 ? 9.820   13.402  -13.726 1.00 75.11  ? 256 LEU A CB  1 
ATOM 1413 C CG  . LEU A 1 195 ? 9.179   13.208  -15.106 1.00 74.59  ? 256 LEU A CG  1 
ATOM 1414 C CD1 . LEU A 1 195 ? 10.238  13.450  -16.166 1.00 72.47  ? 256 LEU A CD1 1 
ATOM 1415 C CD2 . LEU A 1 195 ? 8.586   11.807  -15.243 1.00 73.81  ? 256 LEU A CD2 1 
ATOM 1416 N N   . MET A 1 196 ? 8.783   15.683  -11.928 1.00 75.53  ? 257 MET A N   1 
ATOM 1417 C CA  . MET A 1 196 ? 7.704   16.561  -11.460 1.00 76.33  ? 257 MET A CA  1 
ATOM 1418 C C   . MET A 1 196 ? 8.142   18.022  -11.287 1.00 76.31  ? 257 MET A C   1 
ATOM 1419 O O   . MET A 1 196 ? 7.431   18.944  -11.689 1.00 75.92  ? 257 MET A O   1 
ATOM 1420 C CB  . MET A 1 196 ? 7.132   16.015  -10.139 1.00 77.18  ? 257 MET A CB  1 
ATOM 1421 C CG  . MET A 1 196 ? 6.108   16.906  -9.436  1.00 78.67  ? 257 MET A CG  1 
ATOM 1422 S SD  . MET A 1 196 ? 4.632   17.270  -10.419 1.00 82.84  ? 257 MET A SD  1 
ATOM 1423 C CE  . MET A 1 196 ? 3.642   15.809  -10.170 1.00 84.03  ? 257 MET A CE  1 
ATOM 1424 N N   . LYS A 1 197 ? 9.312   18.229  -10.688 1.00 76.32  ? 258 LYS A N   1 
ATOM 1425 C CA  . LYS A 1 197 ? 9.831   19.570  -10.468 1.00 76.24  ? 258 LYS A CA  1 
ATOM 1426 C C   . LYS A 1 197 ? 9.949   20.267  -11.817 1.00 76.21  ? 258 LYS A C   1 
ATOM 1427 O O   . LYS A 1 197 ? 9.458   21.378  -12.005 1.00 75.18  ? 258 LYS A O   1 
ATOM 1428 C CB  . LYS A 1 197 ? 11.195  19.486  -9.783  1.00 77.15  ? 258 LYS A CB  1 
ATOM 1429 C CG  . LYS A 1 197 ? 11.676  20.802  -9.200  1.00 79.12  ? 258 LYS A CG  1 
ATOM 1430 C CD  . LYS A 1 197 ? 12.849  20.612  -8.227  1.00 80.61  ? 258 LYS A CD  1 
ATOM 1431 C CE  . LYS A 1 197 ? 14.118  20.117  -8.915  1.00 80.84  ? 258 LYS A CE  1 
ATOM 1432 N NZ  . LYS A 1 197 ? 15.280  20.144  -7.981  1.00 79.62  ? 258 LYS A NZ  1 
ATOM 1433 N N   . ALA A 1 198 ? 10.600  19.588  -12.754 1.00 77.32  ? 259 ALA A N   1 
ATOM 1434 C CA  . ALA A 1 198 ? 10.786  20.095  -14.107 1.00 78.12  ? 259 ALA A CA  1 
ATOM 1435 C C   . ALA A 1 198 ? 9.434   20.368  -14.762 1.00 78.88  ? 259 ALA A C   1 
ATOM 1436 O O   . ALA A 1 198 ? 9.253   21.371  -15.441 1.00 79.06  ? 259 ALA A O   1 
ATOM 1437 C CB  . ALA A 1 198 ? 11.563  19.076  -14.934 1.00 76.70  ? 259 ALA A CB  1 
ATOM 1438 N N   . ALA A 1 199 ? 8.488   19.462  -14.549 1.00 80.94  ? 260 ALA A N   1 
ATOM 1439 C CA  . ALA A 1 199 ? 7.149   19.575  -15.120 1.00 82.08  ? 260 ALA A CA  1 
ATOM 1440 C C   . ALA A 1 199 ? 6.426   20.861  -14.715 1.00 82.82  ? 260 ALA A C   1 
ATOM 1441 O O   . ALA A 1 199 ? 5.791   21.513  -15.547 1.00 82.74  ? 260 ALA A O   1 
ATOM 1442 C CB  . ALA A 1 199 ? 6.318   18.362  -14.717 1.00 81.38  ? 260 ALA A CB  1 
ATOM 1443 N N   . ALA A 1 200 ? 6.516   21.217  -13.438 1.00 83.30  ? 261 ALA A N   1 
ATOM 1444 C CA  . ALA A 1 200 ? 5.865   22.418  -12.933 1.00 82.71  ? 261 ALA A CA  1 
ATOM 1445 C C   . ALA A 1 200 ? 6.517   23.668  -13.525 1.00 82.90  ? 261 ALA A C   1 
ATOM 1446 O O   . ALA A 1 200 ? 5.832   24.636  -13.856 1.00 82.73  ? 261 ALA A O   1 
ATOM 1447 C CB  . ALA A 1 200 ? 5.942   22.448  -11.413 1.00 81.79  ? 261 ALA A CB  1 
ATOM 1448 N N   . LYS A 1 201 ? 7.842   23.639  -13.661 1.00 82.70  ? 262 LYS A N   1 
ATOM 1449 C CA  . LYS A 1 201 ? 8.572   24.776  -14.213 1.00 81.76  ? 262 LYS A CA  1 
ATOM 1450 C C   . LYS A 1 201 ? 7.989   25.178  -15.561 1.00 82.16  ? 262 LYS A C   1 
ATOM 1451 O O   . LYS A 1 201 ? 7.869   26.366  -15.864 1.00 83.09  ? 262 LYS A O   1 
ATOM 1452 C CB  . LYS A 1 201 ? 10.055  24.437  -14.375 1.00 80.55  ? 262 LYS A CB  1 
ATOM 1453 N N   . VAL A 1 202 ? 7.621   24.189  -16.367 1.00 81.88  ? 263 VAL A N   1 
ATOM 1454 C CA  . VAL A 1 202 ? 7.046   24.460  -17.673 1.00 81.95  ? 263 VAL A CA  1 
ATOM 1455 C C   . VAL A 1 202 ? 5.649   25.036  -17.527 1.00 82.70  ? 263 VAL A C   1 
ATOM 1456 O O   . VAL A 1 202 ? 5.214   25.839  -18.349 1.00 82.65  ? 263 VAL A O   1 
ATOM 1457 C CB  . VAL A 1 202 ? 6.958   23.184  -18.535 1.00 81.66  ? 263 VAL A CB  1 
ATOM 1458 C CG1 . VAL A 1 202 ? 6.321   23.507  -19.886 1.00 80.47  ? 263 VAL A CG1 1 
ATOM 1459 C CG2 . VAL A 1 202 ? 8.343   22.594  -18.730 1.00 81.77  ? 263 VAL A CG2 1 
ATOM 1460 N N   . VAL A 1 203 ? 4.945   24.632  -16.476 1.00 84.25  ? 264 VAL A N   1 
ATOM 1461 C CA  . VAL A 1 203 ? 3.589   25.118  -16.260 1.00 86.28  ? 264 VAL A CA  1 
ATOM 1462 C C   . VAL A 1 203 ? 3.644   26.579  -15.794 1.00 88.02  ? 264 VAL A C   1 
ATOM 1463 O O   . VAL A 1 203 ? 2.785   27.060  -15.049 1.00 87.79  ? 264 VAL A O   1 
ATOM 1464 C CB  . VAL A 1 203 ? 2.831   24.208  -15.238 1.00 85.53  ? 264 VAL A CB  1 
ATOM 1465 C CG1 . VAL A 1 203 ? 3.185   24.583  -13.807 1.00 86.26  ? 264 VAL A CG1 1 
ATOM 1466 C CG2 . VAL A 1 203 ? 1.336   24.288  -15.479 1.00 85.59  ? 264 VAL A CG2 1 
ATOM 1467 N N   . GLU A 1 204 ? 4.668   27.284  -16.273 1.00 90.31  ? 265 GLU A N   1 
ATOM 1468 C CA  . GLU A 1 204 ? 4.890   28.686  -15.939 1.00 91.15  ? 265 GLU A CA  1 
ATOM 1469 C C   . GLU A 1 204 ? 5.679   29.399  -17.043 1.00 90.66  ? 265 GLU A C   1 
ATOM 1470 O O   . GLU A 1 204 ? 5.098   29.634  -18.129 1.00 89.84  ? 265 GLU A O   1 
ATOM 1471 C CB  . GLU A 1 204 ? 5.644   28.778  -14.610 1.00 92.63  ? 265 GLU A CB  1 
ATOM 1472 C CG  . GLU A 1 204 ? 5.783   30.183  -14.081 1.00 96.31  ? 265 GLU A CG  1 
ATOM 1473 C CD  . GLU A 1 204 ? 4.504   30.986  -14.260 1.00 98.67  ? 265 GLU A CD  1 
ATOM 1474 O OE1 . GLU A 1 204 ? 3.408   30.402  -14.089 1.00 99.27  ? 265 GLU A OE1 1 
ATOM 1475 O OE2 . GLU A 1 204 ? 4.596   32.198  -14.566 1.00 99.50  ? 265 GLU A OE2 1 
# 
